data_8JD2
#
_entry.id   8JD2
#
_cell.length_a   1.00
_cell.length_b   1.00
_cell.length_c   1.00
_cell.angle_alpha   90.00
_cell.angle_beta   90.00
_cell.angle_gamma   90.00
#
_symmetry.space_group_name_H-M   'P 1'
#
loop_
_entity.id
_entity.type
_entity.pdbx_description
1 polymer 'Metabotropic glutamate receptor 2,Peptidyl-prolyl cis-trans isomerase FKBP1A'
2 polymer 'Metabotropic glutamate receptor 3,Serine/threonine-protein kinase mTOR'
3 non-polymer 'GLUTAMIC ACID'
4 non-polymer 2-acetamido-2-deoxy-beta-D-glucopyranose
#
loop_
_entity_poly.entity_id
_entity_poly.type
_entity_poly.pdbx_seq_one_letter_code
_entity_poly.pdbx_strand_id
1 'polypeptide(L)'
;DYKDDDDGAPEGPAKKVLTLEGDLVLGGLFPVHQKGGPAEDCGPVNEHRGIQRLEAMLFALDRINRDPHLLPGVRLGAHI
LDSCSKDTHALEQALDFVRASLSRGADGSRHICPDGSYATHGDAPTAITGVIGGSYSDVSIQVANLLRLFQIPQISYAST
SAKLSDKSRYDYFARTVPPDFFQAKAMAEILRFFNWTYVSTVASEGDYGETGIEAFELEARARNICVATSEKVGRAMSRA
AFEGVVRALLQKPSARVAVLFTRSEDARELLAASQRLNASFTWVASDGWGALESVVAGSEGAAEGAITIELASYPISDFA
SYFQSLDPWNNSRNPWFREFWEQRFRCSFRQRDCAAHSLRAVPFEQESKIMFVVNAVYAMAHALHNMHRALCPNTTRLCD
AMRPVNGRRLYKDFVLNVKFDAPFRPADTHNEVRFDRFGDGIGRYNIFTYLRAGSGRYRYQKVGYWAEGLTLDTSLIPWA
SPSAGPLPASRCSEPCLQNEVKSVQPGEVCCWLCIPCQPYEYRLDEFTCADCGLGYWPNASLTGCFELPQEYIRWGDAWA
VGPVTIACLGALATLFVLGVFVRHNATPVVKASGRELCYILLGGVFLCYCMTFIFIAKPSTAVCTLRRLGLGTAFSVCYS
ALLTKTNRIARIFGGAREGAQRPRFISPASQVAICLALISGQLLIVVAWLVVEAPGTGKETAPERREVVTLRCNHRDASM
LGSLAYNVLLIALCTLYAFKTRKCPENFNEAKFIGFTMYTTCIIWLAFLPIFYVTSSDYRVQTTTMCVSVSLSGSVVLGC
LFAPKLHIILFQPQKNVVSHRAPTSRFGSAAARASSSLGQGSGSQFVPTVCNGREVVDSTTSSLLEVLFQGPGVQVETIS
PGDGRTFPKRGQTCVVHYTGMLEDGKKFDSSRDRNKPFKFMLGKQEVIRGWEEGVAQMSVGQRAKLTISPDYAYGATGHP
GIIPPHATLVFDVELLKLEFAAAHHHHHHHHHH
;
2
2 'polypeptide(L)'
;DYKDDDDKGAPWSHPQFEKGSGSWSHPQFEKLGDHNFLRREIKIEGDLVLGGLFPINEKGTGTEECGRINEDRGIQRLEA
MLFAIDEINKDDYLLPGVKLGVHILDTCSRDTYALEQSLEFVRASLTKVDEAEYMCPDGSYAIQENIPLLIAGVIGGSYS
SVSIQVANLLRLFQIPQISYASTSAKLSDKSRYDYFARTVPPDFYQAKAMAEILRFFNWTYVSTVASEGDYGETGIEAFE
QEARLRNICIATAEKVGRSNIRKSYDSVIRELLQKPNARVVVLFMRSDDSRELIAAASRANASFTWVASDGWGAQESIIK
GSEHVAYGAITLELASQPVRQFDRYFQSLNPYNNHRNPWFRDFWEQKFQCSLQNKRNHRRVCDKHLAIDSSNYEQESKIM
FVVNAVYAMAHALHKMQRTLCPNTTKLCDAMKILDGKKLYKDYLLKINFTAPFNPNKDADSIVKFDTFGDGMGRYNVFNF
QNVGGKYSYLKVGHWAETLSLDVNSIHWSRNSVPTSQCSDPCAPNEMKNMQPGDVCCWICIPCEPYEYLADEFTCMDCGS
GQWPTADLTGCYDLPEDYIRWEDAWAIGPVTIACLGFMCTCMVVTVFIKHNNTPLVKASGRELCYILLFGVGLSYCMTFF
FIAKPSPVICALRRLGLGSSFAICYSALLTKTNCIARIFDGVKNGAQRPKFISPSSQVFICLGLILVQIVMVSVWLILEA
PGTRRYTLAEKRETVILKCNVKDSSMLISLTYDVILVILCTVYAFKTRKCPENFNEAKFIGFTMYTTCIIWLAFLPIFYV
TSSDYRVQTTTMCISVSLSGFVVLGCLFAPKVHIILFQPQKNVVTHRLHLNRFSVSGTGTTYSQSSASTYVPTVCNGREV
LDSTTSSLLEVLFQGPAILWHEMWHEGLEEASRLYFGERNVKGMFEVLEPLHAMMERGPQTLKETSFNQAYGRDLMEAQE
WCRKYMKSGNVKDLTQAWDLYYHVFRRISKQEF
;
3
#
loop_
_chem_comp.id
_chem_comp.type
_chem_comp.name
_chem_comp.formula
NAG D-saccharide, beta linking 2-acetamido-2-deoxy-beta-D-glucopyranose 'C8 H15 N O6'
#
# COMPACT_ATOMS: atom_id res chain seq x y z
N LYS A 15 -55.02 -4.54 10.72
CA LYS A 15 -54.94 -3.29 9.98
C LYS A 15 -55.87 -2.24 10.58
N LYS A 16 -55.30 -1.32 11.35
CA LYS A 16 -56.05 -0.24 11.96
C LYS A 16 -55.93 1.02 11.11
N VAL A 17 -56.99 1.82 11.13
CA VAL A 17 -57.06 3.04 10.32
C VAL A 17 -57.53 4.19 11.20
N LEU A 18 -56.99 5.38 10.95
CA LEU A 18 -57.36 6.60 11.67
C LEU A 18 -58.03 7.53 10.68
N THR A 19 -59.35 7.68 10.78
CA THR A 19 -60.14 8.45 9.84
C THR A 19 -60.92 9.53 10.57
N LEU A 20 -60.94 10.73 10.01
CA LEU A 20 -61.74 11.84 10.51
C LEU A 20 -62.56 12.43 9.38
N GLU A 21 -63.67 13.07 9.74
CA GLU A 21 -64.55 13.68 8.75
C GLU A 21 -64.03 15.05 8.34
N GLY A 22 -64.51 15.50 7.19
CA GLY A 22 -64.12 16.80 6.68
C GLY A 22 -64.34 16.89 5.19
N ASP A 23 -64.41 18.13 4.70
CA ASP A 23 -64.60 18.36 3.28
C ASP A 23 -63.42 17.85 2.47
N LEU A 24 -62.20 18.12 2.94
CA LEU A 24 -60.98 17.65 2.30
C LEU A 24 -60.25 16.72 3.26
N VAL A 25 -59.85 15.56 2.76
CA VAL A 25 -59.19 14.53 3.55
C VAL A 25 -57.72 14.46 3.13
N LEU A 26 -56.83 14.58 4.12
CA LEU A 26 -55.39 14.51 3.89
C LEU A 26 -54.88 13.16 4.39
N GLY A 27 -54.14 12.47 3.54
CA GLY A 27 -53.58 11.18 3.91
C GLY A 27 -52.40 11.32 4.85
N GLY A 28 -52.03 10.19 5.45
CA GLY A 28 -50.92 10.15 6.38
C GLY A 28 -50.26 8.80 6.47
N LEU A 29 -48.92 8.79 6.58
CA LEU A 29 -48.16 7.55 6.70
C LEU A 29 -47.06 7.75 7.73
N PHE A 30 -47.14 7.03 8.83
CA PHE A 30 -46.18 7.15 9.91
C PHE A 30 -45.69 5.76 10.33
N PRO A 31 -44.44 5.65 10.76
CA PRO A 31 -43.92 4.36 11.26
C PRO A 31 -44.33 4.12 12.71
N VAL A 32 -45.62 3.86 12.90
CA VAL A 32 -46.15 3.63 14.25
C VAL A 32 -45.55 2.36 14.85
N HIS A 33 -45.45 1.30 14.05
CA HIS A 33 -44.93 0.02 14.50
C HIS A 33 -43.58 -0.26 13.87
N GLN A 34 -42.71 -0.93 14.63
CA GLN A 34 -41.41 -1.35 14.13
C GLN A 34 -41.51 -2.72 13.48
N LYS A 35 -40.79 -2.92 12.39
CA LYS A 35 -40.85 -4.18 11.66
C LYS A 35 -40.29 -5.31 12.52
N GLY A 36 -40.97 -6.45 12.49
CA GLY A 36 -40.60 -7.62 13.25
C GLY A 36 -39.89 -8.66 12.41
N GLY A 37 -40.01 -9.92 12.82
CA GLY A 37 -39.38 -11.02 12.12
C GLY A 37 -40.25 -11.57 11.01
N PRO A 38 -40.03 -12.84 10.66
CA PRO A 38 -40.84 -13.44 9.59
C PRO A 38 -42.26 -13.80 10.01
N ALA A 39 -42.51 -14.00 11.30
CA ALA A 39 -43.84 -14.40 11.77
C ALA A 39 -44.79 -13.22 11.93
N GLU A 40 -44.29 -11.99 11.94
CA GLU A 40 -45.13 -10.80 12.09
C GLU A 40 -44.59 -9.69 11.23
N ASP A 41 -45.50 -8.98 10.54
CA ASP A 41 -45.09 -7.88 9.68
C ASP A 41 -44.44 -6.77 10.49
N CYS A 42 -45.08 -6.32 11.56
CA CYS A 42 -44.53 -5.29 12.43
C CYS A 42 -44.82 -5.67 13.88
N GLY A 43 -43.91 -5.27 14.76
CA GLY A 43 -43.98 -5.66 16.16
C GLY A 43 -44.17 -4.51 17.10
N PRO A 44 -43.11 -4.14 17.82
CA PRO A 44 -43.23 -3.12 18.86
C PRO A 44 -43.56 -1.75 18.29
N VAL A 45 -44.22 -0.93 19.10
CA VAL A 45 -44.65 0.40 18.69
C VAL A 45 -43.47 1.36 18.77
N ASN A 46 -43.25 2.12 17.70
CA ASN A 46 -42.25 3.19 17.69
C ASN A 46 -42.82 4.37 18.47
N GLU A 47 -42.36 4.54 19.71
CA GLU A 47 -42.99 5.50 20.60
C GLU A 47 -42.68 6.93 20.20
N HIS A 48 -41.43 7.21 19.83
CA HIS A 48 -41.00 8.58 19.58
C HIS A 48 -41.19 9.02 18.13
N ARG A 49 -40.92 8.13 17.17
CA ARG A 49 -40.92 8.54 15.78
C ARG A 49 -42.23 8.25 15.04
N GLY A 50 -43.08 7.35 15.55
CA GLY A 50 -44.37 7.18 14.92
C GLY A 50 -45.52 7.80 15.69
N ILE A 51 -45.59 7.53 17.00
CA ILE A 51 -46.72 7.97 17.79
C ILE A 51 -46.69 9.49 17.98
N GLN A 52 -45.52 10.03 18.33
CA GLN A 52 -45.41 11.46 18.53
C GLN A 52 -45.64 12.23 17.23
N ARG A 53 -45.15 11.71 16.11
CA ARG A 53 -45.38 12.38 14.83
C ARG A 53 -46.84 12.31 14.41
N LEU A 54 -47.51 11.17 14.66
CA LEU A 54 -48.94 11.09 14.40
C LEU A 54 -49.71 12.09 15.25
N GLU A 55 -49.37 12.20 16.53
CA GLU A 55 -50.05 13.16 17.40
C GLU A 55 -49.75 14.59 16.99
N ALA A 56 -48.54 14.86 16.50
CA ALA A 56 -48.22 16.19 15.99
C ALA A 56 -49.05 16.53 14.76
N MET A 57 -49.22 15.57 13.85
CA MET A 57 -50.08 15.80 12.69
C MET A 57 -51.52 16.06 13.13
N LEU A 58 -52.02 15.28 14.09
CA LEU A 58 -53.37 15.48 14.59
C LEU A 58 -53.52 16.86 15.23
N PHE A 59 -52.52 17.27 16.01
CA PHE A 59 -52.55 18.60 16.64
C PHE A 59 -52.54 19.70 15.61
N ALA A 60 -51.72 19.55 14.56
CA ALA A 60 -51.69 20.55 13.50
C ALA A 60 -53.02 20.63 12.78
N LEU A 61 -53.65 19.48 12.50
CA LEU A 61 -54.96 19.48 11.86
C LEU A 61 -56.00 20.14 12.75
N ASP A 62 -55.95 19.87 14.06
CA ASP A 62 -56.89 20.50 14.99
C ASP A 62 -56.71 22.01 15.02
N ARG A 63 -55.45 22.47 15.03
CA ARG A 63 -55.21 23.91 15.03
C ARG A 63 -55.65 24.55 13.73
N ILE A 64 -55.46 23.87 12.60
CA ILE A 64 -55.90 24.41 11.32
C ILE A 64 -57.42 24.48 11.26
N ASN A 65 -58.11 23.48 11.81
CA ASN A 65 -59.56 23.45 11.79
C ASN A 65 -60.18 24.56 12.63
N ARG A 66 -59.41 25.21 13.51
CA ARG A 66 -59.92 26.29 14.34
C ARG A 66 -59.29 27.63 13.99
N ASP A 67 -58.57 27.73 12.87
CA ASP A 67 -57.94 28.97 12.48
C ASP A 67 -58.82 29.70 11.47
N PRO A 68 -59.37 30.86 11.82
CA PRO A 68 -60.22 31.58 10.86
C PRO A 68 -59.48 32.02 9.60
N HIS A 69 -58.20 32.35 9.72
CA HIS A 69 -57.45 32.85 8.57
C HIS A 69 -57.15 31.75 7.57
N LEU A 70 -56.92 30.52 8.03
CA LEU A 70 -56.54 29.40 7.18
C LEU A 70 -57.76 28.48 7.02
N LEU A 71 -58.29 28.43 5.79
CA LEU A 71 -59.44 27.61 5.43
C LEU A 71 -60.62 27.86 6.37
N PRO A 72 -61.20 29.06 6.34
CA PRO A 72 -62.31 29.36 7.26
C PRO A 72 -63.54 28.49 7.06
N GLY A 73 -63.83 28.09 5.82
CA GLY A 73 -65.05 27.36 5.54
C GLY A 73 -64.86 25.90 5.18
N VAL A 74 -63.61 25.44 5.15
CA VAL A 74 -63.27 24.08 4.77
C VAL A 74 -62.64 23.39 5.97
N ARG A 75 -63.20 22.25 6.36
CA ARG A 75 -62.65 21.46 7.45
C ARG A 75 -61.79 20.34 6.87
N LEU A 76 -60.58 20.18 7.40
CA LEU A 76 -59.62 19.23 6.88
C LEU A 76 -59.78 17.89 7.58
N GLY A 77 -59.96 16.82 6.80
CA GLY A 77 -60.05 15.48 7.32
C GLY A 77 -58.68 14.80 7.37
N ALA A 78 -58.70 13.53 7.79
CA ALA A 78 -57.49 12.75 7.92
C ALA A 78 -57.76 11.30 7.58
N HIS A 79 -56.85 10.69 6.82
CA HIS A 79 -56.85 9.26 6.52
C HIS A 79 -55.42 8.79 6.70
N ILE A 80 -55.06 8.41 7.93
CA ILE A 80 -53.69 8.12 8.31
C ILE A 80 -53.53 6.62 8.50
N LEU A 81 -52.44 6.08 7.95
CA LEU A 81 -52.17 4.65 7.96
C LEU A 81 -50.78 4.39 8.52
N ASP A 82 -50.59 3.17 9.01
CA ASP A 82 -49.32 2.75 9.58
C ASP A 82 -48.57 1.89 8.57
N SER A 83 -47.33 2.28 8.27
CA SER A 83 -46.51 1.56 7.30
C SER A 83 -45.73 0.41 7.92
N CYS A 84 -45.68 0.32 9.25
CA CYS A 84 -44.95 -0.74 9.96
C CYS A 84 -43.47 -0.77 9.56
N SER A 85 -42.92 0.39 9.17
CA SER A 85 -41.51 0.54 8.81
C SER A 85 -41.11 -0.37 7.67
N LYS A 86 -42.03 -0.66 6.76
CA LYS A 86 -41.75 -1.49 5.59
C LYS A 86 -42.29 -0.80 4.34
N ASP A 87 -41.54 -0.93 3.24
CA ASP A 87 -41.97 -0.33 1.98
C ASP A 87 -43.11 -1.12 1.35
N THR A 88 -43.06 -2.45 1.44
CA THR A 88 -44.16 -3.27 0.90
C THR A 88 -45.45 -3.02 1.68
N HIS A 89 -45.35 -2.98 3.01
CA HIS A 89 -46.54 -2.66 3.82
C HIS A 89 -47.03 -1.25 3.54
N ALA A 90 -46.11 -0.31 3.34
CA ALA A 90 -46.51 1.05 3.00
C ALA A 90 -47.26 1.10 1.67
N LEU A 91 -46.79 0.35 0.68
CA LEU A 91 -47.50 0.28 -0.60
C LEU A 91 -48.87 -0.37 -0.44
N GLU A 92 -48.95 -1.44 0.36
CA GLU A 92 -50.24 -2.07 0.61
C GLU A 92 -51.22 -1.11 1.26
N GLN A 93 -50.73 -0.31 2.22
CA GLN A 93 -51.60 0.69 2.86
C GLN A 93 -52.00 1.78 1.87
N ALA A 94 -51.04 2.30 1.11
CA ALA A 94 -51.32 3.38 0.15
C ALA A 94 -52.16 2.92 -1.02
N LEU A 95 -52.36 1.61 -1.20
CA LEU A 95 -53.23 1.13 -2.26
C LEU A 95 -54.64 1.70 -2.13
N ASP A 96 -55.17 1.73 -0.90
CA ASP A 96 -56.51 2.28 -0.71
C ASP A 96 -56.56 3.79 -0.83
N PHE A 97 -55.41 4.48 -0.80
CA PHE A 97 -55.40 5.90 -1.06
C PHE A 97 -55.84 6.20 -2.49
N VAL A 98 -55.39 5.38 -3.45
CA VAL A 98 -55.76 5.55 -4.85
C VAL A 98 -56.90 4.63 -5.27
N ARG A 99 -57.34 3.71 -4.40
CA ARG A 99 -58.45 2.83 -4.74
C ARG A 99 -59.73 3.62 -4.95
N ALA A 100 -59.98 4.64 -4.11
CA ALA A 100 -61.17 5.45 -4.27
C ALA A 100 -61.14 6.22 -5.59
N SER A 101 -59.98 6.77 -5.96
CA SER A 101 -59.86 7.47 -7.23
C SER A 101 -60.04 6.51 -8.41
N LEU A 102 -59.45 5.32 -8.31
CA LEU A 102 -59.54 4.29 -9.35
C LEU A 102 -59.06 4.81 -10.71
N THR A 126 -63.36 7.89 0.02
CA THR A 126 -62.98 9.27 0.27
C THR A 126 -61.77 9.68 -0.57
N ALA A 127 -61.95 10.70 -1.40
CA ALA A 127 -60.87 11.18 -2.24
C ALA A 127 -59.79 11.84 -1.39
N ILE A 128 -58.54 11.65 -1.78
CA ILE A 128 -57.39 12.21 -1.08
C ILE A 128 -56.78 13.28 -1.96
N THR A 129 -56.67 14.50 -1.42
CA THR A 129 -56.08 15.62 -2.12
C THR A 129 -54.58 15.75 -1.88
N GLY A 130 -54.01 14.88 -1.03
CA GLY A 130 -52.60 14.94 -0.71
C GLY A 130 -52.29 14.22 0.58
N VAL A 131 -51.17 13.52 0.63
CA VAL A 131 -50.79 12.72 1.79
C VAL A 131 -49.61 13.38 2.48
N ILE A 132 -49.74 13.58 3.79
CA ILE A 132 -48.63 14.03 4.63
C ILE A 132 -48.07 12.76 5.27
N GLY A 133 -47.13 12.12 4.58
CA GLY A 133 -46.59 10.87 5.06
C GLY A 133 -45.26 10.55 4.42
N GLY A 134 -44.58 9.57 5.00
CA GLY A 134 -43.29 9.15 4.51
C GLY A 134 -42.15 9.54 5.44
N SER A 135 -41.68 8.59 6.25
CA SER A 135 -40.57 8.81 7.15
C SER A 135 -39.28 8.17 6.67
N TYR A 136 -39.34 6.93 6.18
CA TYR A 136 -38.19 6.26 5.61
C TYR A 136 -38.10 6.53 4.12
N SER A 137 -36.87 6.56 3.60
CA SER A 137 -36.66 6.93 2.21
C SER A 137 -37.29 5.92 1.26
N ASP A 138 -37.14 4.63 1.54
CA ASP A 138 -37.73 3.61 0.67
C ASP A 138 -39.25 3.68 0.67
N VAL A 139 -39.84 3.89 1.86
CA VAL A 139 -41.29 4.01 1.96
C VAL A 139 -41.79 5.20 1.14
N SER A 140 -41.10 6.35 1.27
CA SER A 140 -41.49 7.54 0.52
C SER A 140 -41.34 7.32 -0.98
N ILE A 141 -40.26 6.64 -1.39
CA ILE A 141 -40.04 6.39 -2.81
C ILE A 141 -41.14 5.50 -3.38
N GLN A 142 -41.48 4.43 -2.66
CA GLN A 142 -42.56 3.54 -3.11
C GLN A 142 -43.90 4.28 -3.17
N VAL A 143 -44.19 5.09 -2.16
CA VAL A 143 -45.45 5.82 -2.14
C VAL A 143 -45.51 6.82 -3.30
N ALA A 144 -44.41 7.53 -3.56
CA ALA A 144 -44.38 8.48 -4.67
C ALA A 144 -44.53 7.76 -6.01
N ASN A 145 -43.90 6.60 -6.16
CA ASN A 145 -44.05 5.83 -7.39
C ASN A 145 -45.49 5.39 -7.60
N LEU A 146 -46.16 4.98 -6.52
CA LEU A 146 -47.56 4.59 -6.64
C LEU A 146 -48.44 5.79 -6.95
N LEU A 147 -48.15 6.95 -6.33
CA LEU A 147 -49.02 8.11 -6.45
C LEU A 147 -48.83 8.89 -7.74
N ARG A 148 -47.66 8.79 -8.39
CA ARG A 148 -47.44 9.54 -9.61
C ARG A 148 -48.36 9.12 -10.74
N LEU A 149 -48.96 7.92 -10.65
CA LEU A 149 -49.89 7.46 -11.66
C LEU A 149 -51.29 8.04 -11.49
N PHE A 150 -51.57 8.68 -10.35
CA PHE A 150 -52.90 9.22 -10.06
C PHE A 150 -52.87 10.71 -9.74
N GLN A 151 -51.71 11.35 -9.85
CA GLN A 151 -51.57 12.80 -9.65
C GLN A 151 -52.02 13.21 -8.25
N ILE A 152 -51.42 12.59 -7.25
CA ILE A 152 -51.68 12.89 -5.85
C ILE A 152 -50.41 13.49 -5.25
N PRO A 153 -50.43 14.76 -4.84
CA PRO A 153 -49.22 15.36 -4.24
C PRO A 153 -48.86 14.69 -2.92
N GLN A 154 -47.56 14.62 -2.65
CA GLN A 154 -47.05 14.02 -1.42
C GLN A 154 -45.98 14.93 -0.83
N ILE A 155 -46.13 15.26 0.45
CA ILE A 155 -45.16 16.07 1.17
C ILE A 155 -44.59 15.22 2.29
N SER A 156 -43.27 15.02 2.26
CA SER A 156 -42.60 14.22 3.28
C SER A 156 -42.12 15.09 4.43
N TYR A 157 -41.91 14.45 5.58
CA TYR A 157 -41.47 15.14 6.78
C TYR A 157 -40.15 14.62 7.33
N ALA A 158 -39.69 13.45 6.89
CA ALA A 158 -38.44 12.89 7.40
C ALA A 158 -37.54 12.30 6.32
N SER A 159 -38.02 12.08 5.10
CA SER A 159 -37.21 11.44 4.07
C SER A 159 -36.18 12.44 3.53
N THR A 160 -34.91 12.13 3.72
CA THR A 160 -33.80 13.01 3.33
C THR A 160 -32.97 12.44 2.19
N SER A 161 -33.47 11.43 1.49
CA SER A 161 -32.71 10.82 0.41
C SER A 161 -32.55 11.78 -0.76
N ALA A 162 -31.34 11.82 -1.32
CA ALA A 162 -31.07 12.67 -2.47
C ALA A 162 -31.67 12.13 -3.75
N LYS A 163 -32.10 10.87 -3.77
CA LYS A 163 -32.72 10.31 -4.96
C LYS A 163 -34.10 10.90 -5.23
N LEU A 164 -34.81 11.29 -4.18
CA LEU A 164 -36.13 11.89 -4.33
C LEU A 164 -36.07 13.31 -4.89
N SER A 165 -34.90 13.94 -4.91
CA SER A 165 -34.78 15.28 -5.45
C SER A 165 -34.93 15.33 -6.96
N ASP A 166 -34.86 14.19 -7.64
CA ASP A 166 -35.05 14.16 -9.09
C ASP A 166 -36.53 14.32 -9.42
N LYS A 167 -36.86 15.35 -10.18
CA LYS A 167 -38.25 15.63 -10.53
C LYS A 167 -38.70 14.92 -11.80
N SER A 168 -37.81 14.18 -12.46
CA SER A 168 -38.19 13.41 -13.65
C SER A 168 -38.94 12.14 -13.29
N ARG A 169 -38.68 11.56 -12.12
CA ARG A 169 -39.35 10.34 -11.68
C ARG A 169 -40.41 10.58 -10.61
N TYR A 170 -40.29 11.65 -9.83
CA TYR A 170 -41.25 12.00 -8.78
C TYR A 170 -41.79 13.39 -9.10
N ASP A 171 -42.86 13.42 -9.91
CA ASP A 171 -43.42 14.67 -10.39
C ASP A 171 -44.33 15.35 -9.37
N TYR A 172 -44.72 14.65 -8.30
CA TYR A 172 -45.66 15.20 -7.33
C TYR A 172 -45.18 14.92 -5.90
N PHE A 173 -43.88 15.03 -5.67
CA PHE A 173 -43.30 14.78 -4.36
C PHE A 173 -42.73 16.08 -3.81
N ALA A 174 -43.15 16.44 -2.61
CA ALA A 174 -42.61 17.59 -1.88
C ALA A 174 -41.93 17.10 -0.61
N ARG A 175 -41.11 17.99 -0.03
CA ARG A 175 -40.30 17.60 1.12
C ARG A 175 -39.90 18.85 1.89
N THR A 176 -40.01 18.78 3.21
CA THR A 176 -39.71 19.91 4.10
C THR A 176 -38.43 19.71 4.89
N VAL A 177 -37.57 18.80 4.46
CA VAL A 177 -36.33 18.52 5.17
C VAL A 177 -35.16 18.60 4.20
N PRO A 178 -33.94 18.89 4.66
CA PRO A 178 -32.80 18.95 3.75
C PRO A 178 -32.47 17.56 3.23
N PRO A 179 -32.00 17.45 1.99
CA PRO A 179 -31.55 16.15 1.48
C PRO A 179 -30.20 15.77 2.07
N ASP A 180 -29.81 14.52 1.81
CA ASP A 180 -28.52 14.01 2.27
C ASP A 180 -27.35 14.63 1.54
N PHE A 181 -27.61 15.38 0.46
CA PHE A 181 -26.53 16.00 -0.31
C PHE A 181 -25.71 16.96 0.54
N PHE A 182 -26.36 17.61 1.52
CA PHE A 182 -25.65 18.49 2.44
C PHE A 182 -25.19 17.77 3.70
N GLN A 183 -25.90 16.71 4.11
CA GLN A 183 -25.46 15.93 5.26
C GLN A 183 -24.14 15.25 4.98
N ALA A 184 -23.93 14.79 3.73
CA ALA A 184 -22.64 14.22 3.36
C ALA A 184 -21.53 15.24 3.47
N LYS A 185 -21.78 16.48 3.02
CA LYS A 185 -20.79 17.54 3.16
C LYS A 185 -20.49 17.82 4.63
N ALA A 186 -21.53 17.85 5.47
CA ALA A 186 -21.33 18.10 6.89
C ALA A 186 -20.48 17.00 7.53
N MET A 187 -20.77 15.74 7.21
CA MET A 187 -19.98 14.64 7.78
C MET A 187 -18.55 14.66 7.28
N ALA A 188 -18.36 14.98 6.00
CA ALA A 188 -17.00 15.08 5.47
C ALA A 188 -16.22 16.19 6.14
N GLU A 189 -16.86 17.33 6.36
CA GLU A 189 -16.20 18.44 7.05
C GLU A 189 -15.87 18.07 8.50
N ILE A 190 -16.78 17.35 9.17
CA ILE A 190 -16.51 16.90 10.53
C ILE A 190 -15.30 15.98 10.56
N LEU A 191 -15.23 15.04 9.61
CA LEU A 191 -14.10 14.13 9.55
C LEU A 191 -12.80 14.89 9.25
N ARG A 192 -12.85 15.85 8.34
CA ARG A 192 -11.65 16.61 7.99
C ARG A 192 -11.19 17.51 9.13
N PHE A 193 -12.13 17.95 9.99
CA PHE A 193 -11.76 18.83 11.08
C PHE A 193 -10.81 18.16 12.06
N PHE A 194 -11.04 16.88 12.35
CA PHE A 194 -10.24 16.14 13.33
C PHE A 194 -9.15 15.29 12.68
N ASN A 195 -8.77 15.61 11.43
CA ASN A 195 -7.71 14.88 10.72
C ASN A 195 -8.03 13.40 10.62
N TRP A 196 -9.31 13.08 10.42
CA TRP A 196 -9.75 11.69 10.28
C TRP A 196 -9.68 11.30 8.81
N THR A 197 -8.51 10.84 8.37
CA THR A 197 -8.27 10.51 6.98
C THR A 197 -8.32 9.01 6.72
N TYR A 198 -8.73 8.21 7.70
CA TYR A 198 -8.81 6.76 7.53
C TYR A 198 -9.97 6.25 8.39
N VAL A 199 -11.14 6.09 7.78
CA VAL A 199 -12.34 5.71 8.50
C VAL A 199 -12.99 4.51 7.81
N SER A 200 -13.85 3.83 8.56
CA SER A 200 -14.63 2.72 8.04
C SER A 200 -16.10 3.13 7.93
N THR A 201 -16.78 2.64 6.90
CA THR A 201 -18.15 3.04 6.60
C THR A 201 -19.05 1.81 6.59
N VAL A 202 -20.25 1.96 7.16
CA VAL A 202 -21.28 0.95 7.10
C VAL A 202 -22.62 1.65 6.85
N ALA A 203 -23.40 1.11 5.92
CA ALA A 203 -24.67 1.71 5.53
C ALA A 203 -25.72 0.62 5.37
N SER A 204 -26.98 1.01 5.54
CA SER A 204 -28.09 0.08 5.39
C SER A 204 -28.50 -0.04 3.93
N GLU A 205 -28.73 -1.26 3.48
CA GLU A 205 -29.17 -1.49 2.11
C GLU A 205 -30.59 -0.96 1.92
N GLY A 206 -30.82 -0.32 0.78
CA GLY A 206 -32.12 0.25 0.48
C GLY A 206 -32.05 1.47 -0.41
N ASP A 207 -32.67 2.57 0.03
CA ASP A 207 -32.65 3.81 -0.71
C ASP A 207 -32.02 4.97 0.06
N TYR A 208 -31.98 4.89 1.38
CA TYR A 208 -31.39 5.95 2.20
C TYR A 208 -29.90 5.72 2.44
N GLY A 209 -29.51 4.49 2.80
CA GLY A 209 -28.12 4.21 3.07
C GLY A 209 -27.24 4.30 1.83
N GLU A 210 -27.72 3.77 0.70
CA GLU A 210 -26.89 3.71 -0.50
C GLU A 210 -26.57 5.10 -1.03
N THR A 211 -27.59 5.94 -1.21
CA THR A 211 -27.35 7.28 -1.73
C THR A 211 -26.51 8.11 -0.76
N GLY A 212 -26.80 8.01 0.53
CA GLY A 212 -26.03 8.75 1.51
C GLY A 212 -24.57 8.34 1.54
N ILE A 213 -24.30 7.04 1.50
CA ILE A 213 -22.91 6.58 1.54
C ILE A 213 -22.20 6.92 0.25
N GLU A 214 -22.90 6.88 -0.89
CA GLU A 214 -22.27 7.29 -2.15
C GLU A 214 -21.90 8.78 -2.12
N ALA A 215 -22.82 9.62 -1.63
CA ALA A 215 -22.51 11.04 -1.52
C ALA A 215 -21.36 11.29 -0.55
N PHE A 216 -21.35 10.57 0.58
CA PHE A 216 -20.27 10.73 1.54
C PHE A 216 -18.93 10.32 0.94
N GLU A 217 -18.91 9.21 0.19
CA GLU A 217 -17.68 8.77 -0.46
C GLU A 217 -17.20 9.80 -1.50
N LEU A 218 -18.15 10.37 -2.26
CA LEU A 218 -17.78 11.38 -3.24
C LEU A 218 -17.18 12.62 -2.55
N GLU A 219 -17.81 13.07 -1.46
CA GLU A 219 -17.30 14.25 -0.77
C GLU A 219 -15.98 13.96 -0.06
N ALA A 220 -15.77 12.72 0.39
CA ALA A 220 -14.51 12.34 1.02
C ALA A 220 -13.40 12.22 0.00
N ARG A 221 -13.73 11.82 -1.23
CA ARG A 221 -12.73 11.83 -2.29
C ARG A 221 -12.44 13.25 -2.77
N ALA A 222 -13.43 14.15 -2.68
CA ALA A 222 -13.18 15.55 -2.99
C ALA A 222 -12.15 16.14 -2.05
N ARG A 223 -12.26 15.83 -0.75
CA ARG A 223 -11.25 16.18 0.23
C ARG A 223 -10.25 15.03 0.34
N ASN A 224 -9.41 15.04 1.37
CA ASN A 224 -8.44 13.98 1.61
C ASN A 224 -8.93 13.12 2.76
N ILE A 225 -9.81 12.17 2.44
CA ILE A 225 -10.30 11.18 3.40
C ILE A 225 -10.33 9.82 2.70
N CYS A 226 -9.80 8.80 3.36
CA CYS A 226 -9.74 7.45 2.83
C CYS A 226 -10.73 6.56 3.54
N VAL A 227 -11.22 5.54 2.83
CA VAL A 227 -12.19 4.58 3.36
C VAL A 227 -11.51 3.23 3.48
N ALA A 228 -11.59 2.63 4.67
CA ALA A 228 -10.94 1.35 4.93
C ALA A 228 -11.87 0.17 4.60
N THR A 229 -13.03 0.12 5.24
CA THR A 229 -13.98 -0.98 5.08
C THR A 229 -15.37 -0.42 4.79
N SER A 230 -16.07 -1.06 3.86
CA SER A 230 -17.42 -0.67 3.47
C SER A 230 -18.34 -1.87 3.69
N GLU A 231 -19.10 -1.84 4.78
CA GLU A 231 -20.02 -2.92 5.13
C GLU A 231 -21.45 -2.51 4.86
N LYS A 232 -22.33 -3.51 4.75
CA LYS A 232 -23.74 -3.30 4.46
C LYS A 232 -24.59 -3.99 5.51
N VAL A 233 -25.78 -3.44 5.74
CA VAL A 233 -26.74 -4.00 6.68
C VAL A 233 -28.04 -4.24 5.93
N GLY A 234 -28.46 -5.52 5.89
CA GLY A 234 -29.66 -5.88 5.15
C GLY A 234 -30.94 -5.72 5.97
N ARG A 235 -32.07 -5.89 5.27
CA ARG A 235 -33.37 -5.79 5.93
C ARG A 235 -33.60 -6.98 6.85
N ALA A 236 -33.33 -8.19 6.37
CA ALA A 236 -33.44 -9.40 7.18
C ALA A 236 -32.12 -9.76 7.86
N MET A 237 -31.31 -8.76 8.19
CA MET A 237 -29.99 -8.99 8.76
C MET A 237 -30.13 -9.66 10.12
N SER A 238 -29.35 -10.71 10.35
CA SER A 238 -29.41 -11.47 11.58
C SER A 238 -28.30 -11.02 12.54
N ARG A 239 -28.36 -11.53 13.77
CA ARG A 239 -27.37 -11.15 14.77
C ARG A 239 -25.97 -11.63 14.40
N ALA A 240 -25.87 -12.85 13.85
CA ALA A 240 -24.56 -13.38 13.47
C ALA A 240 -23.92 -12.54 12.38
N ALA A 241 -24.74 -12.07 11.43
CA ALA A 241 -24.22 -11.17 10.39
C ALA A 241 -23.74 -9.85 11.00
N PHE A 242 -24.43 -9.37 12.03
CA PHE A 242 -23.98 -8.15 12.72
C PHE A 242 -22.65 -8.39 13.41
N GLU A 243 -22.48 -9.55 14.05
CA GLU A 243 -21.21 -9.89 14.67
C GLU A 243 -20.10 -9.96 13.63
N GLY A 244 -20.39 -10.54 12.47
CA GLY A 244 -19.41 -10.59 11.40
C GLY A 244 -19.02 -9.21 10.91
N VAL A 245 -20.00 -8.32 10.78
CA VAL A 245 -19.71 -6.95 10.36
C VAL A 245 -18.87 -6.23 11.41
N VAL A 246 -19.18 -6.43 12.70
CA VAL A 246 -18.39 -5.83 13.76
C VAL A 246 -16.96 -6.34 13.73
N ARG A 247 -16.78 -7.66 13.52
CA ARG A 247 -15.45 -8.22 13.41
C ARG A 247 -14.69 -7.66 12.21
N ALA A 248 -15.38 -7.49 11.08
CA ALA A 248 -14.74 -6.92 9.90
C ALA A 248 -14.30 -5.48 10.17
N LEU A 249 -15.13 -4.72 10.88
CA LEU A 249 -14.74 -3.36 11.25
C LEU A 249 -13.54 -3.37 12.19
N LEU A 250 -13.52 -4.31 13.14
CA LEU A 250 -12.39 -4.42 14.05
C LEU A 250 -11.13 -4.93 13.36
N GLN A 251 -11.26 -5.52 12.17
CA GLN A 251 -10.11 -6.03 11.44
C GLN A 251 -9.17 -4.93 10.95
N LYS A 252 -9.60 -3.67 11.01
CA LYS A 252 -8.77 -2.53 10.61
C LYS A 252 -8.46 -1.69 11.84
N PRO A 253 -7.40 -2.01 12.59
CA PRO A 253 -7.07 -1.22 13.79
C PRO A 253 -6.69 0.21 13.50
N SER A 254 -6.29 0.54 12.27
CA SER A 254 -5.89 1.90 11.93
C SER A 254 -7.08 2.83 11.68
N ALA A 255 -8.29 2.30 11.63
CA ALA A 255 -9.50 3.09 11.42
C ALA A 255 -10.37 2.97 12.66
N ARG A 256 -10.17 3.90 13.60
CA ARG A 256 -10.92 3.91 14.86
C ARG A 256 -12.22 4.70 14.76
N VAL A 257 -12.50 5.33 13.63
CA VAL A 257 -13.71 6.12 13.43
C VAL A 257 -14.59 5.40 12.42
N ALA A 258 -15.84 5.15 12.81
CA ALA A 258 -16.81 4.46 11.97
C ALA A 258 -17.90 5.44 11.55
N VAL A 259 -18.16 5.52 10.24
CA VAL A 259 -19.18 6.39 9.69
C VAL A 259 -20.45 5.58 9.50
N LEU A 260 -21.55 6.05 10.09
CA LEU A 260 -22.81 5.33 10.08
C LEU A 260 -23.81 6.03 9.16
N PHE A 261 -24.44 5.26 8.28
CA PHE A 261 -25.51 5.74 7.43
C PHE A 261 -26.71 4.80 7.48
N THR A 262 -26.88 4.12 8.61
CA THR A 262 -27.93 3.12 8.76
C THR A 262 -29.20 3.73 9.35
N ARG A 263 -30.23 2.91 9.50
CA ARG A 263 -31.49 3.34 10.08
C ARG A 263 -31.42 3.24 11.60
N SER A 264 -32.53 3.56 12.27
CA SER A 264 -32.56 3.54 13.73
C SER A 264 -32.40 2.12 14.27
N GLU A 265 -33.19 1.18 13.74
CA GLU A 265 -33.11 -0.19 14.21
C GLU A 265 -31.76 -0.82 13.87
N ASP A 266 -31.24 -0.54 12.67
CA ASP A 266 -29.93 -1.06 12.30
C ASP A 266 -28.84 -0.49 13.19
N ALA A 267 -28.91 0.80 13.50
CA ALA A 267 -27.94 1.41 14.41
C ALA A 267 -28.03 0.79 15.80
N ARG A 268 -29.25 0.54 16.28
CA ARG A 268 -29.41 -0.08 17.60
C ARG A 268 -28.81 -1.49 17.62
N GLU A 269 -29.07 -2.27 16.57
CA GLU A 269 -28.52 -3.62 16.51
C GLU A 269 -26.99 -3.59 16.42
N LEU A 270 -26.44 -2.65 15.64
CA LEU A 270 -25.00 -2.53 15.55
C LEU A 270 -24.39 -2.14 16.90
N LEU A 271 -25.05 -1.22 17.62
CA LEU A 271 -24.57 -0.84 18.95
C LEU A 271 -24.61 -2.02 19.91
N ALA A 272 -25.68 -2.82 19.85
CA ALA A 272 -25.77 -4.00 20.71
C ALA A 272 -24.68 -5.00 20.38
N ALA A 273 -24.43 -5.22 19.08
CA ALA A 273 -23.37 -6.14 18.68
C ALA A 273 -22.00 -5.66 19.13
N SER A 274 -21.75 -4.35 19.03
CA SER A 274 -20.49 -3.80 19.51
C SER A 274 -20.35 -3.94 21.02
N GLN A 275 -21.44 -3.71 21.75
CA GLN A 275 -21.40 -3.85 23.21
C GLN A 275 -21.13 -5.29 23.62
N ARG A 276 -21.77 -6.25 22.95
CA ARG A 276 -21.59 -7.65 23.32
C ARG A 276 -20.25 -8.22 22.86
N LEU A 277 -19.50 -7.50 22.04
CA LEU A 277 -18.18 -7.92 21.60
C LEU A 277 -17.06 -7.10 22.22
N ASN A 278 -17.38 -6.21 23.16
CA ASN A 278 -16.40 -5.35 23.82
C ASN A 278 -15.59 -4.55 22.80
N ALA A 279 -16.28 -3.99 21.81
CA ALA A 279 -15.65 -3.21 20.76
C ALA A 279 -15.88 -1.73 21.00
N SER A 280 -14.81 -0.94 20.86
CA SER A 280 -14.85 0.50 21.05
C SER A 280 -14.60 1.20 19.73
N PHE A 281 -15.50 2.10 19.35
CA PHE A 281 -15.39 2.84 18.10
C PHE A 281 -15.84 4.28 18.33
N THR A 282 -15.39 5.15 17.43
CA THR A 282 -15.82 6.55 17.41
C THR A 282 -16.87 6.68 16.31
N TRP A 283 -18.14 6.61 16.69
CA TRP A 283 -19.23 6.58 15.73
C TRP A 283 -19.52 7.98 15.20
N VAL A 284 -19.65 8.10 13.88
CA VAL A 284 -20.08 9.33 13.23
C VAL A 284 -21.31 8.96 12.41
N ALA A 285 -22.49 9.29 12.93
CA ALA A 285 -23.75 8.84 12.33
C ALA A 285 -24.48 10.00 11.67
N SER A 286 -25.46 9.64 10.84
CA SER A 286 -26.31 10.58 10.14
C SER A 286 -27.60 10.79 10.92
N ASP A 287 -28.59 11.42 10.29
CA ASP A 287 -29.86 11.71 10.95
C ASP A 287 -30.65 10.46 11.27
N GLY A 288 -30.27 9.30 10.74
CA GLY A 288 -30.94 8.07 11.12
C GLY A 288 -30.81 7.76 12.60
N TRP A 289 -29.62 7.99 13.16
CA TRP A 289 -29.45 7.90 14.61
C TRP A 289 -29.98 9.16 15.30
N GLY A 290 -29.41 10.31 14.95
CA GLY A 290 -29.89 11.56 15.53
C GLY A 290 -29.62 11.62 17.03
N ALA A 291 -30.55 12.24 17.75
CA ALA A 291 -30.47 12.40 19.19
C ALA A 291 -31.42 11.47 19.93
N LEU A 292 -31.61 10.26 19.40
CA LEU A 292 -32.47 9.28 20.04
C LEU A 292 -31.80 8.76 21.31
N GLU A 293 -32.42 9.02 22.46
CA GLU A 293 -31.81 8.68 23.74
C GLU A 293 -32.01 7.21 24.10
N SER A 294 -33.27 6.80 24.25
CA SER A 294 -33.60 5.45 24.66
C SER A 294 -33.94 4.52 23.50
N VAL A 295 -33.88 5.02 22.26
CA VAL A 295 -34.23 4.18 21.12
C VAL A 295 -33.00 3.47 20.58
N VAL A 296 -31.99 4.22 20.16
CA VAL A 296 -30.79 3.64 19.58
C VAL A 296 -29.75 3.32 20.65
N ALA A 297 -29.53 4.23 21.60
CA ALA A 297 -28.51 4.06 22.63
C ALA A 297 -29.05 3.21 23.79
N GLY A 298 -29.43 1.98 23.44
CA GLY A 298 -29.88 1.02 24.44
C GLY A 298 -28.77 0.31 25.19
N SER A 299 -27.54 0.41 24.69
CA SER A 299 -26.36 -0.17 25.34
C SER A 299 -25.40 0.96 25.63
N GLU A 300 -25.54 1.57 26.79
CA GLU A 300 -24.73 2.72 27.17
C GLU A 300 -23.33 2.27 27.56
N GLY A 301 -22.33 2.76 26.82
CA GLY A 301 -20.95 2.40 27.08
C GLY A 301 -20.19 2.08 25.81
N ALA A 302 -20.88 1.48 24.83
CA ALA A 302 -20.25 1.22 23.55
C ALA A 302 -20.07 2.50 22.75
N ALA A 303 -21.00 3.43 22.88
CA ALA A 303 -20.95 4.72 22.18
C ALA A 303 -20.91 5.82 23.24
N GLU A 304 -19.70 6.25 23.59
CA GLU A 304 -19.51 7.32 24.56
C GLU A 304 -18.98 8.61 23.95
N GLY A 305 -18.38 8.54 22.77
CA GLY A 305 -17.90 9.72 22.08
C GLY A 305 -18.47 9.84 20.68
N ALA A 306 -19.65 9.28 20.48
CA ALA A 306 -20.27 9.28 19.16
C ALA A 306 -20.71 10.69 18.77
N ILE A 307 -20.50 11.04 17.50
CA ILE A 307 -20.92 12.32 16.95
C ILE A 307 -22.08 12.08 16.01
N THR A 308 -23.24 12.66 16.33
CA THR A 308 -24.45 12.47 15.55
C THR A 308 -24.90 13.80 14.98
N ILE A 309 -25.37 13.77 13.73
CA ILE A 309 -25.85 14.96 13.03
C ILE A 309 -27.37 14.86 12.90
N GLU A 310 -28.07 15.88 13.37
CA GLU A 310 -29.52 15.93 13.33
C GLU A 310 -29.97 17.26 12.75
N LEU A 311 -31.06 17.23 12.00
CA LEU A 311 -31.61 18.45 11.42
C LEU A 311 -31.98 19.44 12.52
N ALA A 312 -31.68 20.71 12.28
CA ALA A 312 -31.96 21.74 13.26
C ALA A 312 -33.46 21.91 13.44
N SER A 313 -33.88 22.00 14.70
CA SER A 313 -35.29 22.13 15.04
C SER A 313 -35.41 22.82 16.39
N TYR A 314 -36.61 23.28 16.69
CA TYR A 314 -36.90 23.94 17.95
C TYR A 314 -38.10 23.29 18.62
N PRO A 315 -38.13 23.28 19.95
CA PRO A 315 -39.28 22.68 20.65
C PRO A 315 -40.54 23.52 20.46
N ILE A 316 -41.68 22.85 20.55
CA ILE A 316 -42.99 23.49 20.45
C ILE A 316 -43.69 23.29 21.79
N SER A 317 -43.95 24.39 22.50
CA SER A 317 -44.58 24.30 23.81
C SER A 317 -46.03 23.86 23.68
N ASP A 318 -46.74 24.35 22.66
CA ASP A 318 -48.14 23.98 22.48
C ASP A 318 -48.29 22.48 22.23
N PHE A 319 -47.42 21.92 21.39
CA PHE A 319 -47.47 20.48 21.14
C PHE A 319 -47.14 19.69 22.40
N ALA A 320 -46.19 20.17 23.19
CA ALA A 320 -45.86 19.49 24.45
C ALA A 320 -47.06 19.50 25.39
N SER A 321 -47.74 20.63 25.51
CA SER A 321 -48.91 20.70 26.36
C SER A 321 -50.03 19.79 25.85
N TYR A 322 -50.21 19.74 24.53
CA TYR A 322 -51.24 18.88 23.96
C TYR A 322 -50.93 17.40 24.20
N PHE A 323 -49.66 17.01 24.04
CA PHE A 323 -49.28 15.61 24.18
C PHE A 323 -49.30 15.18 25.64
N GLN A 324 -48.89 16.06 26.56
CA GLN A 324 -48.85 15.70 27.97
C GLN A 324 -50.24 15.48 28.55
N SER A 325 -51.29 16.02 27.93
CA SER A 325 -52.65 15.85 28.40
C SER A 325 -53.35 14.66 27.76
N LEU A 326 -52.67 13.90 26.91
CA LEU A 326 -53.28 12.76 26.25
C LEU A 326 -53.44 11.60 27.22
N ASP A 327 -54.62 11.00 27.22
CA ASP A 327 -54.94 9.86 28.07
C ASP A 327 -55.55 8.75 27.23
N PRO A 328 -55.41 7.50 27.66
CA PRO A 328 -55.98 6.38 26.88
C PRO A 328 -57.50 6.31 26.92
N TRP A 329 -58.16 7.17 27.68
CA TRP A 329 -59.62 7.17 27.78
C TRP A 329 -60.28 8.18 26.84
N ASN A 330 -59.81 9.44 26.86
CA ASN A 330 -60.40 10.47 26.02
C ASN A 330 -59.84 10.48 24.60
N ASN A 331 -58.72 9.80 24.35
CA ASN A 331 -58.12 9.74 23.03
C ASN A 331 -58.56 8.45 22.32
N SER A 332 -59.86 8.42 22.00
CA SER A 332 -60.44 7.26 21.34
C SER A 332 -60.26 7.29 19.83
N ARG A 333 -59.82 8.41 19.26
CA ARG A 333 -59.63 8.50 17.81
C ARG A 333 -58.31 7.91 17.34
N ASN A 334 -57.42 7.55 18.26
CA ASN A 334 -56.14 6.95 17.89
C ASN A 334 -56.16 5.47 18.23
N PRO A 335 -56.25 4.58 17.22
CA PRO A 335 -56.30 3.13 17.53
C PRO A 335 -55.02 2.60 18.14
N TRP A 336 -53.88 3.26 17.92
CA TRP A 336 -52.59 2.77 18.39
C TRP A 336 -52.17 3.38 19.72
N PHE A 337 -53.00 4.21 20.34
CA PHE A 337 -52.62 4.83 21.60
C PHE A 337 -52.58 3.82 22.74
N ARG A 338 -53.46 2.81 22.71
CA ARG A 338 -53.47 1.80 23.77
C ARG A 338 -52.17 1.02 23.79
N GLU A 339 -51.67 0.63 22.61
CA GLU A 339 -50.40 -0.10 22.55
C GLU A 339 -49.24 0.75 23.04
N PHE A 340 -49.22 2.04 22.66
CA PHE A 340 -48.18 2.93 23.13
C PHE A 340 -48.22 3.09 24.65
N TRP A 341 -49.43 3.20 25.20
CA TRP A 341 -49.58 3.29 26.66
C TRP A 341 -49.06 2.03 27.33
N GLU A 342 -49.45 0.86 26.81
CA GLU A 342 -49.02 -0.40 27.41
C GLU A 342 -47.52 -0.62 27.25
N GLN A 343 -46.90 0.00 26.25
CA GLN A 343 -45.46 -0.18 26.04
C GLN A 343 -44.65 0.76 26.93
N ARG A 344 -44.98 2.05 26.91
CA ARG A 344 -44.21 3.02 27.69
C ARG A 344 -44.54 2.97 29.17
N PHE A 345 -45.71 2.45 29.54
CA PHE A 345 -46.20 2.49 30.91
C PHE A 345 -46.67 1.10 31.32
N ARG A 346 -45.82 0.10 31.13
CA ARG A 346 -46.17 -1.32 31.14
C ARG A 346 -47.21 -1.66 32.20
N CYS A 347 -48.32 -2.22 31.75
CA CYS A 347 -49.44 -2.63 32.59
C CYS A 347 -50.38 -3.45 31.72
N SER A 348 -51.52 -3.83 32.30
CA SER A 348 -52.51 -4.64 31.59
C SER A 348 -53.85 -3.93 31.62
N PHE A 349 -54.49 -3.80 30.46
CA PHE A 349 -55.81 -3.21 30.37
C PHE A 349 -56.88 -4.22 30.75
N ARG A 350 -58.08 -3.71 31.01
CA ARG A 350 -59.23 -4.52 31.43
C ARG A 350 -58.95 -5.26 32.73
N GLN A 351 -58.04 -4.72 33.55
CA GLN A 351 -57.70 -5.34 34.82
C GLN A 351 -57.52 -4.31 35.94
N ARG A 352 -57.99 -3.07 35.75
CA ARG A 352 -57.88 -2.01 36.75
C ARG A 352 -56.42 -1.79 37.16
N ASP A 353 -55.56 -1.66 36.16
CA ASP A 353 -54.13 -1.45 36.39
C ASP A 353 -53.60 -0.18 35.73
N CYS A 354 -54.08 0.15 34.53
CA CYS A 354 -53.60 1.31 33.79
C CYS A 354 -54.46 2.54 34.05
N ALA A 355 -54.64 2.88 35.32
CA ALA A 355 -55.52 4.00 35.68
C ALA A 355 -54.94 4.89 36.77
N ALA A 356 -53.64 4.79 37.05
CA ALA A 356 -53.01 5.61 38.07
C ALA A 356 -51.94 6.54 37.51
N HIS A 357 -51.04 6.03 36.68
CA HIS A 357 -49.98 6.83 36.09
C HIS A 357 -50.52 7.73 34.98
N SER A 358 -49.72 8.72 34.61
CA SER A 358 -50.10 9.68 33.58
C SER A 358 -48.84 10.17 32.87
N LEU A 359 -49.06 10.89 31.77
CA LEU A 359 -47.96 11.41 30.97
C LEU A 359 -47.41 12.73 31.48
N ARG A 360 -48.00 13.31 32.52
CA ARG A 360 -47.57 14.62 33.02
C ARG A 360 -46.42 14.51 34.01
N ALA A 361 -46.52 13.58 34.96
CA ALA A 361 -45.49 13.45 35.99
C ALA A 361 -44.15 13.02 35.40
N VAL A 362 -44.16 12.07 34.46
CA VAL A 362 -42.94 11.54 33.86
C VAL A 362 -42.32 12.61 32.97
N PRO A 363 -41.00 12.61 32.79
CA PRO A 363 -40.38 13.56 31.85
C PRO A 363 -40.80 13.28 30.42
N PHE A 364 -40.88 14.35 29.63
CA PHE A 364 -41.30 14.27 28.24
C PHE A 364 -40.30 14.99 27.36
N GLU A 365 -39.83 14.30 26.31
CA GLU A 365 -38.88 14.86 25.36
C GLU A 365 -39.48 14.78 23.97
N GLN A 366 -39.49 15.92 23.27
CA GLN A 366 -40.08 15.99 21.93
C GLN A 366 -39.15 15.35 20.90
N GLU A 367 -39.76 14.71 19.91
CA GLU A 367 -39.01 14.23 18.75
C GLU A 367 -38.49 15.42 17.95
N SER A 368 -37.28 15.27 17.40
CA SER A 368 -36.67 16.35 16.65
C SER A 368 -37.50 16.71 15.41
N LYS A 369 -38.01 15.70 14.71
CA LYS A 369 -38.76 15.92 13.48
C LYS A 369 -40.27 16.02 13.76
N ILE A 370 -40.63 16.99 14.59
CA ILE A 370 -42.03 17.32 14.87
C ILE A 370 -42.43 18.61 14.18
N MET A 371 -41.60 19.64 14.29
CA MET A 371 -41.85 20.89 13.59
C MET A 371 -41.87 20.68 12.08
N PHE A 372 -41.11 19.70 11.58
CA PHE A 372 -41.16 19.40 10.16
C PHE A 372 -42.52 18.84 9.74
N VAL A 373 -43.09 17.95 10.57
CA VAL A 373 -44.43 17.43 10.29
C VAL A 373 -45.46 18.56 10.34
N VAL A 374 -45.34 19.42 11.36
CA VAL A 374 -46.28 20.54 11.47
C VAL A 374 -46.16 21.46 10.26
N ASN A 375 -44.94 21.74 9.82
CA ASN A 375 -44.72 22.59 8.65
C ASN A 375 -45.28 21.96 7.39
N ALA A 376 -45.12 20.64 7.23
CA ALA A 376 -45.67 19.97 6.06
C ALA A 376 -47.19 20.06 6.04
N VAL A 377 -47.82 19.80 7.19
CA VAL A 377 -49.28 19.89 7.27
C VAL A 377 -49.76 21.30 6.98
N TYR A 378 -49.08 22.30 7.56
CA TYR A 378 -49.47 23.69 7.35
C TYR A 378 -49.22 24.14 5.91
N ALA A 379 -48.16 23.62 5.27
CA ALA A 379 -47.92 23.94 3.87
C ALA A 379 -49.01 23.35 2.98
N MET A 380 -49.43 22.12 3.25
CA MET A 380 -50.54 21.54 2.51
C MET A 380 -51.81 22.36 2.70
N ALA A 381 -52.08 22.76 3.96
CA ALA A 381 -53.27 23.57 4.23
C ALA A 381 -53.21 24.91 3.53
N HIS A 382 -52.03 25.55 3.51
CA HIS A 382 -51.88 26.84 2.85
C HIS A 382 -52.05 26.71 1.34
N ALA A 383 -51.52 25.63 0.75
CA ALA A 383 -51.71 25.41 -0.67
C ALA A 383 -53.19 25.20 -0.99
N LEU A 384 -53.89 24.43 -0.16
CA LEU A 384 -55.33 24.24 -0.36
C LEU A 384 -56.09 25.56 -0.24
N HIS A 385 -55.72 26.39 0.75
CA HIS A 385 -56.37 27.67 0.93
C HIS A 385 -56.13 28.59 -0.26
N ASN A 386 -54.90 28.61 -0.78
CA ASN A 386 -54.60 29.43 -1.95
C ASN A 386 -55.38 28.95 -3.16
N MET A 387 -55.46 27.63 -3.35
CA MET A 387 -56.25 27.09 -4.46
C MET A 387 -57.72 27.46 -4.33
N HIS A 388 -58.25 27.39 -3.10
CA HIS A 388 -59.65 27.76 -2.87
C HIS A 388 -59.88 29.24 -3.17
N ARG A 389 -58.95 30.09 -2.75
CA ARG A 389 -59.08 31.52 -3.00
C ARG A 389 -59.00 31.83 -4.50
N ALA A 390 -58.11 31.15 -5.22
CA ALA A 390 -57.94 31.40 -6.64
C ALA A 390 -59.00 30.72 -7.51
N LEU A 391 -59.74 29.76 -6.97
CA LEU A 391 -60.75 29.05 -7.73
C LEU A 391 -62.17 29.33 -7.28
N CYS A 392 -62.38 29.75 -6.03
CA CYS A 392 -63.70 30.07 -5.50
C CYS A 392 -63.63 31.46 -4.87
N PRO A 393 -63.60 32.51 -5.68
CA PRO A 393 -63.40 33.87 -5.14
C PRO A 393 -64.64 34.46 -4.46
N ASN A 394 -65.76 33.75 -4.45
CA ASN A 394 -67.00 34.27 -3.88
C ASN A 394 -67.38 33.60 -2.57
N THR A 395 -67.49 32.27 -2.56
CA THR A 395 -67.86 31.54 -1.37
C THR A 395 -66.62 31.12 -0.58
N THR A 396 -66.81 30.92 0.72
CA THR A 396 -65.73 30.47 1.59
C THR A 396 -65.64 28.95 1.69
N ARG A 397 -66.59 28.23 1.12
CA ARG A 397 -66.58 26.78 1.14
C ARG A 397 -66.11 26.24 -0.20
N LEU A 398 -66.17 24.92 -0.37
CA LEU A 398 -65.71 24.29 -1.60
C LEU A 398 -66.73 24.51 -2.70
N CYS A 399 -66.36 25.34 -3.69
CA CYS A 399 -67.23 25.59 -4.82
C CYS A 399 -67.13 24.45 -5.83
N ASP A 400 -68.03 24.48 -6.81
CA ASP A 400 -68.10 23.40 -7.79
C ASP A 400 -66.84 23.29 -8.65
N ALA A 401 -66.08 24.38 -8.78
CA ALA A 401 -64.87 24.33 -9.60
C ALA A 401 -63.74 23.59 -8.91
N MET A 402 -63.85 23.37 -7.60
CA MET A 402 -62.79 22.75 -6.81
C MET A 402 -63.16 21.38 -6.29
N ARG A 403 -64.42 20.96 -6.41
CA ARG A 403 -64.83 19.68 -5.82
C ARG A 403 -64.01 18.51 -6.38
N PRO A 404 -63.78 18.39 -7.70
CA PRO A 404 -62.67 17.53 -8.17
C PRO A 404 -61.35 18.25 -7.95
N VAL A 405 -60.56 17.77 -7.01
CA VAL A 405 -59.24 18.35 -6.73
C VAL A 405 -58.21 17.62 -7.59
N ASN A 406 -57.55 18.37 -8.48
CA ASN A 406 -56.50 17.81 -9.32
C ASN A 406 -55.14 18.16 -8.71
N GLY A 407 -54.30 17.13 -8.56
CA GLY A 407 -53.02 17.32 -7.90
C GLY A 407 -52.01 18.09 -8.73
N ARG A 408 -52.12 18.01 -10.06
CA ARG A 408 -51.12 18.64 -10.92
C ARG A 408 -51.10 20.15 -10.75
N ARG A 409 -52.27 20.79 -10.87
CA ARG A 409 -52.35 22.24 -10.75
C ARG A 409 -51.92 22.69 -9.36
N LEU A 410 -52.39 22.01 -8.32
CA LEU A 410 -52.03 22.37 -6.96
C LEU A 410 -50.53 22.29 -6.75
N TYR A 411 -49.92 21.16 -7.10
CA TYR A 411 -48.49 20.98 -6.88
C TYR A 411 -47.68 21.98 -7.70
N LYS A 412 -48.07 22.24 -8.95
CA LYS A 412 -47.29 23.13 -9.79
C LYS A 412 -47.46 24.60 -9.41
N ASP A 413 -48.59 24.98 -8.81
CA ASP A 413 -48.86 26.40 -8.55
C ASP A 413 -48.68 26.78 -7.09
N PHE A 414 -49.38 26.12 -6.18
CA PHE A 414 -49.46 26.58 -4.80
C PHE A 414 -48.60 25.79 -3.83
N VAL A 415 -48.39 24.49 -4.08
CA VAL A 415 -47.55 23.70 -3.18
C VAL A 415 -46.09 24.15 -3.28
N LEU A 416 -45.58 24.30 -4.49
CA LEU A 416 -44.19 24.70 -4.66
C LEU A 416 -44.00 26.18 -4.35
N ASN A 417 -44.92 27.03 -4.80
CA ASN A 417 -44.80 28.47 -4.60
C ASN A 417 -45.63 28.88 -3.38
N VAL A 418 -45.14 28.48 -2.21
CA VAL A 418 -45.75 28.82 -0.94
C VAL A 418 -44.69 29.44 -0.04
N LYS A 419 -45.09 30.43 0.75
CA LYS A 419 -44.17 31.14 1.64
C LYS A 419 -44.96 31.70 2.80
N PHE A 420 -44.72 31.18 4.00
CA PHE A 420 -45.42 31.63 5.19
C PHE A 420 -44.54 31.39 6.41
N ASP A 421 -44.81 32.15 7.46
CA ASP A 421 -44.06 32.00 8.70
C ASP A 421 -44.46 30.72 9.42
N ALA A 422 -43.56 30.21 10.24
CA ALA A 422 -43.82 28.99 10.98
C ALA A 422 -44.98 29.19 11.95
N PRO A 423 -45.94 28.25 12.00
CA PRO A 423 -47.11 28.47 12.86
C PRO A 423 -46.78 28.58 14.34
N PHE A 424 -45.77 27.86 14.82
CA PHE A 424 -45.45 27.81 16.24
C PHE A 424 -43.97 28.06 16.47
N ARG A 425 -43.41 29.03 15.76
CA ARG A 425 -42.00 29.37 15.96
C ARG A 425 -41.84 30.20 17.24
N PRO A 426 -40.65 30.16 17.85
CA PRO A 426 -40.42 30.98 19.04
C PRO A 426 -40.40 32.46 18.69
N ALA A 427 -40.45 33.28 19.75
CA ALA A 427 -40.53 34.74 19.57
C ALA A 427 -39.28 35.28 18.90
N ASP A 428 -38.11 34.84 19.33
CA ASP A 428 -36.84 35.37 18.82
C ASP A 428 -36.29 34.46 17.74
N THR A 429 -36.99 34.43 16.61
CA THR A 429 -36.56 33.66 15.45
C THR A 429 -37.25 34.21 14.22
N HIS A 430 -36.73 33.82 13.05
CA HIS A 430 -37.30 34.19 11.76
C HIS A 430 -37.18 32.97 10.84
N ASN A 431 -38.23 32.15 10.81
CA ASN A 431 -38.26 30.93 10.02
C ASN A 431 -39.41 30.98 9.03
N GLU A 432 -39.13 30.60 7.79
CA GLU A 432 -40.13 30.58 6.72
C GLU A 432 -40.21 29.18 6.13
N VAL A 433 -41.43 28.74 5.83
CA VAL A 433 -41.66 27.43 5.23
C VAL A 433 -41.78 27.63 3.72
N ARG A 434 -40.75 27.22 3.00
CA ARG A 434 -40.73 27.37 1.55
C ARG A 434 -40.07 26.14 0.93
N PHE A 435 -40.37 25.93 -0.36
CA PHE A 435 -39.82 24.82 -1.12
C PHE A 435 -38.93 25.36 -2.23
N ASP A 436 -37.82 24.66 -2.49
CA ASP A 436 -36.89 25.05 -3.54
C ASP A 436 -37.42 24.57 -4.88
N ARG A 437 -36.58 24.66 -5.92
CA ARG A 437 -36.98 24.18 -7.24
C ARG A 437 -37.19 22.67 -7.27
N PHE A 438 -36.50 21.93 -6.40
CA PHE A 438 -36.67 20.49 -6.28
C PHE A 438 -37.61 20.11 -5.15
N GLY A 439 -38.25 21.08 -4.52
CA GLY A 439 -39.13 20.80 -3.39
C GLY A 439 -38.43 20.26 -2.17
N ASP A 440 -37.30 20.84 -1.80
CA ASP A 440 -36.54 20.43 -0.63
C ASP A 440 -36.43 21.61 0.34
N GLY A 441 -35.67 21.40 1.42
CA GLY A 441 -35.45 22.42 2.42
C GLY A 441 -34.02 22.94 2.43
N ILE A 442 -33.78 23.92 3.30
CA ILE A 442 -32.47 24.52 3.44
C ILE A 442 -31.58 23.59 4.25
N GLY A 443 -30.31 23.50 3.84
CA GLY A 443 -29.38 22.56 4.45
C GLY A 443 -28.77 23.05 5.75
N ARG A 444 -29.55 23.04 6.82
CA ARG A 444 -29.09 23.42 8.15
C ARG A 444 -29.15 22.22 9.07
N TYR A 445 -28.04 21.94 9.75
CA TYR A 445 -27.92 20.77 10.61
C TYR A 445 -27.34 21.16 11.95
N ASN A 446 -27.50 20.26 12.93
CA ASN A 446 -26.94 20.41 14.26
C ASN A 446 -26.04 19.22 14.57
N ILE A 447 -25.02 19.46 15.40
CA ILE A 447 -24.05 18.45 15.77
C ILE A 447 -24.23 18.13 17.25
N PHE A 448 -24.32 16.83 17.56
CA PHE A 448 -24.55 16.37 18.92
C PHE A 448 -23.49 15.34 19.31
N THR A 449 -23.22 15.26 20.60
CA THR A 449 -22.34 14.24 21.17
C THR A 449 -23.06 13.59 22.34
N TYR A 450 -22.83 12.30 22.53
CA TYR A 450 -23.54 11.50 23.53
C TYR A 450 -22.57 11.25 24.69
N LEU A 451 -22.53 12.19 25.63
CA LEU A 451 -21.60 12.15 26.74
C LEU A 451 -22.33 11.83 28.05
N ARG A 452 -21.54 11.65 29.10
CA ARG A 452 -22.05 11.38 30.44
C ARG A 452 -21.71 12.56 31.35
N ALA A 453 -22.71 13.03 32.09
CA ALA A 453 -22.55 14.20 32.96
C ALA A 453 -22.27 13.81 34.41
N GLY A 454 -23.15 12.99 35.00
CA GLY A 454 -22.99 12.62 36.39
C GLY A 454 -22.55 11.19 36.60
N SER A 455 -21.63 10.72 35.74
CA SER A 455 -21.10 9.36 35.80
C SER A 455 -22.23 8.32 35.75
N GLY A 456 -22.97 8.36 34.66
CA GLY A 456 -24.10 7.46 34.47
C GLY A 456 -25.29 8.15 33.82
N ARG A 457 -25.37 9.47 33.97
CA ARG A 457 -26.45 10.25 33.37
C ARG A 457 -26.04 10.61 31.94
N TYR A 458 -26.11 9.61 31.06
CA TYR A 458 -25.79 9.82 29.66
C TYR A 458 -26.83 10.72 29.00
N ARG A 459 -26.37 11.61 28.14
CA ARG A 459 -27.26 12.56 27.47
C ARG A 459 -26.60 13.06 26.20
N TYR A 460 -27.41 13.68 25.35
CA TYR A 460 -26.94 14.30 24.12
C TYR A 460 -26.75 15.80 24.36
N GLN A 461 -25.59 16.32 23.97
CA GLN A 461 -25.27 17.72 24.14
C GLN A 461 -24.85 18.31 22.80
N LYS A 462 -25.43 19.45 22.44
CA LYS A 462 -25.08 20.11 21.19
C LYS A 462 -23.68 20.71 21.29
N VAL A 463 -22.88 20.50 20.23
CA VAL A 463 -21.52 21.01 20.18
C VAL A 463 -21.24 21.82 18.93
N GLY A 464 -22.25 22.04 18.08
CA GLY A 464 -22.04 22.83 16.89
C GLY A 464 -23.23 22.70 15.95
N TYR A 465 -23.08 23.32 14.78
CA TYR A 465 -24.11 23.30 13.75
C TYR A 465 -23.45 23.35 12.39
N TRP A 466 -24.27 23.30 11.34
CA TRP A 466 -23.77 23.33 9.97
C TRP A 466 -24.83 23.93 9.07
N ALA A 467 -24.61 25.16 8.62
CA ALA A 467 -25.46 25.80 7.63
C ALA A 467 -24.74 25.98 6.31
N GLU A 468 -23.57 26.64 6.33
CA GLU A 468 -22.70 26.71 5.18
C GLU A 468 -21.28 26.23 5.47
N GLY A 469 -20.86 26.24 6.73
CA GLY A 469 -19.56 25.72 7.11
C GLY A 469 -19.62 25.13 8.50
N LEU A 470 -18.61 24.33 8.82
CA LEU A 470 -18.58 23.63 10.10
C LEU A 470 -18.11 24.59 11.20
N THR A 471 -18.93 24.73 12.24
CA THR A 471 -18.61 25.55 13.41
C THR A 471 -18.76 24.67 14.64
N LEU A 472 -17.69 23.97 15.01
CA LEU A 472 -17.71 23.03 16.12
C LEU A 472 -17.10 23.67 17.37
N ASP A 473 -17.58 23.23 18.53
CA ASP A 473 -17.08 23.66 19.83
C ASP A 473 -16.24 22.52 20.40
N THR A 474 -14.91 22.63 20.26
CA THR A 474 -14.02 21.57 20.72
C THR A 474 -14.06 21.43 22.23
N SER A 475 -14.14 22.55 22.95
CA SER A 475 -14.13 22.51 24.41
C SER A 475 -15.36 21.82 24.98
N LEU A 476 -16.46 21.78 24.24
CA LEU A 476 -17.69 21.13 24.72
C LEU A 476 -17.68 19.62 24.52
N ILE A 477 -16.71 19.09 23.78
CA ILE A 477 -16.61 17.65 23.52
C ILE A 477 -15.62 17.06 24.53
N PRO A 478 -16.06 16.19 25.45
CA PRO A 478 -15.14 15.70 26.48
C PRO A 478 -14.30 14.52 26.05
N TRP A 479 -13.78 14.54 24.83
CA TRP A 479 -12.70 13.65 24.44
C TRP A 479 -11.70 14.29 23.51
N ALA A 480 -11.84 15.58 23.20
CA ALA A 480 -10.93 16.27 22.28
C ALA A 480 -10.09 17.34 22.97
N SER A 481 -10.46 17.77 24.18
CA SER A 481 -9.68 18.77 24.87
C SER A 481 -8.34 18.18 25.31
N PRO A 482 -7.29 19.01 25.37
CA PRO A 482 -5.98 18.50 25.82
C PRO A 482 -6.00 17.91 27.22
N SER A 483 -6.82 18.45 28.11
CA SER A 483 -6.90 17.92 29.47
C SER A 483 -7.60 16.57 29.54
N ALA A 484 -8.42 16.24 28.54
CA ALA A 484 -9.13 14.98 28.53
C ALA A 484 -8.30 13.81 28.02
N GLY A 485 -7.10 14.07 27.51
CA GLY A 485 -6.25 13.03 27.00
C GLY A 485 -5.92 13.22 25.53
N PRO A 486 -5.19 12.28 24.95
CA PRO A 486 -4.83 12.38 23.53
C PRO A 486 -6.07 12.33 22.64
N LEU A 487 -5.99 13.06 21.54
CA LEU A 487 -7.10 13.07 20.58
C LEU A 487 -7.14 11.76 19.82
N PRO A 488 -8.29 11.09 19.75
CA PRO A 488 -8.39 9.82 18.99
C PRO A 488 -8.29 10.10 17.50
N ALA A 489 -7.16 9.74 16.91
CA ALA A 489 -6.92 9.94 15.49
C ALA A 489 -6.96 8.61 14.75
N SER A 490 -7.18 8.69 13.44
CA SER A 490 -7.31 7.50 12.60
C SER A 490 -6.55 7.75 11.29
N ARG A 491 -5.38 7.14 11.16
CA ARG A 491 -4.59 7.23 9.94
C ARG A 491 -4.11 5.83 9.57
N CYS A 492 -4.01 5.58 8.25
CA CYS A 492 -3.52 4.28 7.79
C CYS A 492 -2.07 4.07 8.19
N SER A 493 -1.24 5.10 8.04
CA SER A 493 0.17 5.03 8.39
C SER A 493 0.54 6.25 9.23
N GLU A 494 1.22 6.01 10.34
CA GLU A 494 1.66 7.11 11.19
C GLU A 494 2.77 7.90 10.49
N PRO A 495 2.82 9.22 10.68
CA PRO A 495 3.89 10.01 10.05
C PRO A 495 5.26 9.74 10.65
N CYS A 496 6.16 9.17 9.86
CA CYS A 496 7.50 8.86 10.33
C CYS A 496 8.38 10.10 10.32
N LEU A 497 9.57 9.96 10.90
CA LEU A 497 10.51 11.08 10.98
C LEU A 497 11.00 11.45 9.58
N GLN A 498 11.39 12.72 9.43
CA GLN A 498 11.87 13.21 8.14
C GLN A 498 13.15 12.49 7.72
N ASN A 499 14.06 12.27 8.66
CA ASN A 499 15.31 11.59 8.35
C ASN A 499 15.04 10.12 8.01
N GLU A 500 15.69 9.63 6.96
CA GLU A 500 15.56 8.24 6.51
C GLU A 500 14.09 7.90 6.22
N VAL A 501 13.51 8.63 5.26
CA VAL A 501 12.12 8.43 4.86
C VAL A 501 12.00 8.78 3.39
N LYS A 502 11.17 8.02 2.68
CA LYS A 502 10.95 8.26 1.26
C LYS A 502 9.46 8.43 0.97
N SER A 503 8.62 7.71 1.71
CA SER A 503 7.16 7.76 1.55
C SER A 503 6.76 7.45 0.10
N VAL A 504 7.06 6.23 -0.32
CA VAL A 504 6.75 5.79 -1.68
C VAL A 504 5.25 5.71 -1.85
N GLN A 505 4.72 6.42 -2.85
CA GLN A 505 3.30 6.46 -3.11
C GLN A 505 3.02 6.30 -4.60
N PRO A 506 2.35 5.21 -5.00
CA PRO A 506 1.98 5.08 -6.42
C PRO A 506 0.86 6.02 -6.79
N GLY A 507 1.19 7.11 -7.50
CA GLY A 507 0.18 8.12 -7.80
C GLY A 507 -0.42 8.67 -6.52
N GLU A 508 -1.75 8.69 -6.46
CA GLU A 508 -2.48 9.05 -5.26
C GLU A 508 -2.91 7.78 -4.56
N VAL A 509 -2.45 7.61 -3.32
CA VAL A 509 -2.67 6.37 -2.57
C VAL A 509 -3.25 6.71 -1.21
N CYS A 510 -3.92 5.73 -0.60
CA CYS A 510 -4.57 5.94 0.69
C CYS A 510 -3.57 6.28 1.77
N CYS A 511 -2.51 5.47 1.90
CA CYS A 511 -1.48 5.70 2.90
C CYS A 511 -0.12 5.32 2.32
N TRP A 512 0.94 5.81 2.96
CA TRP A 512 2.29 5.71 2.45
C TRP A 512 3.12 4.78 3.31
N LEU A 513 4.24 4.34 2.74
CA LEU A 513 5.23 3.53 3.45
C LEU A 513 6.60 4.16 3.24
N CYS A 514 7.24 4.56 4.34
CA CYS A 514 8.54 5.22 4.29
C CYS A 514 9.63 4.25 4.72
N ILE A 515 10.72 4.23 3.97
CA ILE A 515 11.84 3.33 4.23
C ILE A 515 13.14 4.14 4.24
N PRO A 516 14.11 3.80 5.08
CA PRO A 516 15.41 4.46 4.99
C PRO A 516 16.06 4.24 3.63
N CYS A 517 16.75 5.25 3.13
CA CYS A 517 17.32 5.22 1.80
C CYS A 517 18.55 6.11 1.75
N GLN A 518 19.70 5.53 1.43
CA GLN A 518 20.94 6.25 1.16
C GLN A 518 21.29 7.22 2.29
N PRO A 519 21.82 6.73 3.42
CA PRO A 519 22.14 7.63 4.55
C PRO A 519 23.09 8.75 4.16
N TYR A 520 23.75 8.64 3.01
CA TYR A 520 24.59 9.69 2.48
C TYR A 520 23.82 10.71 1.66
N GLU A 521 22.51 10.52 1.49
CA GLU A 521 21.68 11.52 0.83
C GLU A 521 21.28 12.62 1.82
N TYR A 522 20.93 13.78 1.29
CA TYR A 522 20.67 14.93 2.14
C TYR A 522 19.27 14.89 2.77
N ARG A 523 18.23 14.97 1.92
CA ARG A 523 16.86 14.99 2.39
C ARG A 523 15.93 14.96 1.18
N LEU A 524 14.70 14.51 1.42
CA LEU A 524 13.67 14.49 0.40
C LEU A 524 12.32 14.24 1.07
N ASP A 525 11.26 14.78 0.45
CA ASP A 525 9.90 14.58 0.92
C ASP A 525 9.03 13.90 -0.13
N GLU A 526 9.62 13.38 -1.19
CA GLU A 526 8.87 12.76 -2.28
C GLU A 526 9.46 11.40 -2.64
N PHE A 527 9.02 10.83 -3.77
CA PHE A 527 9.42 9.48 -4.13
C PHE A 527 10.94 9.37 -4.29
N THR A 528 11.58 10.40 -4.85
CA THR A 528 13.03 10.35 -5.04
C THR A 528 13.73 10.32 -3.69
N CYS A 529 14.85 9.59 -3.64
CA CYS A 529 15.58 9.43 -2.38
C CYS A 529 16.13 10.77 -1.89
N ALA A 530 16.65 11.59 -2.79
CA ALA A 530 17.20 12.90 -2.44
C ALA A 530 16.66 13.94 -3.40
N ASP A 531 16.17 15.06 -2.85
CA ASP A 531 15.69 16.15 -3.68
C ASP A 531 16.83 16.92 -4.34
N CYS A 532 18.02 16.91 -3.73
CA CYS A 532 19.18 17.63 -4.24
C CYS A 532 20.39 16.73 -4.19
N GLY A 533 21.34 16.99 -5.10
CA GLY A 533 22.55 16.20 -5.18
C GLY A 533 23.56 16.51 -4.09
N LEU A 534 23.87 15.53 -3.26
CA LEU A 534 24.84 15.74 -2.19
C LEU A 534 26.24 16.01 -2.75
N GLY A 535 26.63 15.28 -3.80
CA GLY A 535 27.94 15.45 -4.39
C GLY A 535 29.04 14.79 -3.58
N TYR A 536 30.18 15.48 -3.43
CA TYR A 536 31.29 14.96 -2.65
C TYR A 536 31.11 15.16 -1.15
N TRP A 537 30.08 15.90 -0.73
CA TRP A 537 29.81 16.13 0.68
C TRP A 537 28.66 15.24 1.12
N PRO A 538 28.90 14.29 2.02
CA PRO A 538 27.84 13.36 2.42
C PRO A 538 26.67 14.06 3.09
N ASN A 539 25.46 13.55 2.81
CA ASN A 539 24.19 13.98 3.40
C ASN A 539 24.09 15.48 3.64
N ALA A 540 23.59 15.85 4.81
CA ALA A 540 23.36 17.25 5.18
C ALA A 540 23.13 17.29 6.69
N SER A 541 22.68 18.44 7.19
CA SER A 541 22.38 18.62 8.60
C SER A 541 21.04 17.99 9.01
N LEU A 542 20.45 17.15 8.15
CA LEU A 542 19.19 16.46 8.39
C LEU A 542 18.00 17.41 8.53
N THR A 543 18.17 18.68 8.19
CA THR A 543 17.09 19.65 8.21
C THR A 543 16.68 20.08 6.80
N GLY A 544 17.16 19.40 5.77
CA GLY A 544 16.87 19.76 4.40
C GLY A 544 18.11 19.68 3.51
N CYS A 545 18.15 20.49 2.46
CA CYS A 545 19.29 20.54 1.56
C CYS A 545 20.31 21.52 2.10
N PHE A 546 21.42 20.98 2.64
CA PHE A 546 22.49 21.81 3.18
C PHE A 546 23.81 21.59 2.44
N GLU A 547 24.21 20.33 2.25
CA GLU A 547 25.45 19.99 1.54
C GLU A 547 26.65 20.68 2.16
N LEU A 548 26.69 20.72 3.49
CA LEU A 548 27.79 21.36 4.19
C LEU A 548 29.08 20.58 3.98
N PRO A 549 30.20 21.27 3.76
CA PRO A 549 31.49 20.56 3.61
C PRO A 549 31.97 20.01 4.95
N GLN A 550 32.89 19.06 4.86
CA GLN A 550 33.50 18.43 6.03
C GLN A 550 35.00 18.63 6.01
N GLU A 551 35.64 18.29 7.13
CA GLU A 551 37.08 18.44 7.24
C GLU A 551 37.81 17.50 6.29
N TYR A 552 38.91 17.99 5.73
CA TYR A 552 39.72 17.21 4.79
C TYR A 552 40.66 16.30 5.57
N ILE A 553 41.62 15.70 4.86
CA ILE A 553 42.57 14.80 5.50
C ILE A 553 43.48 15.53 6.47
N ARG A 554 43.60 16.85 6.36
CA ARG A 554 44.43 17.62 7.28
C ARG A 554 43.86 17.59 8.68
N TRP A 555 44.75 17.59 9.68
CA TRP A 555 44.34 17.52 11.07
C TRP A 555 45.38 18.23 11.92
N GLY A 556 44.90 18.88 12.98
CA GLY A 556 45.79 19.58 13.89
C GLY A 556 46.62 18.63 14.72
N ASP A 557 47.65 19.19 15.35
CA ASP A 557 48.62 18.40 16.12
C ASP A 557 48.04 18.01 17.48
N ALA A 558 46.90 17.32 17.44
CA ALA A 558 46.30 16.80 18.66
C ALA A 558 47.07 15.58 19.18
N TRP A 559 47.48 14.70 18.27
CA TRP A 559 48.24 13.50 18.64
C TRP A 559 49.63 13.50 18.01
N ALA A 560 50.13 14.68 17.60
CA ALA A 560 51.43 14.81 16.98
C ALA A 560 52.48 15.35 17.95
N VAL A 561 52.27 15.19 19.26
CA VAL A 561 53.23 15.66 20.24
C VAL A 561 54.52 14.87 20.15
N GLY A 562 54.42 13.57 19.84
CA GLY A 562 55.59 12.71 19.73
C GLY A 562 56.57 13.16 18.67
N PRO A 563 56.10 13.44 17.46
CA PRO A 563 56.99 14.04 16.46
C PRO A 563 57.58 15.36 16.91
N VAL A 564 56.80 16.18 17.63
CA VAL A 564 57.33 17.44 18.13
C VAL A 564 58.36 17.20 19.23
N THR A 565 58.10 16.21 20.09
CA THR A 565 59.02 15.91 21.18
C THR A 565 60.38 15.45 20.65
N ILE A 566 60.36 14.63 19.58
CA ILE A 566 61.62 14.17 18.99
C ILE A 566 62.40 15.33 18.42
N ALA A 567 61.71 16.28 17.79
CA ALA A 567 62.39 17.46 17.24
C ALA A 567 63.03 18.28 18.34
N CYS A 568 62.33 18.47 19.46
CA CYS A 568 62.91 19.21 20.58
C CYS A 568 64.12 18.47 21.17
N LEU A 569 64.04 17.15 21.28
CA LEU A 569 65.17 16.38 21.77
C LEU A 569 66.38 16.50 20.84
N GLY A 570 66.13 16.43 19.53
CA GLY A 570 67.21 16.60 18.58
C GLY A 570 67.78 18.01 18.59
N ALA A 571 66.91 19.01 18.69
CA ALA A 571 67.37 20.40 18.76
C ALA A 571 68.19 20.65 20.02
N LEU A 572 67.75 20.09 21.16
CA LEU A 572 68.52 20.22 22.39
C LEU A 572 69.86 19.49 22.29
N ALA A 573 69.86 18.31 21.68
CA ALA A 573 71.10 17.55 21.54
C ALA A 573 72.09 18.27 20.63
N THR A 574 71.62 18.82 19.51
CA THR A 574 72.51 19.52 18.60
C THR A 574 72.91 20.89 19.11
N LEU A 575 72.14 21.47 20.04
CA LEU A 575 72.54 22.75 20.63
C LEU A 575 73.82 22.60 21.44
N PHE A 576 73.93 21.53 22.23
CA PHE A 576 75.14 21.29 22.99
C PHE A 576 76.29 20.89 22.08
N VAL A 577 76.00 20.12 21.03
CA VAL A 577 77.04 19.71 20.09
C VAL A 577 77.61 20.92 19.37
N LEU A 578 76.75 21.83 18.94
CA LEU A 578 77.24 23.05 18.30
C LEU A 578 77.87 24.01 19.30
N GLY A 579 77.38 24.00 20.55
CA GLY A 579 77.94 24.91 21.55
C GLY A 579 79.37 24.59 21.91
N VAL A 580 79.69 23.31 22.11
CA VAL A 580 81.05 22.93 22.45
C VAL A 580 82.01 23.19 21.28
N PHE A 581 81.53 23.00 20.04
CA PHE A 581 82.37 23.25 18.88
C PHE A 581 82.76 24.72 18.80
N VAL A 582 81.82 25.63 19.05
CA VAL A 582 82.13 27.05 19.03
C VAL A 582 83.01 27.43 20.23
N ARG A 583 82.72 26.86 21.40
CA ARG A 583 83.49 27.18 22.59
C ARG A 583 84.94 26.73 22.47
N HIS A 584 85.16 25.54 21.90
CA HIS A 584 86.51 25.02 21.75
C HIS A 584 87.25 25.59 20.56
N ASN A 585 86.56 26.36 19.70
CA ASN A 585 87.17 26.97 18.52
C ASN A 585 87.80 25.94 17.60
N ALA A 586 87.21 24.73 17.54
CA ALA A 586 87.65 23.64 16.68
C ALA A 586 89.10 23.24 16.92
N THR A 587 89.63 23.50 18.12
CA THR A 587 91.02 23.23 18.43
C THR A 587 91.31 21.75 18.68
N PRO A 588 90.63 21.09 19.65
CA PRO A 588 91.12 19.77 20.10
C PRO A 588 91.08 18.68 19.04
N VAL A 589 89.90 18.39 18.50
CA VAL A 589 89.72 17.23 17.64
C VAL A 589 89.14 17.64 16.29
N VAL A 590 88.45 18.78 16.26
CA VAL A 590 87.77 19.20 15.04
C VAL A 590 88.75 19.53 13.92
N LYS A 591 89.95 20.00 14.28
CA LYS A 591 90.97 20.37 13.30
C LYS A 591 91.98 19.25 13.07
N ALA A 592 91.54 17.99 13.14
CA ALA A 592 92.45 16.86 12.98
C ALA A 592 93.06 16.85 11.58
N SER A 593 92.23 16.77 10.55
CA SER A 593 92.71 16.67 9.17
C SER A 593 92.33 17.89 8.34
N GLY A 594 91.04 18.15 8.15
CA GLY A 594 90.62 19.24 7.30
C GLY A 594 89.77 20.29 7.99
N ARG A 595 89.09 19.90 9.06
CA ARG A 595 88.23 20.77 9.85
C ARG A 595 87.09 21.38 9.02
N GLU A 596 86.75 20.74 7.90
CA GLU A 596 85.69 21.25 7.02
C GLU A 596 84.42 20.39 7.07
N LEU A 597 84.57 19.07 7.19
CA LEU A 597 83.41 18.19 7.25
C LEU A 597 82.60 18.40 8.52
N CYS A 598 83.27 18.77 9.61
CA CYS A 598 82.56 19.00 10.87
C CYS A 598 81.56 20.15 10.76
N TYR A 599 81.96 21.24 10.10
CA TYR A 599 81.05 22.36 9.92
C TYR A 599 79.87 21.99 9.04
N ILE A 600 80.11 21.22 7.98
CA ILE A 600 79.04 20.82 7.07
C ILE A 600 78.09 19.86 7.77
N LEU A 601 78.61 18.98 8.63
CA LEU A 601 77.77 18.01 9.31
C LEU A 601 76.78 18.67 10.26
N LEU A 602 77.14 19.82 10.82
CA LEU A 602 76.24 20.53 11.72
C LEU A 602 74.98 21.00 11.00
N GLY A 603 75.14 21.46 9.75
CA GLY A 603 73.98 21.93 9.00
C GLY A 603 73.00 20.81 8.67
N GLY A 604 73.53 19.61 8.38
CA GLY A 604 72.66 18.51 7.98
C GLY A 604 71.71 18.06 9.08
N VAL A 605 72.21 17.93 10.31
CA VAL A 605 71.35 17.51 11.41
C VAL A 605 70.35 18.59 11.76
N PHE A 606 70.75 19.87 11.63
CA PHE A 606 69.85 20.96 11.99
C PHE A 606 68.62 20.99 11.09
N LEU A 607 68.81 20.79 9.78
CA LEU A 607 67.67 20.81 8.86
C LEU A 607 66.83 19.54 8.98
N CYS A 608 67.40 18.43 9.46
CA CYS A 608 66.64 17.20 9.62
C CYS A 608 65.53 17.38 10.67
N TYR A 609 65.84 18.07 11.77
CA TYR A 609 64.84 18.29 12.81
C TYR A 609 63.70 19.15 12.30
N CYS A 610 64.00 20.17 11.48
CA CYS A 610 62.98 21.05 10.95
C CYS A 610 62.04 20.33 9.99
N MET A 611 62.46 19.19 9.44
CA MET A 611 61.60 18.47 8.50
C MET A 611 60.38 17.87 9.18
N THR A 612 60.47 17.59 10.49
CA THR A 612 59.32 17.06 11.21
C THR A 612 58.20 18.09 11.31
N PHE A 613 58.57 19.36 11.55
CA PHE A 613 57.56 20.40 11.72
C PHE A 613 56.78 20.65 10.45
N ILE A 614 57.47 20.68 9.29
CA ILE A 614 56.78 20.96 8.04
C ILE A 614 55.88 19.80 7.62
N PHE A 615 56.27 18.56 7.97
CA PHE A 615 55.49 17.41 7.54
C PHE A 615 54.18 17.28 8.31
N ILE A 616 54.15 17.76 9.56
CA ILE A 616 52.93 17.66 10.37
C ILE A 616 52.00 18.85 10.18
N ALA A 617 52.31 19.76 9.25
CA ALA A 617 51.47 20.91 9.00
C ALA A 617 50.45 20.60 7.90
N LYS A 618 49.38 21.39 7.88
CA LYS A 618 48.34 21.22 6.87
C LYS A 618 48.88 21.58 5.50
N PRO A 619 48.67 20.74 4.48
CA PRO A 619 49.18 21.05 3.14
C PRO A 619 48.48 22.27 2.55
N SER A 620 49.23 23.33 2.33
CA SER A 620 48.72 24.57 1.76
C SER A 620 49.56 24.95 0.55
N THR A 621 49.13 26.00 -0.14
CA THR A 621 49.80 26.42 -1.38
C THR A 621 51.21 26.94 -1.14
N ALA A 622 51.59 27.22 0.11
CA ALA A 622 52.89 27.81 0.39
C ALA A 622 53.83 26.90 1.18
N VAL A 623 53.32 25.84 1.81
CA VAL A 623 54.15 24.99 2.66
C VAL A 623 54.26 23.59 2.06
N CYS A 624 53.25 23.19 1.30
CA CYS A 624 53.23 21.84 0.72
C CYS A 624 54.29 21.65 -0.35
N THR A 625 54.80 22.74 -0.94
CA THR A 625 55.81 22.61 -1.97
C THR A 625 57.17 22.25 -1.39
N LEU A 626 57.44 22.65 -0.14
CA LEU A 626 58.76 22.44 0.44
C LEU A 626 59.01 20.99 0.84
N ARG A 627 57.96 20.24 1.15
CA ARG A 627 58.16 18.87 1.63
C ARG A 627 58.74 17.98 0.54
N ARG A 628 58.29 18.15 -0.70
CA ARG A 628 58.79 17.30 -1.79
C ARG A 628 60.21 17.67 -2.19
N LEU A 629 60.50 18.97 -2.30
CA LEU A 629 61.82 19.40 -2.70
C LEU A 629 62.86 19.13 -1.62
N GLY A 630 62.50 19.35 -0.36
CA GLY A 630 63.45 19.17 0.73
C GLY A 630 63.74 17.73 1.07
N LEU A 631 62.87 16.80 0.65
CA LEU A 631 63.09 15.38 0.98
C LEU A 631 64.40 14.88 0.39
N GLY A 632 64.67 15.19 -0.88
CA GLY A 632 65.93 14.79 -1.48
C GLY A 632 67.12 15.51 -0.88
N THR A 633 66.95 16.78 -0.53
CA THR A 633 68.06 17.56 0.03
C THR A 633 68.43 17.08 1.43
N ALA A 634 67.45 16.60 2.21
CA ALA A 634 67.73 16.15 3.57
C ALA A 634 68.70 14.98 3.57
N PHE A 635 68.50 14.01 2.68
CA PHE A 635 69.41 12.87 2.58
C PHE A 635 70.70 13.25 1.86
N SER A 636 70.66 14.23 0.97
CA SER A 636 71.84 14.61 0.20
C SER A 636 72.90 15.23 1.08
N VAL A 637 72.51 16.11 2.00
CA VAL A 637 73.49 16.81 2.83
C VAL A 637 74.17 15.84 3.79
N CYS A 638 73.40 14.92 4.37
CA CYS A 638 73.99 13.93 5.27
C CYS A 638 74.94 13.00 4.54
N TYR A 639 74.56 12.57 3.33
CA TYR A 639 75.42 11.69 2.55
C TYR A 639 76.64 12.42 2.02
N SER A 640 76.51 13.73 1.76
CA SER A 640 77.64 14.50 1.25
C SER A 640 78.78 14.56 2.27
N ALA A 641 78.44 14.70 3.56
CA ALA A 641 79.48 14.77 4.58
C ALA A 641 80.26 13.47 4.65
N LEU A 642 79.58 12.32 4.57
CA LEU A 642 80.28 11.04 4.55
C LEU A 642 81.14 10.90 3.30
N LEU A 643 80.61 11.30 2.15
CA LEU A 643 81.38 11.24 0.92
C LEU A 643 82.58 12.17 0.95
N THR A 644 82.41 13.37 1.51
CA THR A 644 83.51 14.32 1.60
C THR A 644 84.63 13.80 2.49
N LYS A 645 84.26 13.15 3.61
CA LYS A 645 85.27 12.60 4.50
C LYS A 645 86.08 11.50 3.82
N THR A 646 85.41 10.63 3.07
CA THR A 646 86.12 9.59 2.33
C THR A 646 86.99 10.19 1.23
N ASN A 647 86.49 11.21 0.52
CA ASN A 647 87.27 11.86 -0.51
C ASN A 647 88.48 12.57 0.07
N ARG A 648 88.32 13.23 1.22
CA ARG A 648 89.44 13.92 1.84
C ARG A 648 90.53 12.95 2.27
N ILE A 649 90.14 11.80 2.82
CA ILE A 649 91.11 10.80 3.25
C ILE A 649 91.68 10.07 2.04
N ALA A 669 88.17 23.25 2.92
CA ALA A 669 88.22 24.49 2.16
C ALA A 669 87.67 24.29 0.75
N SER A 670 88.57 24.00 -0.19
CA SER A 670 88.14 23.76 -1.57
C SER A 670 87.27 22.51 -1.68
N GLN A 671 87.61 21.45 -0.93
CA GLN A 671 86.80 20.25 -0.94
C GLN A 671 85.42 20.49 -0.38
N VAL A 672 85.33 21.29 0.69
CA VAL A 672 84.03 21.62 1.28
C VAL A 672 83.17 22.39 0.28
N ALA A 673 83.77 23.36 -0.41
CA ALA A 673 83.04 24.10 -1.43
C ALA A 673 82.59 23.19 -2.57
N ILE A 674 83.46 22.28 -2.99
CA ILE A 674 83.10 21.32 -4.02
C ILE A 674 81.99 20.39 -3.53
N CYS A 675 82.08 19.95 -2.28
CA CYS A 675 81.03 19.11 -1.71
C CYS A 675 79.71 19.86 -1.62
N LEU A 676 79.76 21.15 -1.26
CA LEU A 676 78.54 21.95 -1.21
C LEU A 676 77.92 22.08 -2.60
N ALA A 677 78.74 22.29 -3.63
CA ALA A 677 78.23 22.35 -4.99
C ALA A 677 77.72 20.98 -5.45
N LEU A 678 78.36 19.90 -5.00
CA LEU A 678 77.90 18.56 -5.36
C LEU A 678 76.51 18.28 -4.78
N ILE A 679 76.27 18.75 -3.55
CA ILE A 679 74.96 18.57 -2.93
C ILE A 679 73.90 19.34 -3.71
N SER A 680 74.26 20.51 -4.23
CA SER A 680 73.31 21.29 -5.02
C SER A 680 72.91 20.58 -6.31
N GLY A 681 73.76 19.69 -6.82
CA GLY A 681 73.39 18.93 -8.01
C GLY A 681 72.18 18.04 -7.78
N GLN A 682 72.12 17.39 -6.61
CA GLN A 682 70.97 16.56 -6.28
C GLN A 682 69.71 17.40 -6.08
N LEU A 683 69.87 18.62 -5.55
CA LEU A 683 68.71 19.49 -5.37
C LEU A 683 68.13 19.96 -6.69
N LEU A 684 68.90 19.89 -7.78
CA LEU A 684 68.38 20.29 -9.09
C LEU A 684 67.26 19.36 -9.53
N ILE A 685 67.38 18.07 -9.24
CA ILE A 685 66.33 17.12 -9.58
C ILE A 685 65.05 17.44 -8.82
N VAL A 686 65.18 17.86 -7.56
CA VAL A 686 64.02 18.27 -6.78
C VAL A 686 63.35 19.49 -7.40
N VAL A 687 64.16 20.46 -7.84
CA VAL A 687 63.61 21.65 -8.49
C VAL A 687 62.95 21.26 -9.81
N ALA A 688 63.58 20.36 -10.57
CA ALA A 688 63.00 19.92 -11.84
C ALA A 688 61.66 19.21 -11.61
N TRP A 689 61.59 18.37 -10.57
CA TRP A 689 60.33 17.74 -10.22
C TRP A 689 59.33 18.75 -9.69
N LEU A 690 59.81 19.82 -9.05
CA LEU A 690 58.94 20.86 -8.50
C LEU A 690 58.30 21.72 -9.58
N VAL A 691 58.72 21.58 -10.84
CA VAL A 691 58.13 22.38 -11.91
C VAL A 691 56.64 22.12 -12.03
N VAL A 692 56.22 20.87 -11.87
CA VAL A 692 54.81 20.51 -11.92
C VAL A 692 54.27 20.06 -10.57
N GLU A 693 55.13 19.64 -9.64
CA GLU A 693 54.66 19.18 -8.34
C GLU A 693 54.25 20.34 -7.43
N ALA A 694 54.85 21.51 -7.61
CA ALA A 694 54.53 22.65 -6.74
C ALA A 694 53.05 23.03 -6.77
N PRO A 695 52.39 23.19 -7.95
CA PRO A 695 50.94 23.43 -7.93
C PRO A 695 50.19 22.13 -7.74
N GLY A 696 49.62 21.95 -6.54
CA GLY A 696 48.90 20.72 -6.24
C GLY A 696 47.51 20.95 -5.68
N THR A 697 46.50 20.51 -6.43
CA THR A 697 45.11 20.60 -6.00
C THR A 697 44.40 19.31 -6.40
N GLY A 698 43.33 18.99 -5.66
CA GLY A 698 42.52 17.83 -5.93
C GLY A 698 42.26 17.04 -4.67
N LYS A 699 41.65 15.87 -4.85
CA LYS A 699 41.32 14.99 -3.74
C LYS A 699 41.38 13.55 -4.21
N GLU A 700 41.52 12.63 -3.25
CA GLU A 700 41.61 11.21 -3.51
C GLU A 700 40.49 10.45 -2.83
N THR A 701 39.27 10.98 -2.94
CA THR A 701 38.12 10.35 -2.31
C THR A 701 37.77 9.04 -3.02
N ALA A 702 37.10 8.16 -2.27
CA ALA A 702 36.70 6.85 -2.76
C ALA A 702 35.23 6.61 -2.44
N PRO A 703 34.55 5.76 -3.21
CA PRO A 703 33.13 5.48 -2.93
C PRO A 703 32.94 4.58 -1.71
N GLU A 704 33.58 4.94 -0.61
CA GLU A 704 33.46 4.19 0.64
C GLU A 704 33.96 5.08 1.77
N ARG A 705 33.27 5.02 2.92
CA ARG A 705 33.58 5.85 4.08
C ARG A 705 33.55 7.33 3.72
N ARG A 706 32.35 7.79 3.35
CA ARG A 706 32.16 9.16 2.89
C ARG A 706 32.37 10.20 3.98
N GLU A 707 32.48 9.78 5.25
CA GLU A 707 32.67 10.73 6.33
C GLU A 707 34.01 11.46 6.22
N VAL A 708 34.98 10.91 5.50
CA VAL A 708 36.27 11.56 5.28
C VAL A 708 36.32 12.08 3.85
N VAL A 709 36.97 13.22 3.67
CA VAL A 709 37.09 13.84 2.36
C VAL A 709 38.34 13.36 1.62
N THR A 710 39.45 13.21 2.34
CA THR A 710 40.72 12.78 1.78
C THR A 710 41.16 13.71 0.64
N LEU A 711 41.29 14.99 0.99
CA LEU A 711 41.74 16.03 0.05
C LEU A 711 43.12 16.50 0.49
N ARG A 712 44.07 16.45 -0.44
CA ARG A 712 45.44 16.84 -0.16
C ARG A 712 46.08 17.36 -1.44
N CYS A 713 47.39 17.52 -1.41
CA CYS A 713 48.13 18.03 -2.56
C CYS A 713 48.17 16.99 -3.68
N ASN A 714 48.25 17.48 -4.92
CA ASN A 714 48.54 16.58 -6.03
C ASN A 714 49.94 16.02 -5.94
N HIS A 715 50.88 16.80 -5.41
CA HIS A 715 52.23 16.29 -5.19
C HIS A 715 52.26 15.28 -4.05
N ARG A 716 51.29 15.33 -3.14
CA ARG A 716 51.23 14.34 -2.06
C ARG A 716 51.01 12.94 -2.63
N ASP A 717 50.14 12.81 -3.62
CA ASP A 717 49.99 11.53 -4.33
C ASP A 717 51.27 11.18 -5.07
N ALA A 718 51.93 12.17 -5.67
CA ALA A 718 53.18 11.96 -6.38
C ALA A 718 54.40 11.97 -5.47
N SER A 719 54.21 12.19 -4.17
CA SER A 719 55.35 12.17 -3.25
C SER A 719 55.99 10.79 -3.19
N MET A 720 55.22 9.73 -3.39
CA MET A 720 55.79 8.39 -3.42
C MET A 720 56.78 8.23 -4.57
N LEU A 721 56.44 8.76 -5.74
CA LEU A 721 57.37 8.73 -6.87
C LEU A 721 58.60 9.60 -6.58
N GLY A 722 58.40 10.77 -5.98
CA GLY A 722 59.53 11.61 -5.66
C GLY A 722 60.42 11.02 -4.59
N SER A 723 59.82 10.38 -3.58
CA SER A 723 60.61 9.76 -2.51
C SER A 723 61.44 8.59 -3.03
N LEU A 724 60.91 7.84 -4.01
CA LEU A 724 61.66 6.70 -4.55
C LEU A 724 62.94 7.16 -5.24
N ALA A 725 62.87 8.26 -6.00
CA ALA A 725 64.06 8.77 -6.67
C ALA A 725 65.08 9.29 -5.66
N TYR A 726 64.62 9.98 -4.62
CA TYR A 726 65.53 10.52 -3.62
C TYR A 726 66.25 9.42 -2.86
N ASN A 727 65.52 8.35 -2.50
CA ASN A 727 66.12 7.28 -1.72
C ASN A 727 67.17 6.51 -2.51
N VAL A 728 67.06 6.49 -3.85
CA VAL A 728 68.02 5.76 -4.66
C VAL A 728 69.42 6.36 -4.55
N LEU A 729 69.51 7.70 -4.61
CA LEU A 729 70.81 8.35 -4.56
C LEU A 729 71.48 8.18 -3.20
N LEU A 730 70.71 8.27 -2.12
CA LEU A 730 71.29 8.18 -0.78
C LEU A 730 71.86 6.79 -0.51
N ILE A 731 71.17 5.75 -0.96
CA ILE A 731 71.62 4.38 -0.68
C ILE A 731 72.96 4.09 -1.35
N ALA A 732 73.11 4.50 -2.61
CA ALA A 732 74.33 4.19 -3.36
C ALA A 732 75.56 4.86 -2.74
N LEU A 733 75.42 6.12 -2.32
CA LEU A 733 76.56 6.86 -1.79
C LEU A 733 77.06 6.25 -0.48
N CYS A 734 76.14 5.83 0.40
CA CYS A 734 76.55 5.35 1.71
C CYS A 734 77.30 4.03 1.63
N THR A 735 76.84 3.11 0.78
CA THR A 735 77.44 1.78 0.74
C THR A 735 78.82 1.80 0.06
N LEU A 736 79.06 2.76 -0.83
CA LEU A 736 80.33 2.80 -1.54
C LEU A 736 81.49 3.11 -0.60
N TYR A 737 81.30 4.06 0.33
CA TYR A 737 82.38 4.45 1.23
C TYR A 737 82.77 3.33 2.18
N ALA A 738 81.78 2.60 2.71
CA ALA A 738 82.07 1.56 3.69
C ALA A 738 82.89 0.43 3.08
N PHE A 739 82.55 0.00 1.87
CA PHE A 739 83.25 -1.11 1.24
C PHE A 739 84.63 -0.71 0.72
N LYS A 740 84.77 0.54 0.26
CA LYS A 740 86.05 0.98 -0.29
C LYS A 740 87.14 1.00 0.78
N THR A 741 86.84 1.49 1.97
CA THR A 741 87.83 1.59 3.04
C THR A 741 88.01 0.28 3.81
N ARG A 742 87.14 -0.71 3.59
CA ARG A 742 87.25 -1.99 4.29
C ARG A 742 88.09 -2.97 3.49
N GLU A 746 93.99 5.61 6.73
CA GLU A 746 94.16 6.77 7.57
C GLU A 746 94.27 6.37 9.05
N ASN A 747 93.78 7.23 9.93
CA ASN A 747 93.81 6.93 11.36
C ASN A 747 92.88 5.77 11.68
N PHE A 748 93.34 4.92 12.61
CA PHE A 748 92.52 3.77 13.01
C PHE A 748 91.22 4.20 13.65
N ASN A 749 91.27 5.21 14.53
CA ASN A 749 90.05 5.72 15.14
C ASN A 749 89.12 6.36 14.12
N GLU A 750 89.68 7.13 13.19
CA GLU A 750 88.87 7.75 12.15
C GLU A 750 88.25 6.70 11.23
N ALA A 751 89.03 5.68 10.85
CA ALA A 751 88.49 4.64 9.97
C ALA A 751 87.38 3.86 10.66
N LYS A 752 87.57 3.55 11.96
CA LYS A 752 86.54 2.83 12.70
C LYS A 752 85.28 3.68 12.84
N PHE A 753 85.44 4.98 13.09
CA PHE A 753 84.29 5.87 13.24
C PHE A 753 83.48 5.95 11.95
N ILE A 754 84.17 5.98 10.80
CA ILE A 754 83.47 6.04 9.52
C ILE A 754 82.62 4.80 9.32
N GLY A 755 83.11 3.63 9.75
CA GLY A 755 82.35 2.41 9.59
C GLY A 755 81.03 2.43 10.34
N PHE A 756 81.03 2.96 11.57
CA PHE A 756 79.79 3.05 12.33
C PHE A 756 78.80 3.99 11.67
N THR A 757 79.26 5.14 11.17
CA THR A 757 78.37 6.10 10.54
C THR A 757 77.81 5.55 9.21
N MET A 758 78.66 4.86 8.44
CA MET A 758 78.21 4.32 7.16
C MET A 758 77.12 3.26 7.37
N TYR A 759 77.31 2.38 8.36
CA TYR A 759 76.31 1.35 8.63
C TYR A 759 75.04 1.95 9.25
N THR A 760 75.19 2.99 10.06
CA THR A 760 74.01 3.60 10.69
C THR A 760 73.10 4.25 9.66
N THR A 761 73.68 4.89 8.63
CA THR A 761 72.86 5.51 7.60
C THR A 761 72.08 4.46 6.81
N CYS A 762 72.73 3.33 6.49
CA CYS A 762 72.06 2.30 5.70
C CYS A 762 70.96 1.61 6.49
N ILE A 763 71.21 1.31 7.77
CA ILE A 763 70.20 0.61 8.56
C ILE A 763 69.00 1.51 8.84
N ILE A 764 69.21 2.81 8.93
CA ILE A 764 68.10 3.74 9.13
C ILE A 764 67.16 3.72 7.93
N TRP A 765 67.73 3.76 6.71
CA TRP A 765 66.92 3.70 5.51
C TRP A 765 66.31 2.33 5.31
N LEU A 766 67.02 1.27 5.68
CA LEU A 766 66.51 -0.09 5.51
C LEU A 766 65.26 -0.32 6.37
N ALA A 767 65.26 0.21 7.60
CA ALA A 767 64.13 0.04 8.49
C ALA A 767 62.89 0.80 8.04
N PHE A 768 63.03 1.74 7.10
CA PHE A 768 61.87 2.49 6.63
C PHE A 768 60.95 1.63 5.77
N LEU A 769 61.51 0.67 5.03
CA LEU A 769 60.69 -0.15 4.14
C LEU A 769 59.63 -0.97 4.87
N PRO A 770 59.93 -1.70 5.95
CA PRO A 770 58.86 -2.43 6.65
C PRO A 770 57.78 -1.51 7.21
N ILE A 771 58.14 -0.31 7.67
CA ILE A 771 57.16 0.61 8.21
C ILE A 771 56.24 1.14 7.11
N PHE A 772 56.76 1.30 5.90
CA PHE A 772 55.97 1.85 4.80
C PHE A 772 54.77 0.96 4.47
N TYR A 773 54.98 -0.36 4.47
CA TYR A 773 53.89 -1.29 4.19
C TYR A 773 52.83 -1.27 5.29
N VAL A 774 53.24 -0.94 6.52
CA VAL A 774 52.29 -0.92 7.64
C VAL A 774 51.27 0.19 7.45
N THR A 775 51.73 1.38 7.06
CA THR A 775 50.83 2.53 6.95
C THR A 775 50.04 2.49 5.64
N SER A 776 50.75 2.54 4.52
CA SER A 776 50.13 2.51 3.19
C SER A 776 49.09 3.62 3.03
N SER A 777 49.46 4.82 3.51
CA SER A 777 48.61 6.02 3.43
C SER A 777 47.26 5.78 4.11
N ASP A 778 47.31 5.54 5.41
CA ASP A 778 46.12 5.27 6.20
C ASP A 778 45.40 6.54 6.63
N TYR A 779 45.97 7.72 6.39
CA TYR A 779 45.44 9.04 6.74
C TYR A 779 45.42 9.29 8.24
N ARG A 780 45.82 8.31 9.06
CA ARG A 780 45.94 8.48 10.50
C ARG A 780 47.14 7.66 10.95
N VAL A 781 48.14 8.34 11.52
CA VAL A 781 49.47 7.76 11.74
C VAL A 781 49.92 7.21 10.39
N GLN A 782 49.88 8.07 9.37
CA GLN A 782 50.11 7.68 7.99
C GLN A 782 51.59 7.82 7.66
N THR A 783 51.93 7.82 6.36
CA THR A 783 53.31 7.92 5.92
C THR A 783 54.05 9.11 6.51
N THR A 784 53.34 10.13 6.98
CA THR A 784 54.00 11.25 7.65
C THR A 784 54.69 10.80 8.94
N THR A 785 54.17 9.75 9.58
CA THR A 785 54.76 9.27 10.84
C THR A 785 56.13 8.67 10.60
N MET A 786 56.27 7.80 9.59
CA MET A 786 57.56 7.15 9.37
C MET A 786 58.59 8.14 8.84
N CYS A 787 58.16 9.17 8.11
CA CYS A 787 59.10 10.20 7.68
C CYS A 787 59.69 10.93 8.88
N VAL A 788 58.89 11.16 9.91
CA VAL A 788 59.41 11.74 11.15
C VAL A 788 60.38 10.78 11.82
N SER A 789 60.03 9.48 11.86
CA SER A 789 60.85 8.50 12.55
C SER A 789 62.22 8.36 11.92
N VAL A 790 62.27 8.31 10.58
CA VAL A 790 63.57 8.18 9.90
C VAL A 790 64.40 9.44 10.08
N SER A 791 63.75 10.61 10.08
CA SER A 791 64.46 11.85 10.37
C SER A 791 64.93 11.87 11.82
N LEU A 792 64.09 11.40 12.74
CA LEU A 792 64.50 11.31 14.14
C LEU A 792 65.64 10.32 14.32
N SER A 793 65.58 9.18 13.62
CA SER A 793 66.67 8.21 13.68
C SER A 793 67.94 8.79 13.08
N GLY A 794 67.80 9.58 12.01
CA GLY A 794 68.97 10.22 11.42
C GLY A 794 69.66 11.19 12.36
N SER A 795 68.89 11.85 13.24
CA SER A 795 69.48 12.70 14.24
C SER A 795 70.36 11.90 15.20
N VAL A 796 69.90 10.71 15.59
CA VAL A 796 70.72 9.83 16.43
C VAL A 796 71.95 9.38 15.66
N VAL A 797 71.82 9.15 14.36
CA VAL A 797 72.96 8.76 13.54
C VAL A 797 74.01 9.87 13.53
N LEU A 798 73.57 11.12 13.35
CA LEU A 798 74.50 12.24 13.38
C LEU A 798 75.12 12.41 14.75
N GLY A 799 74.32 12.24 15.81
CA GLY A 799 74.86 12.34 17.16
C GLY A 799 75.85 11.24 17.48
N CYS A 800 75.63 10.03 16.96
CA CYS A 800 76.54 8.93 17.22
C CYS A 800 77.91 9.17 16.59
N LEU A 801 77.97 9.94 15.50
CA LEU A 801 79.26 10.23 14.87
C LEU A 801 80.16 11.03 15.80
N PHE A 802 79.61 12.02 16.50
CA PHE A 802 80.37 12.85 17.42
C PHE A 802 80.18 12.45 18.88
N ALA A 803 79.53 11.33 19.13
CA ALA A 803 79.32 10.89 20.51
C ALA A 803 80.62 10.62 21.26
N PRO A 804 81.61 9.90 20.71
CA PRO A 804 82.86 9.69 21.44
C PRO A 804 83.94 10.74 21.15
N LYS A 805 83.66 11.71 20.28
CA LYS A 805 84.67 12.72 19.96
C LYS A 805 84.99 13.59 21.17
N LEU A 806 83.97 13.99 21.93
CA LEU A 806 84.15 14.83 23.10
C LEU A 806 83.65 14.18 24.39
N HIS A 807 83.38 12.87 24.36
CA HIS A 807 82.90 12.19 25.57
C HIS A 807 83.95 12.20 26.67
N ILE A 808 85.22 11.99 26.31
CA ILE A 808 86.30 11.94 27.30
C ILE A 808 86.97 13.29 27.50
N ILE A 809 86.50 14.34 26.83
CA ILE A 809 87.08 15.67 26.99
C ILE A 809 86.38 16.43 28.10
N ARG B 39 -51.74 5.73 -27.99
CA ARG B 39 -51.65 4.47 -27.26
C ARG B 39 -51.56 3.28 -28.20
N ARG B 40 -50.35 2.78 -28.40
CA ARG B 40 -50.10 1.63 -29.25
C ARG B 40 -50.00 0.37 -28.39
N GLU B 41 -50.76 -0.65 -28.75
CA GLU B 41 -50.76 -1.89 -27.99
C GLU B 41 -51.30 -3.01 -28.88
N ILE B 42 -51.04 -4.24 -28.45
CA ILE B 42 -51.56 -5.44 -29.10
C ILE B 42 -52.58 -6.08 -28.18
N LYS B 43 -53.81 -6.19 -28.65
CA LYS B 43 -54.92 -6.72 -27.86
C LYS B 43 -55.66 -7.76 -28.69
N ILE B 44 -55.36 -9.03 -28.44
CA ILE B 44 -56.02 -10.15 -29.12
C ILE B 44 -57.02 -10.76 -28.15
N GLU B 45 -58.27 -10.88 -28.59
CA GLU B 45 -59.33 -11.41 -27.74
C GLU B 45 -59.13 -12.90 -27.48
N GLY B 46 -59.59 -13.34 -26.32
CA GLY B 46 -59.49 -14.75 -25.96
C GLY B 46 -60.12 -14.97 -24.60
N ASP B 47 -60.26 -16.26 -24.26
CA ASP B 47 -60.82 -16.63 -22.96
C ASP B 47 -59.93 -16.16 -21.83
N LEU B 48 -58.62 -16.34 -21.97
CA LEU B 48 -57.64 -15.89 -20.99
C LEU B 48 -56.65 -14.97 -21.67
N VAL B 49 -56.37 -13.83 -21.04
CA VAL B 49 -55.49 -12.81 -21.59
C VAL B 49 -54.21 -12.77 -20.77
N LEU B 50 -53.07 -12.85 -21.44
CA LEU B 50 -51.76 -12.79 -20.81
C LEU B 50 -51.12 -11.45 -21.08
N GLY B 51 -50.66 -10.78 -20.03
CA GLY B 51 -50.02 -9.48 -20.19
C GLY B 51 -48.67 -9.58 -20.86
N GLY B 52 -48.25 -8.47 -21.47
CA GLY B 52 -46.98 -8.41 -22.15
C GLY B 52 -46.30 -7.08 -22.03
N LEU B 53 -44.99 -7.10 -21.73
CA LEU B 53 -44.20 -5.88 -21.59
C LEU B 53 -42.87 -6.09 -22.29
N PHE B 54 -42.66 -5.39 -23.39
CA PHE B 54 -41.44 -5.50 -24.16
C PHE B 54 -40.86 -4.12 -24.44
N PRO B 55 -39.55 -4.01 -24.54
CA PRO B 55 -38.92 -2.70 -24.86
C PRO B 55 -38.82 -2.48 -26.38
N ILE B 56 -39.96 -2.25 -27.01
CA ILE B 56 -39.99 -2.00 -28.44
C ILE B 56 -39.22 -0.71 -28.77
N ASN B 57 -39.46 0.34 -27.99
CA ASN B 57 -38.77 1.61 -28.17
C ASN B 57 -37.66 1.75 -27.13
N GLU B 58 -36.59 2.42 -27.52
CA GLU B 58 -35.42 2.56 -26.66
C GLU B 58 -35.62 3.72 -25.68
N LYS B 59 -34.54 4.11 -24.99
CA LYS B 59 -34.66 5.07 -23.90
C LYS B 59 -35.12 6.44 -24.40
N GLY B 60 -34.48 6.95 -25.45
CA GLY B 60 -34.78 8.27 -25.94
C GLY B 60 -33.86 9.34 -25.36
N THR B 61 -33.79 10.46 -26.07
CA THR B 61 -32.86 11.54 -25.71
C THR B 61 -33.53 12.58 -24.81
N GLY B 62 -34.12 12.08 -23.72
CA GLY B 62 -34.66 12.95 -22.69
C GLY B 62 -35.93 13.70 -23.06
N THR B 63 -35.88 14.46 -24.16
CA THR B 63 -37.02 15.27 -24.56
C THR B 63 -38.24 14.42 -24.87
N GLU B 64 -38.04 13.20 -25.34
CA GLU B 64 -39.13 12.28 -25.65
C GLU B 64 -39.08 11.09 -24.71
N GLU B 65 -40.26 10.52 -24.43
CA GLU B 65 -40.33 9.36 -23.54
C GLU B 65 -39.58 8.18 -24.13
N CYS B 66 -39.72 7.94 -25.43
CA CYS B 66 -39.01 6.86 -26.10
C CYS B 66 -38.96 7.17 -27.59
N GLY B 67 -37.82 6.90 -28.21
CA GLY B 67 -37.61 7.28 -29.60
C GLY B 67 -37.52 6.13 -30.58
N ARG B 68 -36.30 5.79 -30.98
CA ARG B 68 -36.09 4.81 -32.03
C ARG B 68 -36.48 3.41 -31.57
N ILE B 69 -36.79 2.56 -32.56
CA ILE B 69 -37.27 1.21 -32.31
C ILE B 69 -36.08 0.29 -32.00
N ASN B 70 -36.24 -0.54 -30.97
CA ASN B 70 -35.26 -1.58 -30.64
C ASN B 70 -35.58 -2.79 -31.50
N GLU B 71 -34.78 -3.00 -32.55
CA GLU B 71 -35.11 -4.02 -33.54
C GLU B 71 -34.86 -5.43 -33.01
N ASP B 72 -33.75 -5.62 -32.30
CA ASP B 72 -33.36 -6.97 -31.90
C ASP B 72 -34.05 -7.40 -30.61
N ARG B 73 -33.95 -6.61 -29.55
CA ARG B 73 -34.47 -6.97 -28.25
C ARG B 73 -35.88 -6.42 -27.99
N GLY B 74 -36.49 -5.77 -28.97
CA GLY B 74 -37.82 -5.23 -28.76
C GLY B 74 -38.85 -5.73 -29.75
N ILE B 75 -38.40 -6.16 -30.93
CA ILE B 75 -39.29 -6.63 -31.98
C ILE B 75 -39.29 -8.16 -32.07
N GLN B 76 -38.10 -8.76 -32.08
CA GLN B 76 -38.02 -10.22 -32.16
C GLN B 76 -38.63 -10.87 -30.93
N ARG B 77 -38.37 -10.32 -29.75
CA ARG B 77 -38.99 -10.84 -28.54
C ARG B 77 -40.49 -10.63 -28.55
N LEU B 78 -40.94 -9.49 -29.06
CA LEU B 78 -42.38 -9.24 -29.17
C LEU B 78 -43.05 -10.23 -30.11
N GLU B 79 -42.41 -10.53 -31.25
CA GLU B 79 -42.98 -11.49 -32.18
C GLU B 79 -42.82 -12.92 -31.67
N ALA B 80 -41.83 -13.18 -30.83
CA ALA B 80 -41.67 -14.52 -30.26
C ALA B 80 -42.84 -14.87 -29.37
N MET B 81 -43.32 -13.91 -28.56
CA MET B 81 -44.49 -14.16 -27.73
C MET B 81 -45.73 -14.41 -28.58
N LEU B 82 -45.91 -13.63 -29.64
CA LEU B 82 -47.03 -13.85 -30.56
C LEU B 82 -46.92 -15.20 -31.26
N PHE B 83 -45.69 -15.58 -31.66
CA PHE B 83 -45.48 -16.87 -32.30
C PHE B 83 -45.81 -18.02 -31.35
N ALA B 84 -45.40 -17.90 -30.09
CA ALA B 84 -45.69 -18.94 -29.11
C ALA B 84 -47.18 -19.06 -28.84
N ILE B 85 -47.88 -17.92 -28.78
CA ILE B 85 -49.32 -17.93 -28.51
C ILE B 85 -50.07 -18.63 -29.64
N ASP B 86 -49.69 -18.34 -30.88
CA ASP B 86 -50.33 -18.99 -32.03
C ASP B 86 -50.09 -20.49 -32.01
N GLU B 87 -48.88 -20.91 -31.64
CA GLU B 87 -48.58 -22.34 -31.56
C GLU B 87 -49.39 -23.01 -30.47
N ILE B 88 -49.57 -22.34 -29.32
CA ILE B 88 -50.35 -22.91 -28.23
C ILE B 88 -51.81 -23.06 -28.64
N ASN B 89 -52.37 -22.04 -29.31
CA ASN B 89 -53.75 -22.12 -29.75
C ASN B 89 -53.97 -23.19 -30.81
N LYS B 90 -52.92 -23.59 -31.52
CA LYS B 90 -53.01 -24.65 -32.52
C LYS B 90 -52.75 -26.03 -31.95
N ASP B 91 -52.38 -26.12 -30.68
CA ASP B 91 -52.08 -27.40 -30.05
C ASP B 91 -53.35 -28.01 -29.46
N ASP B 92 -53.37 -29.35 -29.42
CA ASP B 92 -54.50 -30.08 -28.86
C ASP B 92 -54.24 -30.60 -27.45
N TYR B 93 -52.98 -30.82 -27.09
CA TYR B 93 -52.63 -31.33 -25.77
C TYR B 93 -52.30 -30.22 -24.77
N LEU B 94 -52.41 -28.95 -25.18
CA LEU B 94 -52.13 -27.82 -24.30
C LEU B 94 -53.30 -26.86 -24.39
N LEU B 95 -54.12 -26.80 -23.33
CA LEU B 95 -55.31 -25.97 -23.25
C LEU B 95 -56.23 -26.20 -24.45
N PRO B 96 -56.86 -27.37 -24.54
CA PRO B 96 -57.75 -27.64 -25.68
C PRO B 96 -59.09 -26.95 -25.50
N GLY B 97 -59.52 -26.22 -26.53
CA GLY B 97 -60.79 -25.52 -26.49
C GLY B 97 -60.76 -24.17 -25.79
N VAL B 98 -59.62 -23.75 -25.26
CA VAL B 98 -59.48 -22.47 -24.57
C VAL B 98 -58.50 -21.62 -25.37
N LYS B 99 -58.95 -20.44 -25.79
CA LYS B 99 -58.12 -19.52 -26.55
C LYS B 99 -57.39 -18.57 -25.63
N LEU B 100 -56.11 -18.33 -25.91
CA LEU B 100 -55.26 -17.48 -25.10
C LEU B 100 -55.14 -16.12 -25.79
N GLY B 101 -55.46 -15.05 -25.06
CA GLY B 101 -55.31 -13.71 -25.54
C GLY B 101 -54.05 -13.04 -25.01
N VAL B 102 -53.71 -11.90 -25.60
CA VAL B 102 -52.53 -11.15 -25.22
C VAL B 102 -52.89 -9.67 -25.12
N HIS B 103 -52.30 -8.99 -24.14
CA HIS B 103 -52.41 -7.54 -23.98
C HIS B 103 -50.98 -7.03 -23.80
N ILE B 104 -50.31 -6.76 -24.91
CA ILE B 104 -48.90 -6.41 -24.93
C ILE B 104 -48.76 -4.90 -24.97
N LEU B 105 -47.89 -4.37 -24.10
CA LEU B 105 -47.64 -2.94 -24.01
C LEU B 105 -46.15 -2.68 -24.10
N ASP B 106 -45.81 -1.46 -24.51
CA ASP B 106 -44.42 -1.05 -24.69
C ASP B 106 -43.94 -0.31 -23.44
N THR B 107 -42.79 -0.71 -22.92
CA THR B 107 -42.20 -0.08 -21.75
C THR B 107 -41.29 1.09 -22.10
N CYS B 108 -40.92 1.24 -23.38
CA CYS B 108 -40.02 2.31 -23.84
C CYS B 108 -38.68 2.26 -23.11
N SER B 109 -38.27 1.07 -22.66
CA SER B 109 -36.98 0.84 -22.02
C SER B 109 -36.79 1.70 -20.77
N ARG B 110 -37.88 2.05 -20.09
CA ARG B 110 -37.81 2.82 -18.86
C ARG B 110 -38.89 2.35 -17.90
N ASP B 111 -38.54 2.32 -16.61
CA ASP B 111 -39.48 1.83 -15.60
C ASP B 111 -40.58 2.84 -15.30
N THR B 112 -40.30 4.14 -15.45
CA THR B 112 -41.31 5.16 -15.19
C THR B 112 -42.47 5.04 -16.18
N TYR B 113 -42.16 4.83 -17.46
CA TYR B 113 -43.22 4.65 -18.45
C TYR B 113 -43.86 3.28 -18.37
N ALA B 114 -43.09 2.27 -17.94
CA ALA B 114 -43.64 0.92 -17.81
C ALA B 114 -44.69 0.85 -16.71
N LEU B 115 -44.49 1.58 -15.61
CA LEU B 115 -45.44 1.55 -14.51
C LEU B 115 -46.79 2.11 -14.93
N GLU B 116 -46.79 3.18 -15.74
CA GLU B 116 -48.05 3.72 -16.25
C GLU B 116 -48.76 2.70 -17.14
N GLN B 117 -48.00 2.02 -18.00
CA GLN B 117 -48.60 0.99 -18.84
C GLN B 117 -49.07 -0.20 -18.01
N SER B 118 -48.32 -0.56 -16.97
CA SER B 118 -48.69 -1.69 -16.12
C SER B 118 -49.98 -1.44 -15.35
N LEU B 119 -50.43 -0.19 -15.27
CA LEU B 119 -51.69 0.11 -14.59
C LEU B 119 -52.90 -0.47 -15.32
N GLU B 120 -52.77 -0.73 -16.63
CA GLU B 120 -53.87 -1.33 -17.37
C GLU B 120 -54.09 -2.79 -16.99
N PHE B 121 -53.03 -3.49 -16.57
CA PHE B 121 -53.17 -4.87 -16.15
C PHE B 121 -53.96 -4.99 -14.86
N VAL B 122 -53.90 -3.98 -13.99
CA VAL B 122 -54.56 -4.01 -12.70
C VAL B 122 -55.77 -3.10 -12.65
N ARG B 123 -56.12 -2.44 -13.75
CA ARG B 123 -57.28 -1.56 -13.75
C ARG B 123 -58.58 -2.34 -13.54
N ALA B 124 -58.68 -3.53 -14.13
CA ALA B 124 -59.87 -4.34 -13.95
C ALA B 124 -60.03 -4.79 -12.51
N SER B 125 -58.94 -5.14 -11.85
CA SER B 125 -59.00 -5.59 -10.47
C SER B 125 -59.32 -4.45 -9.50
N LEU B 126 -59.18 -3.20 -9.94
CA LEU B 126 -59.49 -2.05 -9.08
C LEU B 126 -60.99 -1.80 -9.02
N PRO B 148 -61.15 -2.65 -19.98
CA PRO B 148 -60.44 -3.32 -18.87
C PRO B 148 -60.59 -4.83 -18.90
N LEU B 149 -59.54 -5.52 -19.35
CA LEU B 149 -59.55 -6.97 -19.42
C LEU B 149 -58.92 -7.59 -18.18
N LEU B 150 -59.33 -8.83 -17.90
CA LEU B 150 -58.79 -9.57 -16.76
C LEU B 150 -57.52 -10.30 -17.18
N ILE B 151 -56.41 -9.91 -16.58
CA ILE B 151 -55.10 -10.47 -16.93
C ILE B 151 -54.81 -11.63 -15.99
N ALA B 152 -54.62 -12.82 -16.56
CA ALA B 152 -54.26 -13.98 -15.76
C ALA B 152 -52.82 -13.91 -15.31
N GLY B 153 -51.92 -13.49 -16.19
CA GLY B 153 -50.51 -13.37 -15.85
C GLY B 153 -49.81 -12.46 -16.83
N VAL B 154 -48.62 -12.01 -16.43
CA VAL B 154 -47.81 -11.09 -17.22
C VAL B 154 -46.53 -11.81 -17.63
N ILE B 155 -46.29 -11.89 -18.94
CA ILE B 155 -45.07 -12.51 -19.46
C ILE B 155 -43.96 -11.50 -19.69
N GLY B 156 -44.27 -10.20 -19.61
CA GLY B 156 -43.29 -9.18 -19.92
C GLY B 156 -42.25 -9.01 -18.83
N GLY B 157 -41.34 -8.06 -19.06
CA GLY B 157 -40.25 -7.79 -18.16
C GLY B 157 -38.91 -8.16 -18.74
N SER B 158 -38.18 -7.16 -19.25
CA SER B 158 -36.86 -7.36 -19.82
C SER B 158 -35.75 -6.75 -18.97
N TYR B 159 -35.86 -5.47 -18.63
CA TYR B 159 -34.90 -4.83 -17.76
C TYR B 159 -35.22 -5.13 -16.30
N SER B 160 -34.17 -5.22 -15.50
CA SER B 160 -34.36 -5.53 -14.08
C SER B 160 -35.12 -4.41 -13.37
N SER B 161 -34.81 -3.16 -13.70
CA SER B 161 -35.52 -2.03 -13.10
C SER B 161 -36.99 -2.04 -13.50
N VAL B 162 -37.28 -2.35 -14.76
CA VAL B 162 -38.66 -2.41 -15.22
C VAL B 162 -39.43 -3.53 -14.52
N SER B 163 -38.81 -4.71 -14.41
CA SER B 163 -39.49 -5.84 -13.80
C SER B 163 -39.77 -5.60 -12.32
N ILE B 164 -38.81 -5.01 -11.60
CA ILE B 164 -39.00 -4.78 -10.17
C ILE B 164 -40.13 -3.80 -9.92
N GLN B 165 -40.20 -2.71 -10.70
CA GLN B 165 -41.27 -1.74 -10.51
C GLN B 165 -42.63 -2.36 -10.82
N VAL B 166 -42.72 -3.18 -11.87
CA VAL B 166 -43.98 -3.83 -12.20
C VAL B 166 -44.34 -4.87 -11.15
N ALA B 167 -43.35 -5.60 -10.66
CA ALA B 167 -43.61 -6.63 -9.64
C ALA B 167 -44.13 -6.02 -8.35
N ASN B 168 -43.70 -4.79 -8.02
CA ASN B 168 -44.19 -4.13 -6.82
C ASN B 168 -45.67 -3.81 -6.92
N LEU B 169 -46.17 -3.58 -8.13
CA LEU B 169 -47.59 -3.29 -8.33
C LEU B 169 -48.42 -4.55 -8.56
N LEU B 170 -47.85 -5.56 -9.22
CA LEU B 170 -48.60 -6.78 -9.49
C LEU B 170 -48.86 -7.58 -8.23
N ARG B 171 -47.94 -7.54 -7.25
CA ARG B 171 -48.12 -8.28 -6.02
C ARG B 171 -49.30 -7.77 -5.19
N LEU B 172 -49.71 -6.52 -5.39
CA LEU B 172 -50.86 -5.98 -4.68
C LEU B 172 -52.19 -6.49 -5.24
N PHE B 173 -52.18 -7.11 -6.42
CA PHE B 173 -53.39 -7.60 -7.06
C PHE B 173 -53.32 -9.09 -7.35
N GLN B 174 -52.30 -9.79 -6.84
CA GLN B 174 -52.15 -11.24 -6.99
C GLN B 174 -52.13 -11.64 -8.46
N ILE B 175 -51.22 -11.02 -9.21
CA ILE B 175 -51.03 -11.32 -10.63
C ILE B 175 -49.65 -11.96 -10.82
N PRO B 176 -49.59 -13.23 -11.18
CA PRO B 176 -48.27 -13.86 -11.42
C PRO B 176 -47.55 -13.20 -12.58
N GLN B 177 -46.22 -13.12 -12.46
CA GLN B 177 -45.38 -12.50 -13.47
C GLN B 177 -44.19 -13.41 -13.76
N ILE B 178 -43.94 -13.66 -15.05
CA ILE B 178 -42.79 -14.45 -15.49
C ILE B 178 -41.93 -13.56 -16.37
N SER B 179 -40.64 -13.47 -16.04
CA SER B 179 -39.70 -12.65 -16.79
C SER B 179 -38.85 -13.52 -17.71
N TYR B 180 -38.40 -12.92 -18.82
CA TYR B 180 -37.59 -13.62 -19.81
C TYR B 180 -36.17 -13.12 -19.89
N ALA B 181 -35.87 -11.93 -19.36
CA ALA B 181 -34.52 -11.37 -19.46
C ALA B 181 -34.00 -10.77 -18.16
N SER B 182 -34.83 -10.53 -17.15
CA SER B 182 -34.36 -9.91 -15.92
C SER B 182 -33.55 -10.92 -15.12
N THR B 183 -32.27 -10.60 -14.88
CA THR B 183 -31.35 -11.50 -14.18
C THR B 183 -30.86 -10.89 -12.88
N SER B 184 -31.54 -9.88 -12.35
CA SER B 184 -31.10 -9.26 -11.10
C SER B 184 -31.24 -10.24 -9.93
N ALA B 185 -30.24 -10.24 -9.05
CA ALA B 185 -30.30 -11.08 -7.87
C ALA B 185 -31.26 -10.56 -6.81
N LYS B 186 -31.66 -9.29 -6.91
CA LYS B 186 -32.63 -8.73 -5.97
C LYS B 186 -34.00 -9.37 -6.15
N LEU B 187 -34.36 -9.74 -7.38
CA LEU B 187 -35.65 -10.37 -7.63
C LEU B 187 -35.77 -11.76 -7.05
N SER B 188 -34.66 -12.36 -6.61
CA SER B 188 -34.70 -13.68 -5.99
C SER B 188 -35.30 -13.68 -4.60
N ASP B 189 -35.49 -12.50 -4.00
CA ASP B 189 -36.10 -12.41 -2.68
C ASP B 189 -37.60 -12.64 -2.78
N LYS B 190 -38.09 -13.71 -2.14
CA LYS B 190 -39.49 -14.07 -2.20
C LYS B 190 -40.33 -13.39 -1.12
N SER B 191 -39.72 -12.58 -0.27
CA SER B 191 -40.47 -11.83 0.73
C SER B 191 -40.92 -10.48 0.21
N ARG B 192 -40.20 -9.90 -0.75
CA ARG B 192 -40.59 -8.63 -1.35
C ARG B 192 -41.37 -8.82 -2.65
N TYR B 193 -40.95 -9.75 -3.49
CA TYR B 193 -41.61 -10.04 -4.76
C TYR B 193 -42.17 -11.46 -4.65
N ASP B 194 -43.38 -11.57 -4.09
CA ASP B 194 -43.98 -12.88 -3.87
C ASP B 194 -44.38 -13.54 -5.20
N TYR B 195 -45.06 -12.80 -6.06
CA TYR B 195 -45.57 -13.34 -7.32
C TYR B 195 -44.61 -12.92 -8.45
N PHE B 196 -43.48 -13.62 -8.52
CA PHE B 196 -42.51 -13.38 -9.56
C PHE B 196 -41.78 -14.67 -9.90
N ALA B 197 -41.47 -14.85 -11.18
CA ALA B 197 -40.71 -15.99 -11.65
C ALA B 197 -39.95 -15.58 -12.90
N ARG B 198 -38.95 -16.38 -13.26
CA ARG B 198 -38.16 -16.10 -14.44
C ARG B 198 -37.55 -17.40 -14.96
N THR B 199 -37.35 -17.45 -16.27
CA THR B 199 -36.71 -18.58 -16.92
C THR B 199 -35.20 -18.39 -17.10
N VAL B 200 -34.64 -17.38 -16.46
CA VAL B 200 -33.21 -17.08 -16.59
C VAL B 200 -32.57 -17.08 -15.20
N PRO B 201 -31.30 -17.44 -15.08
CA PRO B 201 -30.65 -17.45 -13.76
C PRO B 201 -30.38 -16.03 -13.29
N PRO B 202 -30.24 -15.84 -11.97
CA PRO B 202 -29.91 -14.50 -11.46
C PRO B 202 -28.47 -14.10 -11.74
N ASP B 203 -28.11 -12.87 -11.39
CA ASP B 203 -26.76 -12.37 -11.62
C ASP B 203 -25.73 -12.95 -10.67
N PHE B 204 -26.16 -13.71 -9.66
CA PHE B 204 -25.22 -14.30 -8.72
C PHE B 204 -24.25 -15.24 -9.42
N TYR B 205 -24.76 -16.07 -10.34
CA TYR B 205 -23.89 -16.96 -11.09
C TYR B 205 -23.12 -16.23 -12.18
N GLN B 206 -23.72 -15.21 -12.80
CA GLN B 206 -23.04 -14.46 -13.85
C GLN B 206 -21.83 -13.72 -13.31
N ALA B 207 -21.97 -13.09 -12.14
CA ALA B 207 -20.85 -12.36 -11.56
C ALA B 207 -19.72 -13.30 -11.16
N LYS B 208 -20.06 -14.50 -10.69
CA LYS B 208 -19.05 -15.50 -10.36
C LYS B 208 -18.35 -16.03 -11.61
N ALA B 209 -19.07 -16.16 -12.73
CA ALA B 209 -18.49 -16.69 -13.94
C ALA B 209 -17.38 -15.80 -14.48
N MET B 210 -17.60 -14.48 -14.50
CA MET B 210 -16.57 -13.57 -15.01
C MET B 210 -15.39 -13.48 -14.06
N ALA B 211 -15.61 -13.69 -12.76
CA ALA B 211 -14.50 -13.70 -11.82
C ALA B 211 -13.55 -14.84 -12.11
N GLU B 212 -14.08 -16.01 -12.49
CA GLU B 212 -13.22 -17.12 -12.86
C GLU B 212 -12.43 -16.82 -14.13
N ILE B 213 -13.04 -16.11 -15.09
CA ILE B 213 -12.35 -15.75 -16.31
C ILE B 213 -11.17 -14.84 -16.02
N LEU B 214 -11.37 -13.85 -15.14
CA LEU B 214 -10.27 -12.97 -14.75
C LEU B 214 -9.17 -13.76 -14.03
N ARG B 215 -9.56 -14.72 -13.18
CA ARG B 215 -8.58 -15.55 -12.51
C ARG B 215 -7.84 -16.46 -13.49
N PHE B 216 -8.53 -16.90 -14.55
CA PHE B 216 -7.88 -17.76 -15.54
C PHE B 216 -6.73 -17.04 -16.23
N PHE B 217 -6.91 -15.77 -16.56
CA PHE B 217 -5.88 -14.96 -17.18
C PHE B 217 -5.04 -14.18 -16.16
N ASN B 218 -5.29 -14.42 -14.87
CA ASN B 218 -4.54 -13.77 -13.79
C ASN B 218 -4.64 -12.25 -13.86
N TRP B 219 -5.83 -11.76 -14.23
CA TRP B 219 -6.09 -10.33 -14.28
C TRP B 219 -6.53 -9.87 -12.90
N THR B 220 -5.53 -9.58 -12.07
CA THR B 220 -5.77 -9.22 -10.67
C THR B 220 -5.93 -7.72 -10.46
N TYR B 221 -5.85 -6.91 -11.52
CA TYR B 221 -6.00 -5.46 -11.42
C TYR B 221 -6.86 -5.00 -12.60
N VAL B 222 -8.17 -4.93 -12.36
CA VAL B 222 -9.13 -4.55 -13.39
C VAL B 222 -9.93 -3.35 -12.90
N SER B 223 -10.69 -2.76 -13.83
CA SER B 223 -11.57 -1.64 -13.54
C SER B 223 -13.01 -2.05 -13.77
N THR B 224 -13.92 -1.46 -12.99
CA THR B 224 -15.34 -1.79 -13.06
C THR B 224 -16.13 -0.56 -13.46
N VAL B 225 -16.97 -0.70 -14.49
CA VAL B 225 -17.88 0.35 -14.93
C VAL B 225 -19.28 -0.24 -14.93
N ALA B 226 -20.19 0.36 -14.18
CA ALA B 226 -21.55 -0.12 -14.04
C ALA B 226 -22.53 1.02 -14.30
N SER B 227 -23.81 0.70 -14.21
CA SER B 227 -24.89 1.67 -14.41
C SER B 227 -25.83 1.62 -13.22
N GLU B 228 -26.31 2.78 -12.80
CA GLU B 228 -27.24 2.84 -11.67
C GLU B 228 -28.57 2.20 -12.05
N GLY B 229 -29.16 1.49 -11.10
CA GLY B 229 -30.42 0.82 -11.31
C GLY B 229 -30.44 -0.48 -10.55
N ASP B 230 -31.41 -1.33 -10.89
CA ASP B 230 -31.58 -2.62 -10.22
C ASP B 230 -30.74 -3.73 -10.82
N TYR B 231 -30.05 -3.47 -11.93
CA TYR B 231 -29.21 -4.46 -12.59
C TYR B 231 -27.73 -4.16 -12.44
N GLY B 232 -27.29 -2.95 -12.80
CA GLY B 232 -25.88 -2.64 -12.73
C GLY B 232 -25.33 -2.57 -11.32
N GLU B 233 -26.04 -1.89 -10.42
CA GLU B 233 -25.57 -1.78 -9.05
C GLU B 233 -25.62 -3.12 -8.32
N THR B 234 -26.72 -3.86 -8.51
CA THR B 234 -26.82 -5.19 -7.88
C THR B 234 -25.78 -6.14 -8.44
N GLY B 235 -25.58 -6.13 -9.76
CA GLY B 235 -24.62 -7.04 -10.36
C GLY B 235 -23.19 -6.74 -9.96
N ILE B 236 -22.83 -5.46 -9.89
CA ILE B 236 -21.46 -5.09 -9.54
C ILE B 236 -21.16 -5.43 -8.09
N GLU B 237 -22.16 -5.42 -7.21
CA GLU B 237 -21.93 -5.78 -5.82
C GLU B 237 -21.52 -7.24 -5.68
N ALA B 238 -22.17 -8.13 -6.44
CA ALA B 238 -21.82 -9.54 -6.38
C ALA B 238 -20.42 -9.79 -6.95
N PHE B 239 -20.03 -9.01 -7.96
CA PHE B 239 -18.71 -9.18 -8.56
C PHE B 239 -17.60 -8.87 -7.56
N GLU B 240 -17.77 -7.83 -6.75
CA GLU B 240 -16.76 -7.48 -5.76
C GLU B 240 -16.57 -8.59 -4.74
N GLN B 241 -17.67 -9.20 -4.30
CA GLN B 241 -17.58 -10.31 -3.35
C GLN B 241 -16.83 -11.49 -3.95
N GLU B 242 -17.11 -11.82 -5.21
CA GLU B 242 -16.42 -12.94 -5.86
C GLU B 242 -14.98 -12.59 -6.18
N ALA B 243 -14.68 -11.30 -6.44
CA ALA B 243 -13.32 -10.91 -6.76
C ALA B 243 -12.40 -11.01 -5.54
N ARG B 244 -12.93 -10.74 -4.34
CA ARG B 244 -12.11 -10.79 -3.14
C ARG B 244 -11.62 -12.21 -2.85
N LEU B 245 -12.48 -13.21 -3.07
CA LEU B 245 -12.09 -14.59 -2.82
C LEU B 245 -11.03 -15.09 -3.79
N ARG B 246 -10.87 -14.43 -4.94
CA ARG B 246 -9.88 -14.82 -5.94
C ARG B 246 -8.71 -13.83 -6.01
N ASN B 247 -8.56 -12.99 -4.98
CA ASN B 247 -7.46 -12.03 -4.90
C ASN B 247 -7.43 -11.12 -6.13
N ILE B 248 -8.59 -10.64 -6.53
CA ILE B 248 -8.75 -9.73 -7.66
C ILE B 248 -8.98 -8.33 -7.10
N CYS B 249 -8.17 -7.37 -7.55
CA CYS B 249 -8.19 -6.01 -7.05
C CYS B 249 -8.81 -5.08 -8.07
N ILE B 250 -9.58 -4.11 -7.59
CA ILE B 250 -10.31 -3.17 -8.42
C ILE B 250 -9.56 -1.85 -8.44
N ALA B 251 -9.27 -1.34 -9.63
CA ALA B 251 -8.56 -0.07 -9.75
C ALA B 251 -9.52 1.11 -9.59
N THR B 252 -10.51 1.22 -10.47
CA THR B 252 -11.50 2.29 -10.43
C THR B 252 -12.89 1.70 -10.53
N ALA B 253 -13.85 2.40 -9.93
CA ALA B 253 -15.26 2.00 -9.94
C ALA B 253 -16.09 3.18 -10.44
N GLU B 254 -16.42 3.17 -11.73
CA GLU B 254 -17.19 4.23 -12.34
C GLU B 254 -18.64 3.80 -12.54
N LYS B 255 -19.55 4.76 -12.44
CA LYS B 255 -20.98 4.51 -12.59
C LYS B 255 -21.56 5.52 -13.56
N VAL B 256 -22.34 5.04 -14.53
CA VAL B 256 -23.02 5.89 -15.49
C VAL B 256 -24.49 5.99 -15.09
N GLY B 257 -25.12 7.12 -15.47
CA GLY B 257 -26.47 7.41 -15.08
C GLY B 257 -27.43 7.41 -16.26
N ARG B 258 -28.72 7.42 -15.94
CA ARG B 258 -29.76 7.47 -16.97
C ARG B 258 -29.69 8.77 -17.76
N SER B 259 -29.51 9.89 -17.06
CA SER B 259 -29.43 11.21 -17.71
C SER B 259 -27.95 11.56 -17.85
N ASN B 260 -27.34 11.09 -18.93
CA ASN B 260 -25.93 11.32 -19.20
C ASN B 260 -25.76 11.88 -20.61
N ILE B 261 -24.74 12.70 -20.79
CA ILE B 261 -24.41 13.28 -22.07
C ILE B 261 -23.10 12.69 -22.57
N ARG B 262 -22.72 13.06 -23.79
CA ARG B 262 -21.47 12.56 -24.35
C ARG B 262 -20.27 13.00 -23.54
N LYS B 263 -20.29 14.23 -23.04
CA LYS B 263 -19.19 14.70 -22.19
C LYS B 263 -19.10 13.89 -20.90
N SER B 264 -20.25 13.51 -20.34
CA SER B 264 -20.24 12.68 -19.13
C SER B 264 -19.60 11.32 -19.38
N TYR B 265 -19.90 10.72 -20.54
CA TYR B 265 -19.31 9.42 -20.86
C TYR B 265 -17.81 9.53 -21.10
N ASP B 266 -17.36 10.63 -21.72
CA ASP B 266 -15.93 10.83 -21.89
C ASP B 266 -15.23 11.02 -20.55
N SER B 267 -15.93 11.52 -19.54
CA SER B 267 -15.34 11.64 -18.21
C SER B 267 -15.02 10.26 -17.63
N VAL B 268 -15.92 9.29 -17.84
CA VAL B 268 -15.65 7.93 -17.38
C VAL B 268 -14.45 7.34 -18.10
N ILE B 269 -14.36 7.56 -19.41
CA ILE B 269 -13.23 7.04 -20.18
C ILE B 269 -11.92 7.67 -19.70
N ARG B 270 -11.93 8.99 -19.45
CA ARG B 270 -10.73 9.65 -18.94
C ARG B 270 -10.32 9.11 -17.58
N GLU B 271 -11.31 8.80 -16.73
CA GLU B 271 -11.00 8.21 -15.43
C GLU B 271 -10.37 6.82 -15.58
N LEU B 272 -10.81 6.05 -16.56
CA LEU B 272 -10.23 4.72 -16.79
C LEU B 272 -8.82 4.82 -17.35
N LEU B 273 -8.45 5.94 -17.95
CA LEU B 273 -7.12 6.12 -18.51
C LEU B 273 -6.11 6.64 -17.50
N GLN B 274 -6.56 6.99 -16.29
CA GLN B 274 -5.63 7.48 -15.27
C GLN B 274 -4.77 6.36 -14.68
N LYS B 275 -5.15 5.11 -14.88
CA LYS B 275 -4.42 3.96 -14.37
C LYS B 275 -4.13 3.02 -15.54
N PRO B 276 -3.05 3.26 -16.28
CA PRO B 276 -2.74 2.41 -17.45
C PRO B 276 -2.46 0.96 -17.08
N ASN B 277 -2.12 0.67 -15.82
CA ASN B 277 -1.80 -0.71 -15.44
C ASN B 277 -3.03 -1.60 -15.44
N ALA B 278 -4.23 -1.03 -15.50
CA ALA B 278 -5.47 -1.81 -15.53
C ALA B 278 -6.02 -1.76 -16.95
N ARG B 279 -5.63 -2.74 -17.75
CA ARG B 279 -6.05 -2.81 -19.15
C ARG B 279 -7.37 -3.55 -19.34
N VAL B 280 -7.94 -4.12 -18.29
CA VAL B 280 -9.17 -4.89 -18.37
C VAL B 280 -10.27 -4.15 -17.63
N VAL B 281 -11.41 -3.96 -18.31
CA VAL B 281 -12.55 -3.26 -17.75
C VAL B 281 -13.73 -4.21 -17.69
N VAL B 282 -14.34 -4.32 -16.51
CA VAL B 282 -15.52 -5.16 -16.31
C VAL B 282 -16.76 -4.29 -16.40
N LEU B 283 -17.70 -4.70 -17.24
CA LEU B 283 -18.88 -3.90 -17.55
C LEU B 283 -20.14 -4.58 -17.05
N PHE B 284 -20.93 -3.85 -16.27
CA PHE B 284 -22.29 -4.25 -15.87
C PHE B 284 -23.22 -3.11 -16.26
N MET B 285 -23.67 -3.11 -17.53
CA MET B 285 -24.48 -2.04 -18.06
C MET B 285 -25.61 -2.60 -18.90
N ARG B 286 -26.55 -1.73 -19.24
CA ARG B 286 -27.64 -2.08 -20.13
C ARG B 286 -27.17 -2.00 -21.58
N SER B 287 -28.07 -2.35 -22.51
CA SER B 287 -27.72 -2.32 -23.92
C SER B 287 -27.42 -0.89 -24.40
N ASP B 288 -28.24 0.07 -23.96
CA ASP B 288 -28.06 1.45 -24.42
C ASP B 288 -26.86 2.10 -23.74
N ASP B 289 -26.64 1.81 -22.46
CA ASP B 289 -25.52 2.42 -21.75
C ASP B 289 -24.18 1.94 -22.29
N SER B 290 -24.08 0.67 -22.67
CA SER B 290 -22.85 0.14 -23.22
C SER B 290 -22.52 0.76 -24.58
N ARG B 291 -23.56 1.08 -25.38
CA ARG B 291 -23.33 1.67 -26.69
C ARG B 291 -22.65 3.03 -26.58
N GLU B 292 -23.10 3.87 -25.64
CA GLU B 292 -22.53 5.20 -25.50
C GLU B 292 -21.08 5.15 -25.05
N LEU B 293 -20.74 4.24 -24.13
CA LEU B 293 -19.36 4.15 -23.66
C LEU B 293 -18.41 3.70 -24.77
N ILE B 294 -18.85 2.73 -25.58
CA ILE B 294 -18.03 2.29 -26.70
C ILE B 294 -17.83 3.42 -27.70
N ALA B 295 -18.90 4.16 -27.99
CA ALA B 295 -18.76 5.33 -28.87
C ALA B 295 -17.87 6.38 -28.24
N ALA B 296 -17.99 6.60 -26.92
CA ALA B 296 -17.13 7.56 -26.25
C ALA B 296 -15.67 7.13 -26.30
N ALA B 297 -15.41 5.83 -26.12
CA ALA B 297 -14.04 5.34 -26.21
C ALA B 297 -13.47 5.42 -27.62
N SER B 298 -14.35 5.45 -28.64
CA SER B 298 -13.89 5.59 -30.01
C SER B 298 -13.40 6.99 -30.35
N ARG B 299 -13.82 7.99 -29.58
CA ARG B 299 -13.43 9.38 -29.79
C ARG B 299 -12.21 9.79 -28.98
N ALA B 300 -11.64 8.87 -28.21
CA ALA B 300 -10.47 9.16 -27.39
C ALA B 300 -9.27 8.29 -27.73
N ASN B 301 -9.37 7.42 -28.74
CA ASN B 301 -8.28 6.53 -29.14
C ASN B 301 -7.78 5.70 -27.97
N ALA B 302 -8.72 5.19 -27.17
CA ALA B 302 -8.42 4.38 -26.00
C ALA B 302 -8.85 2.94 -26.24
N SER B 303 -7.95 1.99 -25.99
CA SER B 303 -8.20 0.58 -26.19
C SER B 303 -8.24 -0.12 -24.85
N PHE B 304 -9.30 -0.89 -24.61
CA PHE B 304 -9.48 -1.63 -23.37
C PHE B 304 -9.92 -3.05 -23.67
N THR B 305 -9.63 -3.95 -22.73
CA THR B 305 -10.09 -5.33 -22.81
C THR B 305 -11.46 -5.40 -22.14
N TRP B 306 -12.51 -5.35 -22.95
CA TRP B 306 -13.88 -5.29 -22.43
C TRP B 306 -14.34 -6.68 -22.00
N VAL B 307 -14.73 -6.79 -20.74
CA VAL B 307 -15.33 -8.01 -20.18
C VAL B 307 -16.72 -7.61 -19.69
N ALA B 308 -17.75 -7.92 -20.47
CA ALA B 308 -19.10 -7.45 -20.20
C ALA B 308 -20.02 -8.61 -19.81
N SER B 309 -21.16 -8.25 -19.24
CA SER B 309 -22.17 -9.20 -18.81
C SER B 309 -23.17 -9.44 -19.94
N ASP B 310 -24.30 -10.05 -19.62
CA ASP B 310 -25.33 -10.34 -20.62
C ASP B 310 -25.96 -9.09 -21.21
N GLY B 311 -25.74 -7.92 -20.59
CA GLY B 311 -26.26 -6.69 -21.18
C GLY B 311 -25.70 -6.42 -22.56
N TRP B 312 -24.42 -6.76 -22.77
CA TRP B 312 -23.82 -6.68 -24.09
C TRP B 312 -24.07 -7.96 -24.89
N GLY B 313 -23.60 -9.10 -24.37
CA GLY B 313 -23.83 -10.36 -25.04
C GLY B 313 -23.21 -10.40 -26.42
N ALA B 314 -23.89 -11.09 -27.34
CA ALA B 314 -23.49 -11.18 -28.73
C ALA B 314 -24.38 -10.32 -29.63
N GLN B 315 -24.83 -9.18 -29.11
CA GLN B 315 -25.73 -8.31 -29.85
C GLN B 315 -24.94 -7.48 -30.86
N GLU B 316 -25.24 -7.67 -32.14
CA GLU B 316 -24.58 -6.91 -33.21
C GLU B 316 -25.33 -5.63 -33.54
N SER B 317 -25.65 -4.86 -32.49
CA SER B 317 -26.26 -3.54 -32.65
C SER B 317 -25.60 -2.47 -31.81
N ILE B 318 -24.88 -2.83 -30.74
CA ILE B 318 -24.10 -1.86 -30.00
C ILE B 318 -22.93 -1.35 -30.83
N ILE B 319 -22.32 -2.24 -31.61
CA ILE B 319 -21.11 -1.92 -32.37
C ILE B 319 -21.57 -1.39 -33.73
N LYS B 320 -21.81 -0.09 -33.79
CA LYS B 320 -22.17 0.60 -35.04
C LYS B 320 -21.05 1.57 -35.39
N GLY B 321 -20.15 1.12 -36.26
CA GLY B 321 -19.03 1.97 -36.67
C GLY B 321 -17.99 2.19 -35.61
N SER B 322 -17.93 1.34 -34.59
CA SER B 322 -16.97 1.47 -33.50
C SER B 322 -16.37 0.11 -33.18
N GLU B 323 -16.01 -0.65 -34.22
CA GLU B 323 -15.47 -1.99 -34.04
C GLU B 323 -13.99 -2.00 -33.69
N HIS B 324 -13.29 -0.87 -33.86
CA HIS B 324 -11.85 -0.85 -33.58
C HIS B 324 -11.58 -0.95 -32.08
N VAL B 325 -12.42 -0.33 -31.26
CA VAL B 325 -12.21 -0.37 -29.81
C VAL B 325 -12.81 -1.62 -29.18
N ALA B 326 -13.93 -2.10 -29.70
CA ALA B 326 -14.58 -3.29 -29.15
C ALA B 326 -13.94 -4.59 -29.60
N TYR B 327 -12.96 -4.53 -30.51
CA TYR B 327 -12.30 -5.73 -30.98
C TYR B 327 -11.52 -6.39 -29.84
N GLY B 328 -11.63 -7.71 -29.76
CA GLY B 328 -10.97 -8.44 -28.69
C GLY B 328 -11.73 -8.47 -27.38
N ALA B 329 -13.02 -8.12 -27.38
CA ALA B 329 -13.81 -8.10 -26.18
C ALA B 329 -14.28 -9.50 -25.82
N ILE B 330 -14.45 -9.74 -24.52
CA ILE B 330 -14.93 -11.03 -23.99
C ILE B 330 -16.29 -10.76 -23.36
N THR B 331 -17.36 -11.11 -24.07
CA THR B 331 -18.72 -10.88 -23.60
C THR B 331 -19.39 -12.20 -23.26
N LEU B 332 -20.23 -12.18 -22.23
CA LEU B 332 -20.92 -13.36 -21.77
C LEU B 332 -22.38 -13.31 -22.17
N GLU B 333 -22.88 -14.43 -22.70
CA GLU B 333 -24.28 -14.55 -23.11
C GLU B 333 -24.85 -15.83 -22.55
N LEU B 334 -26.13 -15.79 -22.20
CA LEU B 334 -26.80 -16.95 -21.62
C LEU B 334 -26.85 -18.09 -22.63
N ALA B 335 -26.65 -19.32 -22.14
CA ALA B 335 -26.63 -20.48 -23.00
C ALA B 335 -28.04 -20.75 -23.53
N SER B 336 -28.20 -20.67 -24.85
CA SER B 336 -29.49 -20.89 -25.48
C SER B 336 -29.27 -21.38 -26.91
N GLN B 337 -30.30 -21.99 -27.47
CA GLN B 337 -30.25 -22.47 -28.83
C GLN B 337 -31.30 -21.77 -29.69
N PRO B 338 -31.00 -21.51 -30.96
CA PRO B 338 -31.98 -20.86 -31.83
C PRO B 338 -33.20 -21.75 -32.06
N VAL B 339 -34.34 -21.10 -32.23
CA VAL B 339 -35.60 -21.80 -32.53
C VAL B 339 -35.77 -21.85 -34.04
N ARG B 340 -35.79 -23.06 -34.59
CA ARG B 340 -35.92 -23.21 -36.04
C ARG B 340 -37.29 -22.76 -36.53
N GLN B 341 -38.35 -23.06 -35.76
CA GLN B 341 -39.69 -22.67 -36.17
C GLN B 341 -39.85 -21.16 -36.20
N PHE B 342 -39.28 -20.47 -35.21
CA PHE B 342 -39.38 -19.01 -35.18
C PHE B 342 -38.61 -18.37 -36.33
N ASP B 343 -37.59 -19.05 -36.85
CA ASP B 343 -36.82 -18.50 -37.96
C ASP B 343 -37.69 -18.32 -39.21
N ARG B 344 -38.53 -19.31 -39.51
CA ARG B 344 -39.41 -19.22 -40.67
C ARG B 344 -40.53 -18.20 -40.43
N TYR B 345 -41.06 -18.14 -39.21
CA TYR B 345 -42.16 -17.24 -38.91
C TYR B 345 -41.73 -15.78 -39.04
N PHE B 346 -40.54 -15.43 -38.56
CA PHE B 346 -40.08 -14.05 -38.61
C PHE B 346 -39.67 -13.63 -40.02
N GLN B 347 -39.18 -14.56 -40.84
CA GLN B 347 -38.76 -14.25 -42.19
C GLN B 347 -39.91 -14.22 -43.19
N SER B 348 -41.15 -14.38 -42.72
CA SER B 348 -42.32 -14.30 -43.57
C SER B 348 -43.24 -13.14 -43.20
N LEU B 349 -42.83 -12.29 -42.26
CA LEU B 349 -43.65 -11.16 -41.84
C LEU B 349 -43.40 -9.97 -42.76
N ASN B 350 -44.48 -9.32 -43.17
CA ASN B 350 -44.44 -8.17 -44.06
C ASN B 350 -45.30 -7.05 -43.50
N PRO B 351 -44.99 -5.80 -43.85
CA PRO B 351 -45.84 -4.69 -43.39
C PRO B 351 -47.27 -4.77 -43.91
N TYR B 352 -47.51 -5.47 -45.01
CA TYR B 352 -48.84 -5.58 -45.58
C TYR B 352 -49.68 -6.68 -44.95
N ASN B 353 -49.07 -7.80 -44.58
CA ASN B 353 -49.82 -8.91 -44.01
C ASN B 353 -49.86 -8.87 -42.49
N ASN B 354 -48.85 -8.30 -41.84
CA ASN B 354 -48.81 -8.20 -40.39
C ASN B 354 -49.50 -6.91 -39.97
N HIS B 355 -50.75 -7.03 -39.52
CA HIS B 355 -51.52 -5.88 -39.08
C HIS B 355 -51.77 -5.83 -37.59
N ARG B 356 -51.59 -6.95 -36.88
CA ARG B 356 -51.81 -6.98 -35.43
C ARG B 356 -50.67 -6.33 -34.65
N ASN B 357 -49.57 -5.99 -35.31
CA ASN B 357 -48.43 -5.34 -34.64
C ASN B 357 -48.35 -3.89 -35.05
N PRO B 358 -48.78 -2.95 -34.19
CA PRO B 358 -48.69 -1.53 -34.57
C PRO B 358 -47.27 -1.02 -34.72
N TRP B 359 -46.28 -1.69 -34.13
CA TRP B 359 -44.90 -1.23 -34.20
C TRP B 359 -44.13 -1.83 -35.37
N PHE B 360 -44.75 -2.71 -36.16
CA PHE B 360 -44.04 -3.36 -37.25
C PHE B 360 -43.72 -2.37 -38.37
N ARG B 361 -44.64 -1.44 -38.65
CA ARG B 361 -44.40 -0.47 -39.71
C ARG B 361 -43.21 0.43 -39.39
N ASP B 362 -43.09 0.87 -38.13
CA ASP B 362 -41.93 1.64 -37.74
C ASP B 362 -40.64 0.82 -37.83
N PHE B 363 -40.73 -0.48 -37.50
CA PHE B 363 -39.58 -1.35 -37.61
C PHE B 363 -39.13 -1.50 -39.07
N TRP B 364 -40.09 -1.62 -39.99
CA TRP B 364 -39.74 -1.74 -41.40
C TRP B 364 -39.07 -0.48 -41.92
N GLU B 365 -39.56 0.70 -41.53
CA GLU B 365 -39.01 1.96 -42.01
C GLU B 365 -37.63 2.25 -41.44
N GLN B 366 -37.19 1.53 -40.41
CA GLN B 366 -35.89 1.75 -39.80
C GLN B 366 -34.85 0.73 -40.26
N LYS B 367 -35.21 -0.56 -40.24
CA LYS B 367 -34.27 -1.59 -40.68
C LYS B 367 -33.97 -1.47 -42.16
N PHE B 368 -34.99 -1.20 -42.98
CA PHE B 368 -34.83 -1.14 -44.43
C PHE B 368 -34.74 0.28 -44.96
N GLN B 369 -34.98 1.30 -44.11
CA GLN B 369 -34.84 2.71 -44.49
C GLN B 369 -35.65 3.05 -45.73
N CYS B 370 -36.90 2.59 -45.77
CA CYS B 370 -37.82 2.94 -46.84
C CYS B 370 -39.13 3.40 -46.23
N SER B 371 -39.76 4.38 -46.89
CA SER B 371 -41.01 4.95 -46.39
C SER B 371 -42.19 4.07 -46.75
N LEU B 372 -43.21 4.10 -45.89
CA LEU B 372 -44.43 3.32 -46.12
C LEU B 372 -45.67 4.19 -45.98
N GLN B 373 -45.58 5.26 -45.18
CA GLN B 373 -46.73 6.13 -44.98
C GLN B 373 -47.13 6.81 -46.28
N ASN B 374 -46.26 7.65 -46.83
CA ASN B 374 -46.49 8.31 -48.10
C ASN B 374 -45.69 7.69 -49.24
N LYS B 375 -44.97 6.60 -48.97
CA LYS B 375 -44.16 5.86 -49.94
C LYS B 375 -42.93 6.64 -50.37
N ARG B 376 -42.82 7.90 -49.95
CA ARG B 376 -41.61 8.68 -50.21
C ARG B 376 -41.54 9.78 -49.15
N ASN B 377 -40.75 9.56 -48.11
CA ASN B 377 -40.55 10.55 -47.06
C ASN B 377 -39.10 10.81 -46.75
N HIS B 378 -38.25 9.79 -46.81
CA HIS B 378 -36.84 9.90 -46.42
C HIS B 378 -35.89 9.57 -47.55
N ARG B 379 -36.22 8.59 -48.40
CA ARG B 379 -35.32 8.14 -49.46
C ARG B 379 -36.18 7.68 -50.62
N ARG B 380 -35.58 6.92 -51.53
CA ARG B 380 -36.31 6.38 -52.68
C ARG B 380 -37.46 5.50 -52.22
N VAL B 381 -38.42 5.29 -53.13
CA VAL B 381 -39.60 4.51 -52.79
C VAL B 381 -39.21 3.08 -52.44
N CYS B 382 -39.97 2.49 -51.51
CA CYS B 382 -39.71 1.12 -51.09
C CYS B 382 -40.08 0.17 -52.22
N ASP B 383 -39.10 -0.59 -52.71
CA ASP B 383 -39.31 -1.44 -53.88
C ASP B 383 -40.31 -2.56 -53.62
N LYS B 384 -40.57 -2.89 -52.35
CA LYS B 384 -41.50 -3.95 -51.96
C LYS B 384 -41.02 -5.32 -52.42
N HIS B 385 -39.84 -5.38 -53.03
CA HIS B 385 -39.23 -6.65 -53.41
C HIS B 385 -38.25 -7.16 -52.37
N LEU B 386 -38.08 -6.44 -51.27
CA LEU B 386 -37.19 -6.83 -50.18
C LEU B 386 -37.98 -7.43 -49.03
N ALA B 387 -37.37 -8.39 -48.35
CA ALA B 387 -38.01 -9.07 -47.23
C ALA B 387 -36.94 -9.55 -46.26
N ILE B 388 -37.38 -9.88 -45.05
CA ILE B 388 -36.46 -10.37 -44.03
C ILE B 388 -35.93 -11.74 -44.45
N ASP B 389 -34.60 -11.86 -44.53
CA ASP B 389 -33.97 -13.11 -44.93
C ASP B 389 -32.70 -13.30 -44.12
N SER B 390 -32.09 -14.47 -44.28
CA SER B 390 -30.92 -14.82 -43.48
C SER B 390 -29.74 -13.88 -43.72
N SER B 391 -29.75 -13.15 -44.85
CA SER B 391 -28.65 -12.23 -45.12
C SER B 391 -28.59 -11.10 -44.09
N ASN B 392 -29.76 -10.57 -43.70
CA ASN B 392 -29.83 -9.43 -42.79
C ASN B 392 -30.54 -9.74 -41.48
N TYR B 393 -30.89 -11.02 -41.23
CA TYR B 393 -31.61 -11.40 -40.03
C TYR B 393 -30.78 -12.38 -39.23
N GLU B 394 -30.62 -12.10 -37.94
CA GLU B 394 -29.96 -12.99 -36.99
C GLU B 394 -30.86 -13.14 -35.77
N GLN B 395 -31.12 -14.37 -35.37
CA GLN B 395 -32.01 -14.63 -34.25
C GLN B 395 -31.38 -14.14 -32.94
N GLU B 396 -32.20 -13.52 -32.10
CA GLU B 396 -31.72 -13.01 -30.83
C GLU B 396 -31.42 -14.16 -29.87
N SER B 397 -30.56 -13.88 -28.89
CA SER B 397 -30.15 -14.91 -27.94
C SER B 397 -31.32 -15.33 -27.04
N LYS B 398 -32.07 -14.36 -26.53
CA LYS B 398 -33.15 -14.63 -25.58
C LYS B 398 -34.49 -14.76 -26.30
N ILE B 399 -34.56 -15.74 -27.20
CA ILE B 399 -35.80 -16.06 -27.89
C ILE B 399 -36.49 -17.27 -27.27
N MET B 400 -35.73 -18.32 -26.98
CA MET B 400 -36.33 -19.50 -26.35
C MET B 400 -36.81 -19.20 -24.94
N PHE B 401 -36.16 -18.25 -24.26
CA PHE B 401 -36.63 -17.85 -22.92
C PHE B 401 -38.01 -17.23 -22.99
N VAL B 402 -38.27 -16.41 -24.01
CA VAL B 402 -39.60 -15.85 -24.19
C VAL B 402 -40.61 -16.95 -24.50
N VAL B 403 -40.23 -17.90 -25.36
CA VAL B 403 -41.12 -19.02 -25.67
C VAL B 403 -41.37 -19.87 -24.43
N ASN B 404 -40.32 -20.14 -23.65
CA ASN B 404 -40.48 -20.92 -22.43
C ASN B 404 -41.36 -20.19 -21.42
N ALA B 405 -41.20 -18.86 -21.31
CA ALA B 405 -42.01 -18.09 -20.37
C ALA B 405 -43.48 -18.13 -20.74
N VAL B 406 -43.80 -18.02 -22.04
CA VAL B 406 -45.19 -18.10 -22.47
C VAL B 406 -45.74 -19.50 -22.24
N TYR B 407 -44.95 -20.53 -22.56
CA TYR B 407 -45.41 -21.90 -22.38
C TYR B 407 -45.54 -22.27 -20.90
N ALA B 408 -44.70 -21.68 -20.05
CA ALA B 408 -44.79 -21.96 -18.62
C ALA B 408 -46.14 -21.50 -18.05
N MET B 409 -46.59 -20.31 -18.45
CA MET B 409 -47.89 -19.83 -17.99
C MET B 409 -49.02 -20.66 -18.59
N ALA B 410 -48.88 -21.04 -19.86
CA ALA B 410 -49.90 -21.87 -20.50
C ALA B 410 -49.97 -23.25 -19.86
N HIS B 411 -48.82 -23.85 -19.56
CA HIS B 411 -48.81 -25.15 -18.91
C HIS B 411 -49.34 -25.08 -17.49
N ALA B 412 -49.06 -23.99 -16.77
CA ALA B 412 -49.59 -23.82 -15.42
C ALA B 412 -51.11 -23.74 -15.45
N LEU B 413 -51.67 -23.03 -16.43
CA LEU B 413 -53.12 -22.95 -16.56
C LEU B 413 -53.70 -24.30 -16.98
N HIS B 414 -52.96 -25.06 -17.81
CA HIS B 414 -53.44 -26.37 -18.23
C HIS B 414 -53.57 -27.32 -17.03
N LYS B 415 -52.59 -27.30 -16.13
CA LYS B 415 -52.70 -28.10 -14.92
C LYS B 415 -53.79 -27.58 -14.00
N MET B 416 -53.98 -26.26 -13.95
CA MET B 416 -55.06 -25.68 -13.16
C MET B 416 -56.43 -26.00 -13.77
N GLN B 417 -56.52 -26.03 -15.10
CA GLN B 417 -57.81 -26.30 -15.74
C GLN B 417 -58.24 -27.75 -15.55
N ARG B 418 -57.29 -28.69 -15.50
CA ARG B 418 -57.62 -30.10 -15.32
C ARG B 418 -57.95 -30.45 -13.88
N THR B 419 -57.78 -29.51 -12.94
CA THR B 419 -58.10 -29.73 -11.54
C THR B 419 -59.37 -29.02 -11.11
N LEU B 420 -59.50 -27.73 -11.45
CA LEU B 420 -60.70 -26.98 -11.10
C LEU B 420 -61.88 -27.25 -12.04
N CYS B 421 -61.63 -27.85 -13.21
CA CYS B 421 -62.67 -28.23 -14.15
C CYS B 421 -62.48 -29.71 -14.47
N PRO B 422 -62.90 -30.60 -13.56
CA PRO B 422 -62.58 -32.03 -13.72
C PRO B 422 -63.13 -32.65 -15.00
N ASN B 423 -64.29 -32.21 -15.48
CA ASN B 423 -64.96 -32.87 -16.60
C ASN B 423 -64.90 -32.04 -17.88
N THR B 424 -65.38 -30.80 -17.85
CA THR B 424 -65.43 -29.99 -19.06
C THR B 424 -64.02 -29.57 -19.50
N THR B 425 -63.85 -29.43 -20.81
CA THR B 425 -62.60 -28.99 -21.39
C THR B 425 -62.57 -27.48 -21.61
N LYS B 426 -63.64 -26.76 -21.26
CA LYS B 426 -63.69 -25.32 -21.39
C LYS B 426 -63.42 -24.67 -20.03
N LEU B 427 -63.58 -23.35 -19.97
CA LEU B 427 -63.38 -22.61 -18.74
C LEU B 427 -64.65 -22.72 -17.89
N CYS B 428 -64.59 -23.54 -16.85
CA CYS B 428 -65.76 -23.78 -16.01
C CYS B 428 -65.95 -22.64 -15.01
N ASP B 429 -67.02 -22.73 -14.22
CA ASP B 429 -67.34 -21.68 -13.26
C ASP B 429 -66.31 -21.55 -12.15
N ALA B 430 -65.57 -22.62 -11.85
CA ALA B 430 -64.55 -22.56 -10.82
C ALA B 430 -63.40 -21.64 -11.22
N MET B 431 -63.08 -21.58 -12.51
CA MET B 431 -61.99 -20.75 -13.01
C MET B 431 -62.47 -19.42 -13.57
N LYS B 432 -63.74 -19.07 -13.35
CA LYS B 432 -64.24 -17.78 -13.84
C LYS B 432 -63.50 -16.62 -13.17
N ILE B 433 -63.28 -16.72 -11.86
CA ILE B 433 -62.51 -15.73 -11.12
C ILE B 433 -61.19 -16.40 -10.74
N LEU B 434 -60.16 -16.17 -11.55
CA LEU B 434 -58.88 -16.81 -11.34
C LEU B 434 -58.20 -16.29 -10.07
N ASP B 435 -57.60 -17.22 -9.32
CA ASP B 435 -56.86 -16.89 -8.10
C ASP B 435 -55.37 -16.93 -8.43
N GLY B 436 -54.70 -15.79 -8.26
CA GLY B 436 -53.29 -15.72 -8.58
C GLY B 436 -52.41 -16.44 -7.57
N LYS B 437 -52.85 -16.54 -6.32
CA LYS B 437 -52.06 -17.22 -5.30
C LYS B 437 -52.01 -18.72 -5.55
N LYS B 438 -53.14 -19.32 -5.94
CA LYS B 438 -53.16 -20.75 -6.19
C LYS B 438 -52.47 -21.11 -7.50
N LEU B 439 -52.54 -20.22 -8.50
CA LEU B 439 -51.90 -20.50 -9.78
C LEU B 439 -50.38 -20.47 -9.67
N TYR B 440 -49.84 -19.53 -8.87
CA TYR B 440 -48.40 -19.36 -8.79
C TYR B 440 -47.76 -20.39 -7.88
N LYS B 441 -48.22 -20.46 -6.62
CA LYS B 441 -47.55 -21.30 -5.63
C LYS B 441 -47.78 -22.78 -5.88
N ASP B 442 -48.97 -23.16 -6.35
CA ASP B 442 -49.31 -24.57 -6.47
C ASP B 442 -49.10 -25.15 -7.87
N TYR B 443 -49.05 -24.30 -8.91
CA TYR B 443 -48.91 -24.80 -10.27
C TYR B 443 -47.72 -24.22 -11.01
N LEU B 444 -47.44 -22.92 -10.84
CA LEU B 444 -46.33 -22.32 -11.57
C LEU B 444 -44.99 -22.73 -10.97
N LEU B 445 -44.88 -22.78 -9.64
CA LEU B 445 -43.61 -23.12 -9.02
C LEU B 445 -43.29 -24.60 -9.10
N LYS B 446 -44.30 -25.45 -9.30
CA LYS B 446 -44.11 -26.91 -9.36
C LYS B 446 -44.34 -27.43 -10.78
N ILE B 447 -43.87 -26.68 -11.77
CA ILE B 447 -44.04 -27.04 -13.16
C ILE B 447 -42.82 -27.82 -13.63
N ASN B 448 -43.04 -28.70 -14.61
CA ASN B 448 -41.96 -29.51 -15.18
C ASN B 448 -42.40 -30.00 -16.55
N PHE B 449 -41.75 -29.50 -17.60
CA PHE B 449 -42.11 -29.88 -18.96
C PHE B 449 -40.90 -29.67 -19.87
N THR B 450 -40.92 -30.36 -21.00
CA THR B 450 -39.84 -30.26 -21.98
C THR B 450 -40.01 -29.01 -22.82
N ALA B 451 -38.89 -28.53 -23.37
CA ALA B 451 -38.91 -27.33 -24.18
C ALA B 451 -39.78 -27.55 -25.42
N PRO B 452 -40.52 -26.54 -25.86
CA PRO B 452 -41.41 -26.74 -27.02
C PRO B 452 -40.66 -27.06 -28.31
N PHE B 453 -39.63 -26.29 -28.64
CA PHE B 453 -38.86 -26.47 -29.87
C PHE B 453 -37.38 -26.62 -29.48
N ASN B 454 -36.97 -27.85 -29.25
CA ASN B 454 -35.59 -28.15 -28.87
C ASN B 454 -35.05 -29.28 -29.72
N PRO B 455 -33.82 -29.14 -30.23
CA PRO B 455 -33.22 -30.21 -31.03
C PRO B 455 -32.33 -31.16 -30.25
N ASN B 456 -32.12 -30.94 -28.95
CA ASN B 456 -31.23 -31.76 -28.15
C ASN B 456 -31.95 -32.84 -27.36
N LYS B 457 -33.11 -32.51 -26.76
CA LYS B 457 -33.88 -33.45 -25.93
C LYS B 457 -33.05 -33.97 -24.75
N ASP B 458 -32.09 -33.18 -24.29
CA ASP B 458 -31.24 -33.57 -23.18
C ASP B 458 -31.82 -33.03 -21.87
N ALA B 459 -31.04 -33.14 -20.79
CA ALA B 459 -31.50 -32.65 -19.49
C ALA B 459 -31.54 -31.13 -19.42
N ASP B 460 -30.86 -30.44 -20.34
CA ASP B 460 -30.87 -28.98 -20.38
C ASP B 460 -32.10 -28.40 -21.05
N SER B 461 -32.96 -29.25 -21.63
CA SER B 461 -34.18 -28.79 -22.30
C SER B 461 -35.40 -28.79 -21.37
N ILE B 462 -35.22 -29.11 -20.11
CA ILE B 462 -36.32 -29.14 -19.15
C ILE B 462 -36.53 -27.72 -18.62
N VAL B 463 -37.78 -27.25 -18.69
CA VAL B 463 -38.14 -25.93 -18.20
C VAL B 463 -38.79 -26.09 -16.83
N LYS B 464 -38.14 -25.53 -15.80
CA LYS B 464 -38.66 -25.63 -14.45
C LYS B 464 -38.09 -24.49 -13.63
N PHE B 465 -38.73 -24.22 -12.50
CA PHE B 465 -38.32 -23.18 -11.58
C PHE B 465 -37.87 -23.81 -10.26
N ASP B 466 -36.82 -23.24 -9.69
CA ASP B 466 -36.30 -23.69 -8.39
C ASP B 466 -37.12 -23.05 -7.26
N THR B 467 -36.63 -23.19 -6.03
CA THR B 467 -37.33 -22.67 -4.87
C THR B 467 -37.50 -21.15 -4.95
N PHE B 468 -36.53 -20.46 -5.52
CA PHE B 468 -36.60 -19.02 -5.67
C PHE B 468 -37.26 -18.59 -6.98
N GLY B 469 -37.76 -19.53 -7.77
CA GLY B 469 -38.38 -19.20 -9.04
C GLY B 469 -37.43 -18.64 -10.08
N ASP B 470 -36.23 -19.20 -10.18
CA ASP B 470 -35.22 -18.78 -11.14
C ASP B 470 -34.84 -19.96 -12.03
N GLY B 471 -33.92 -19.71 -12.95
CA GLY B 471 -33.43 -20.72 -13.86
C GLY B 471 -32.10 -21.31 -13.42
N MET B 472 -31.52 -22.10 -14.32
CA MET B 472 -30.24 -22.75 -14.09
C MET B 472 -29.13 -21.93 -14.74
N GLY B 473 -28.06 -21.70 -14.00
CA GLY B 473 -26.97 -20.88 -14.50
C GLY B 473 -26.12 -21.57 -15.55
N ARG B 474 -26.28 -21.15 -16.80
CA ARG B 474 -25.46 -21.65 -17.91
C ARG B 474 -25.15 -20.47 -18.82
N TYR B 475 -23.87 -20.16 -18.99
CA TYR B 475 -23.44 -19.01 -19.76
C TYR B 475 -22.46 -19.43 -20.84
N ASN B 476 -22.50 -18.74 -21.96
CA ASN B 476 -21.59 -18.95 -23.08
C ASN B 476 -20.64 -17.77 -23.18
N VAL B 477 -19.35 -18.06 -23.31
CA VAL B 477 -18.32 -17.03 -23.42
C VAL B 477 -18.09 -16.73 -24.89
N PHE B 478 -18.23 -15.46 -25.26
CA PHE B 478 -18.08 -15.02 -26.64
C PHE B 478 -16.89 -14.08 -26.77
N ASN B 479 -16.23 -14.15 -27.92
CA ASN B 479 -15.09 -13.29 -28.24
C ASN B 479 -15.37 -12.56 -29.54
N PHE B 480 -15.16 -11.25 -29.52
CA PHE B 480 -15.34 -10.42 -30.71
C PHE B 480 -14.01 -10.32 -31.45
N GLN B 481 -14.00 -10.78 -32.70
CA GLN B 481 -12.78 -10.85 -33.50
C GLN B 481 -13.10 -10.58 -34.96
N ASN B 482 -12.07 -10.19 -35.70
CA ASN B 482 -12.17 -9.95 -37.13
C ASN B 482 -11.66 -11.18 -37.86
N VAL B 483 -12.56 -11.93 -38.48
CA VAL B 483 -12.21 -13.13 -39.24
C VAL B 483 -12.89 -13.06 -40.60
N GLY B 484 -12.13 -13.37 -41.65
CA GLY B 484 -12.67 -13.33 -42.99
C GLY B 484 -12.95 -11.95 -43.55
N GLY B 485 -12.37 -10.90 -42.95
CA GLY B 485 -12.59 -9.54 -43.39
C GLY B 485 -13.80 -8.86 -42.79
N LYS B 486 -14.59 -9.56 -41.98
CA LYS B 486 -15.77 -9.01 -41.35
C LYS B 486 -15.70 -9.19 -39.84
N TYR B 487 -16.46 -8.37 -39.13
CA TYR B 487 -16.50 -8.40 -37.68
C TYR B 487 -17.69 -9.23 -37.22
N SER B 488 -17.43 -10.19 -36.33
CA SER B 488 -18.48 -11.08 -35.85
C SER B 488 -18.04 -11.68 -34.51
N TYR B 489 -18.99 -12.30 -33.83
CA TYR B 489 -18.74 -12.96 -32.56
C TYR B 489 -18.46 -14.45 -32.78
N LEU B 490 -17.91 -15.08 -31.74
CA LEU B 490 -17.62 -16.51 -31.78
C LEU B 490 -17.58 -17.04 -30.36
N LYS B 491 -18.17 -18.21 -30.16
CA LYS B 491 -18.17 -18.83 -28.83
C LYS B 491 -16.80 -19.42 -28.54
N VAL B 492 -16.17 -18.96 -27.47
CA VAL B 492 -14.84 -19.40 -27.10
C VAL B 492 -14.81 -20.01 -25.69
N GLY B 493 -15.95 -20.51 -25.23
CA GLY B 493 -16.00 -21.13 -23.92
C GLY B 493 -17.43 -21.37 -23.48
N HIS B 494 -17.54 -21.92 -22.29
CA HIS B 494 -18.83 -22.23 -21.68
C HIS B 494 -18.67 -22.30 -20.19
N TRP B 495 -19.70 -21.86 -19.46
CA TRP B 495 -19.68 -21.84 -18.00
C TRP B 495 -20.94 -22.52 -17.49
N ALA B 496 -20.80 -23.77 -17.02
CA ALA B 496 -21.87 -24.51 -16.37
C ALA B 496 -21.30 -25.05 -15.06
N GLU B 497 -21.32 -24.21 -14.02
CA GLU B 497 -20.77 -24.53 -12.71
C GLU B 497 -19.26 -24.80 -12.78
N THR B 498 -18.65 -24.58 -13.94
CA THR B 498 -17.23 -24.79 -14.14
C THR B 498 -16.80 -24.02 -15.38
N LEU B 499 -15.63 -23.39 -15.30
CA LEU B 499 -15.12 -22.62 -16.42
C LEU B 499 -14.33 -23.51 -17.37
N SER B 500 -14.61 -23.37 -18.67
CA SER B 500 -13.91 -24.13 -19.70
C SER B 500 -13.78 -23.24 -20.93
N LEU B 501 -12.59 -22.66 -21.11
CA LEU B 501 -12.37 -21.71 -22.19
C LEU B 501 -11.78 -22.40 -23.42
N ASP B 502 -11.58 -21.62 -24.47
CA ASP B 502 -11.03 -22.07 -25.75
C ASP B 502 -9.94 -21.12 -26.21
N VAL B 503 -8.98 -20.84 -25.31
CA VAL B 503 -7.95 -19.83 -25.56
C VAL B 503 -7.18 -20.08 -26.84
N ASN B 504 -7.13 -21.32 -27.32
CA ASN B 504 -6.43 -21.64 -28.56
C ASN B 504 -7.05 -20.96 -29.77
N SER B 505 -8.30 -20.48 -29.67
CA SER B 505 -8.98 -19.83 -30.78
C SER B 505 -9.53 -18.47 -30.37
N ILE B 506 -8.83 -17.77 -29.49
CA ILE B 506 -9.24 -16.44 -29.03
C ILE B 506 -8.30 -15.41 -29.63
N HIS B 507 -8.87 -14.43 -30.34
CA HIS B 507 -8.10 -13.33 -30.91
C HIS B 507 -8.08 -12.20 -29.89
N TRP B 508 -6.91 -11.87 -29.37
CA TRP B 508 -6.78 -10.88 -28.31
C TRP B 508 -6.74 -9.48 -28.92
N SER B 509 -6.50 -8.46 -28.09
CA SER B 509 -6.68 -7.09 -28.52
C SER B 509 -5.52 -6.61 -29.41
N ARG B 510 -4.32 -6.50 -28.84
CA ARG B 510 -3.18 -5.99 -29.62
C ARG B 510 -2.50 -7.11 -30.39
N ASN B 511 -1.81 -8.01 -29.69
CA ASN B 511 -1.26 -9.19 -30.33
C ASN B 511 -1.25 -10.43 -29.46
N SER B 512 -1.71 -10.36 -28.21
CA SER B 512 -1.57 -11.47 -27.27
C SER B 512 -2.39 -11.13 -26.02
N VAL B 513 -2.31 -11.99 -25.02
CA VAL B 513 -3.07 -11.83 -23.78
C VAL B 513 -2.64 -10.55 -23.07
N PRO B 514 -3.57 -9.65 -22.75
CA PRO B 514 -3.19 -8.43 -22.04
C PRO B 514 -2.72 -8.74 -20.63
N THR B 515 -1.83 -7.88 -20.12
CA THR B 515 -1.30 -7.98 -18.77
C THR B 515 -1.93 -6.88 -17.93
N SER B 516 -2.77 -7.26 -16.98
CA SER B 516 -3.46 -6.32 -16.09
C SER B 516 -3.08 -6.65 -14.65
N GLN B 517 -1.97 -6.09 -14.19
CA GLN B 517 -1.50 -6.27 -12.83
C GLN B 517 -1.09 -4.92 -12.26
N CYS B 518 -1.31 -4.75 -10.96
CA CYS B 518 -0.97 -3.49 -10.31
C CYS B 518 0.54 -3.31 -10.19
N SER B 519 1.25 -4.37 -9.82
CA SER B 519 2.69 -4.31 -9.58
C SER B 519 3.42 -5.29 -10.49
N ASP B 520 4.57 -4.85 -10.99
CA ASP B 520 5.44 -5.71 -11.79
C ASP B 520 5.98 -6.80 -10.88
N PRO B 521 5.95 -8.07 -11.29
CA PRO B 521 6.34 -9.14 -10.37
C PRO B 521 7.85 -9.27 -10.25
N CYS B 522 8.37 -8.90 -9.08
CA CYS B 522 9.79 -8.76 -8.86
C CYS B 522 10.41 -10.10 -8.54
N ALA B 523 11.52 -10.41 -9.21
CA ALA B 523 12.20 -11.67 -9.00
C ALA B 523 12.87 -11.69 -7.62
N PRO B 524 12.96 -12.85 -6.99
CA PRO B 524 13.60 -12.95 -5.67
C PRO B 524 15.12 -12.90 -5.70
N ASN B 525 15.73 -12.52 -6.83
CA ASN B 525 17.19 -12.49 -6.90
C ASN B 525 17.76 -11.48 -5.92
N GLU B 526 17.21 -10.27 -5.90
CA GLU B 526 17.67 -9.25 -4.95
C GLU B 526 16.55 -8.40 -4.38
N MET B 527 15.28 -8.68 -4.69
CA MET B 527 14.18 -7.83 -4.31
C MET B 527 13.24 -8.56 -3.36
N LYS B 528 12.75 -7.83 -2.36
CA LYS B 528 11.83 -8.35 -1.37
C LYS B 528 10.52 -7.58 -1.42
N ASN B 529 9.40 -8.30 -1.53
CA ASN B 529 8.09 -7.65 -1.63
C ASN B 529 7.72 -6.99 -0.32
N MET B 530 7.12 -5.80 -0.42
CA MET B 530 6.66 -5.06 0.76
C MET B 530 5.29 -4.47 0.46
N GLN B 531 4.29 -4.90 1.22
CA GLN B 531 2.93 -4.42 1.01
C GLN B 531 2.77 -3.01 1.59
N PRO B 532 2.30 -2.04 0.80
CA PRO B 532 2.07 -0.68 1.32
C PRO B 532 0.81 -0.53 2.14
N GLY B 533 0.08 -1.61 2.42
CA GLY B 533 -1.13 -1.51 3.20
C GLY B 533 -2.32 -2.21 2.55
N ASP B 534 -2.12 -2.72 1.34
CA ASP B 534 -3.15 -3.43 0.60
C ASP B 534 -2.68 -4.86 0.33
N VAL B 535 -3.51 -5.61 -0.40
CA VAL B 535 -3.23 -7.01 -0.71
C VAL B 535 -3.03 -7.25 -2.20
N CYS B 536 -3.25 -6.25 -3.05
CA CYS B 536 -3.08 -6.41 -4.49
C CYS B 536 -1.82 -5.76 -5.03
N CYS B 537 -1.43 -4.60 -4.50
CA CYS B 537 -0.25 -3.88 -4.96
C CYS B 537 0.86 -4.00 -3.93
N TRP B 538 2.10 -3.94 -4.42
CA TRP B 538 3.26 -4.06 -3.55
C TRP B 538 4.45 -3.37 -4.20
N ILE B 539 5.45 -3.06 -3.38
CA ILE B 539 6.69 -2.45 -3.83
C ILE B 539 7.84 -3.33 -3.35
N CYS B 540 8.76 -3.66 -4.25
CA CYS B 540 9.90 -4.53 -3.95
C CYS B 540 11.13 -3.66 -3.74
N ILE B 541 11.47 -3.43 -2.47
CA ILE B 541 12.66 -2.66 -2.10
C ILE B 541 13.76 -3.65 -1.73
N PRO B 542 14.90 -3.64 -2.43
CA PRO B 542 15.98 -4.57 -2.08
C PRO B 542 16.55 -4.28 -0.69
N CYS B 543 17.06 -5.33 -0.06
CA CYS B 543 17.70 -5.23 1.24
C CYS B 543 19.17 -5.64 1.10
N GLU B 544 19.85 -5.76 2.24
CA GLU B 544 21.28 -6.01 2.23
C GLU B 544 21.59 -7.32 1.51
N PRO B 545 22.70 -7.38 0.76
CA PRO B 545 23.00 -8.58 -0.04
C PRO B 545 23.48 -9.77 0.76
N TYR B 546 23.72 -9.62 2.06
CA TYR B 546 24.14 -10.73 2.91
C TYR B 546 23.00 -11.33 3.72
N GLU B 547 21.76 -11.00 3.39
CA GLU B 547 20.58 -11.54 4.04
C GLU B 547 19.70 -12.23 3.00
N TYR B 548 19.17 -13.39 3.36
CA TYR B 548 18.33 -14.18 2.47
C TYR B 548 16.86 -14.03 2.85
N LEU B 549 16.01 -13.91 1.84
CA LEU B 549 14.57 -13.85 2.08
C LEU B 549 14.08 -15.19 2.59
N ALA B 550 13.14 -15.15 3.54
CA ALA B 550 12.68 -16.38 4.17
C ALA B 550 11.80 -17.19 3.22
N ASP B 551 10.62 -16.69 2.88
CA ASP B 551 9.84 -17.26 1.80
C ASP B 551 9.58 -16.28 0.67
N GLU B 552 8.90 -15.17 0.95
CA GLU B 552 8.70 -14.13 -0.06
C GLU B 552 8.81 -12.70 0.45
N PHE B 553 8.63 -12.44 1.74
CA PHE B 553 8.42 -11.08 2.23
C PHE B 553 9.40 -10.61 3.29
N THR B 554 10.25 -11.49 3.82
CA THR B 554 11.14 -11.14 4.92
C THR B 554 12.55 -11.63 4.62
N CYS B 555 13.51 -10.71 4.59
CA CYS B 555 14.92 -11.05 4.47
C CYS B 555 15.61 -10.71 5.79
N MET B 556 16.29 -11.70 6.37
CA MET B 556 16.91 -11.54 7.68
C MET B 556 18.26 -12.26 7.69
N ASP B 557 19.11 -11.83 8.62
CA ASP B 557 20.44 -12.42 8.77
C ASP B 557 20.35 -13.68 9.62
N CYS B 558 20.97 -14.76 9.14
CA CYS B 558 21.04 -16.01 9.88
C CYS B 558 22.27 -16.05 10.78
N GLY B 559 22.41 -15.04 11.64
CA GLY B 559 23.58 -14.92 12.48
C GLY B 559 24.74 -14.29 11.74
N SER B 560 25.91 -14.35 12.38
CA SER B 560 27.14 -13.79 11.83
C SER B 560 28.05 -14.91 11.37
N GLY B 561 28.56 -14.79 10.14
CA GLY B 561 29.45 -15.76 9.57
C GLY B 561 28.88 -16.63 8.45
N GLN B 562 27.78 -16.21 7.83
CA GLN B 562 27.16 -16.98 6.76
C GLN B 562 26.91 -16.10 5.56
N TRP B 563 26.81 -16.73 4.39
CA TRP B 563 26.57 -16.04 3.13
C TRP B 563 25.34 -16.64 2.45
N PRO B 564 24.49 -15.80 1.87
CA PRO B 564 23.27 -16.33 1.23
C PRO B 564 23.58 -17.20 0.03
N THR B 565 22.68 -18.15 -0.24
CA THR B 565 22.85 -19.08 -1.34
C THR B 565 22.60 -18.38 -2.68
N ALA B 566 22.75 -19.14 -3.77
CA ALA B 566 22.50 -18.59 -5.10
C ALA B 566 21.04 -18.20 -5.27
N ASP B 567 20.13 -19.05 -4.80
CA ASP B 567 18.70 -18.76 -4.88
C ASP B 567 18.19 -17.94 -3.70
N LEU B 568 19.05 -17.66 -2.71
CA LEU B 568 18.72 -16.90 -1.51
C LEU B 568 17.53 -17.48 -0.75
N THR B 569 17.26 -18.78 -0.93
CA THR B 569 16.32 -19.47 -0.06
C THR B 569 16.97 -19.94 1.23
N GLY B 570 18.29 -19.85 1.34
CA GLY B 570 19.02 -20.18 2.54
C GLY B 570 20.36 -19.47 2.50
N CYS B 571 21.16 -19.71 3.54
CA CYS B 571 22.48 -19.09 3.64
C CYS B 571 23.53 -20.17 3.86
N TYR B 572 24.57 -20.15 3.04
CA TYR B 572 25.69 -21.07 3.18
C TYR B 572 26.71 -20.51 4.17
N ASP B 573 27.58 -21.40 4.64
CA ASP B 573 28.71 -20.99 5.47
C ASP B 573 29.76 -20.32 4.58
N LEU B 574 30.44 -19.31 5.14
CA LEU B 574 31.43 -18.54 4.41
C LEU B 574 32.58 -19.43 3.95
N PRO B 575 32.70 -19.70 2.65
CA PRO B 575 33.76 -20.61 2.18
C PRO B 575 35.12 -19.94 2.04
N GLU B 576 35.12 -18.66 1.69
CA GLU B 576 36.36 -17.95 1.42
C GLU B 576 37.19 -17.80 2.69
N ASP B 577 38.49 -18.11 2.59
CA ASP B 577 39.41 -17.99 3.71
C ASP B 577 40.67 -17.28 3.26
N TYR B 578 41.31 -16.58 4.19
CA TYR B 578 42.53 -15.84 3.89
C TYR B 578 43.78 -16.71 3.86
N ILE B 579 43.68 -17.95 4.32
CA ILE B 579 44.84 -18.84 4.34
C ILE B 579 45.10 -19.37 2.94
N ARG B 580 46.38 -19.48 2.58
CA ARG B 580 46.77 -19.99 1.27
C ARG B 580 48.16 -20.59 1.38
N TRP B 581 48.50 -21.44 0.41
CA TRP B 581 49.79 -22.11 0.36
C TRP B 581 50.43 -21.87 -0.99
N GLU B 582 51.74 -21.59 -0.97
CA GLU B 582 52.52 -21.33 -2.18
C GLU B 582 51.91 -20.20 -3.01
N ASP B 583 51.47 -19.15 -2.32
CA ASP B 583 50.86 -18.00 -2.95
C ASP B 583 51.88 -16.86 -3.06
N ALA B 584 51.42 -15.70 -3.52
CA ALA B 584 52.31 -14.55 -3.68
C ALA B 584 52.85 -14.07 -2.34
N TRP B 585 52.01 -14.06 -1.31
CA TRP B 585 52.41 -13.58 0.01
C TRP B 585 53.14 -14.62 0.83
N ALA B 586 53.25 -15.86 0.34
CA ALA B 586 53.95 -16.92 1.06
C ALA B 586 55.21 -17.41 0.37
N ILE B 587 55.36 -17.20 -0.94
CA ILE B 587 56.56 -17.65 -1.64
C ILE B 587 57.78 -16.88 -1.15
N GLY B 588 57.63 -15.60 -0.83
CA GLY B 588 58.72 -14.78 -0.36
C GLY B 588 59.33 -15.26 0.94
N PRO B 589 58.53 -15.26 2.02
CA PRO B 589 59.07 -15.69 3.32
C PRO B 589 59.66 -17.09 3.33
N VAL B 590 59.06 -18.04 2.60
CA VAL B 590 59.57 -19.40 2.61
C VAL B 590 60.90 -19.49 1.87
N THR B 591 61.10 -18.66 0.84
CA THR B 591 62.34 -18.69 0.08
C THR B 591 63.53 -18.32 0.96
N ILE B 592 63.38 -17.30 1.80
CA ILE B 592 64.43 -16.95 2.75
C ILE B 592 64.57 -18.04 3.80
N ALA B 593 63.46 -18.65 4.21
CA ALA B 593 63.50 -19.63 5.29
C ALA B 593 64.28 -20.88 4.91
N CYS B 594 64.04 -21.42 3.70
CA CYS B 594 64.74 -22.64 3.30
C CYS B 594 66.23 -22.42 3.15
N LEU B 595 66.61 -21.27 2.59
CA LEU B 595 68.04 -20.94 2.47
C LEU B 595 68.68 -20.80 3.85
N GLY B 596 67.98 -20.15 4.78
CA GLY B 596 68.48 -20.06 6.14
C GLY B 596 68.54 -21.41 6.83
N PHE B 597 67.54 -22.26 6.58
CA PHE B 597 67.56 -23.60 7.15
C PHE B 597 68.72 -24.42 6.60
N MET B 598 69.02 -24.28 5.30
CA MET B 598 70.16 -24.98 4.72
C MET B 598 71.47 -24.44 5.28
N CYS B 599 71.50 -23.17 5.70
CA CYS B 599 72.71 -22.63 6.31
C CYS B 599 73.03 -23.31 7.63
N THR B 600 72.01 -23.76 8.36
CA THR B 600 72.24 -24.52 9.59
C THR B 600 72.94 -25.84 9.28
N CYS B 601 72.55 -26.49 8.17
CA CYS B 601 73.20 -27.73 7.78
C CYS B 601 74.68 -27.52 7.46
N MET B 602 75.04 -26.32 7.00
CA MET B 602 76.45 -26.02 6.74
C MET B 602 77.27 -26.10 8.03
N VAL B 603 76.71 -25.57 9.12
CA VAL B 603 77.36 -25.73 10.43
C VAL B 603 77.40 -27.19 10.83
N VAL B 604 76.35 -27.95 10.49
CA VAL B 604 76.31 -29.37 10.83
C VAL B 604 77.42 -30.13 10.11
N THR B 605 77.74 -29.72 8.88
CA THR B 605 78.80 -30.39 8.14
C THR B 605 80.14 -30.27 8.85
N VAL B 606 80.46 -29.08 9.36
CA VAL B 606 81.69 -28.88 10.15
C VAL B 606 81.30 -29.13 11.59
N PHE B 607 81.26 -30.42 11.96
CA PHE B 607 81.00 -30.83 13.34
C PHE B 607 82.13 -31.69 13.90
N ILE B 608 82.57 -32.70 13.16
CA ILE B 608 83.67 -33.55 13.60
C ILE B 608 84.82 -33.59 12.60
N LYS B 609 84.63 -33.15 11.36
CA LYS B 609 85.72 -33.13 10.40
C LYS B 609 86.83 -32.18 10.86
N HIS B 610 86.46 -31.00 11.36
CA HIS B 610 87.40 -30.03 11.92
C HIS B 610 86.87 -29.62 13.30
N ASN B 611 87.19 -30.43 14.31
CA ASN B 611 86.80 -30.16 15.69
C ASN B 611 88.00 -30.01 16.62
N ASN B 612 88.95 -30.94 16.55
CA ASN B 612 90.12 -30.85 17.42
C ASN B 612 91.08 -29.76 16.95
N THR B 613 91.27 -29.63 15.64
CA THR B 613 92.17 -28.60 15.11
C THR B 613 91.72 -27.19 15.46
N PRO B 614 90.46 -26.80 15.30
CA PRO B 614 90.05 -25.46 15.75
C PRO B 614 90.10 -25.34 17.26
N LEU B 615 90.36 -24.12 17.72
CA LEU B 615 90.43 -23.83 19.16
C LEU B 615 89.10 -23.39 19.73
N VAL B 616 88.04 -23.37 18.93
CA VAL B 616 86.74 -22.96 19.45
C VAL B 616 86.20 -23.98 20.45
N LYS B 617 86.48 -25.26 20.23
CA LYS B 617 86.00 -26.31 21.14
C LYS B 617 86.78 -26.29 22.45
N GLU B 622 80.30 -27.63 24.54
CA GLU B 622 79.64 -27.61 23.24
C GLU B 622 78.62 -26.47 23.17
N LEU B 623 79.01 -25.31 23.68
CA LEU B 623 78.12 -24.14 23.64
C LEU B 623 77.85 -23.71 22.20
N CYS B 624 78.88 -23.72 21.36
CA CYS B 624 78.69 -23.35 19.95
C CYS B 624 77.78 -24.33 19.24
N TYR B 625 77.91 -25.62 19.54
CA TYR B 625 77.04 -26.61 18.93
C TYR B 625 75.61 -26.49 19.46
N ILE B 626 75.47 -26.12 20.74
CA ILE B 626 74.14 -26.00 21.34
C ILE B 626 73.35 -24.88 20.67
N LEU B 627 73.98 -23.73 20.46
CA LEU B 627 73.27 -22.61 19.82
C LEU B 627 72.99 -22.89 18.35
N LEU B 628 73.85 -23.66 17.69
CA LEU B 628 73.59 -24.04 16.30
C LEU B 628 72.33 -24.86 16.18
N PHE B 629 72.11 -25.80 17.10
CA PHE B 629 70.86 -26.55 17.10
C PHE B 629 69.71 -25.72 17.65
N GLY B 630 70.00 -24.77 18.53
CA GLY B 630 68.94 -23.93 19.07
C GLY B 630 68.30 -23.04 18.03
N VAL B 631 69.11 -22.43 17.15
CA VAL B 631 68.57 -21.59 16.09
C VAL B 631 67.91 -22.41 14.99
N GLY B 632 68.11 -23.73 14.97
CA GLY B 632 67.41 -24.56 14.01
C GLY B 632 65.91 -24.56 14.24
N LEU B 633 65.50 -24.48 15.51
CA LEU B 633 64.07 -24.39 15.82
C LEU B 633 63.46 -23.10 15.29
N SER B 634 64.27 -22.05 15.17
CA SER B 634 63.78 -20.79 14.59
C SER B 634 63.42 -20.98 13.11
N TYR B 635 64.23 -21.74 12.38
CA TYR B 635 63.98 -21.93 10.96
C TYR B 635 62.68 -22.67 10.71
N CYS B 636 62.43 -23.76 11.45
CA CYS B 636 61.19 -24.50 11.26
C CYS B 636 59.99 -23.75 11.81
N MET B 637 60.22 -22.82 12.75
CA MET B 637 59.13 -22.00 13.26
C MET B 637 58.54 -21.12 12.16
N THR B 638 59.38 -20.62 11.25
CA THR B 638 58.88 -19.86 10.12
C THR B 638 58.01 -20.72 9.21
N PHE B 639 58.42 -21.98 8.99
CA PHE B 639 57.60 -22.89 8.19
C PHE B 639 56.29 -23.22 8.88
N PHE B 640 56.28 -23.31 10.21
CA PHE B 640 55.04 -23.56 10.92
C PHE B 640 54.10 -22.37 10.84
N PHE B 641 54.66 -21.15 10.85
CA PHE B 641 53.82 -19.95 10.81
C PHE B 641 53.07 -19.85 9.48
N ILE B 642 53.74 -20.16 8.37
CA ILE B 642 53.11 -20.02 7.06
C ILE B 642 52.13 -21.13 6.74
N ALA B 643 52.02 -22.15 7.59
CA ALA B 643 51.07 -23.23 7.35
C ALA B 643 49.65 -22.70 7.44
N LYS B 644 48.84 -23.02 6.44
CA LYS B 644 47.47 -22.53 6.41
C LYS B 644 46.62 -23.04 7.57
N PRO B 645 46.56 -24.34 7.86
CA PRO B 645 45.76 -24.80 9.00
C PRO B 645 46.49 -24.59 10.32
N SER B 646 45.70 -24.55 11.39
CA SER B 646 46.23 -24.51 12.75
C SER B 646 45.33 -25.30 13.68
N PRO B 647 45.18 -26.62 13.45
CA PRO B 647 44.34 -27.43 14.35
C PRO B 647 44.99 -27.65 15.70
N VAL B 648 46.28 -28.01 15.68
CA VAL B 648 47.04 -28.21 16.92
C VAL B 648 48.38 -27.52 16.92
N ILE B 649 48.87 -27.01 15.79
CA ILE B 649 50.21 -26.45 15.72
C ILE B 649 50.29 -25.01 16.20
N CYS B 650 49.15 -24.32 16.36
CA CYS B 650 49.20 -22.94 16.83
C CYS B 650 49.75 -22.86 18.25
N ALA B 651 49.38 -23.81 19.11
CA ALA B 651 50.02 -23.90 20.42
C ALA B 651 51.48 -24.32 20.29
N LEU B 652 51.80 -25.13 19.28
CA LEU B 652 53.20 -25.46 19.01
C LEU B 652 53.96 -24.25 18.49
N ARG B 653 53.30 -23.37 17.73
CA ARG B 653 53.97 -22.18 17.22
C ARG B 653 54.44 -21.27 18.35
N ARG B 654 53.57 -21.02 19.33
CA ARG B 654 53.97 -20.19 20.46
C ARG B 654 54.98 -20.92 21.34
N LEU B 655 54.84 -22.24 21.46
CA LEU B 655 55.81 -23.01 22.25
C LEU B 655 57.13 -23.16 21.51
N GLY B 656 57.07 -23.41 20.20
CA GLY B 656 58.27 -23.60 19.41
C GLY B 656 59.05 -22.33 19.16
N LEU B 657 58.38 -21.31 18.59
CA LEU B 657 59.05 -20.05 18.34
C LEU B 657 59.45 -19.36 19.63
N GLY B 658 58.60 -19.44 20.66
CA GLY B 658 58.94 -18.83 21.94
C GLY B 658 60.16 -19.45 22.58
N SER B 659 60.26 -20.78 22.54
CA SER B 659 61.44 -21.45 23.07
C SER B 659 62.66 -21.28 22.17
N SER B 660 62.46 -21.03 20.87
CA SER B 660 63.59 -20.84 19.98
C SER B 660 64.42 -19.64 20.38
N PHE B 661 63.77 -18.53 20.73
CA PHE B 661 64.50 -17.37 21.22
C PHE B 661 65.17 -17.67 22.56
N ALA B 662 64.47 -18.38 23.44
CA ALA B 662 65.01 -18.65 24.77
C ALA B 662 66.26 -19.52 24.69
N ILE B 663 66.23 -20.58 23.88
CA ILE B 663 67.38 -21.46 23.75
C ILE B 663 68.55 -20.72 23.11
N CYS B 664 68.29 -19.97 22.04
CA CYS B 664 69.37 -19.25 21.36
C CYS B 664 69.98 -18.18 22.27
N TYR B 665 69.15 -17.42 22.98
CA TYR B 665 69.67 -16.37 23.85
C TYR B 665 70.40 -16.94 25.06
N SER B 666 69.87 -18.01 25.65
CA SER B 666 70.52 -18.62 26.81
C SER B 666 71.87 -19.21 26.41
N ALA B 667 71.95 -19.86 25.25
CA ALA B 667 73.22 -20.41 24.79
C ALA B 667 74.24 -19.30 24.55
N LEU B 668 73.81 -18.19 23.95
CA LEU B 668 74.71 -17.06 23.77
C LEU B 668 75.14 -16.48 25.12
N LEU B 669 74.20 -16.37 26.07
CA LEU B 669 74.54 -15.92 27.41
C LEU B 669 75.48 -16.90 28.11
N THR B 670 75.26 -18.20 27.91
CA THR B 670 76.14 -19.20 28.51
C THR B 670 77.56 -19.08 27.97
N LYS B 671 77.69 -18.85 26.66
CA LYS B 671 79.02 -18.69 26.07
C LYS B 671 79.73 -17.45 26.62
N THR B 672 78.96 -16.44 27.02
CA THR B 672 79.56 -15.24 27.61
C THR B 672 80.28 -15.57 28.92
N ASN B 673 79.67 -16.39 29.75
CA ASN B 673 80.28 -16.77 31.03
C ASN B 673 81.36 -17.83 30.83
N VAL B 698 77.53 -30.21 30.71
CA VAL B 698 76.99 -30.69 31.99
C VAL B 698 76.20 -29.58 32.67
N PHE B 699 76.90 -28.71 33.39
CA PHE B 699 76.23 -27.61 34.07
C PHE B 699 75.61 -26.63 33.09
N ILE B 700 76.31 -26.37 31.98
CA ILE B 700 75.78 -25.46 30.96
C ILE B 700 74.50 -26.01 30.34
N CYS B 701 74.50 -27.31 30.03
CA CYS B 701 73.32 -27.94 29.45
C CYS B 701 72.15 -27.93 30.42
N LEU B 702 72.42 -28.17 31.70
CA LEU B 702 71.35 -28.20 32.70
C LEU B 702 70.68 -26.83 32.82
N GLY B 703 71.47 -25.76 32.81
CA GLY B 703 70.90 -24.43 32.92
C GLY B 703 70.04 -24.06 31.73
N LEU B 704 70.52 -24.37 30.52
CA LEU B 704 69.73 -24.08 29.32
C LEU B 704 68.45 -24.90 29.27
N ILE B 705 68.54 -26.18 29.66
CA ILE B 705 67.36 -27.04 29.65
C ILE B 705 66.34 -26.58 30.69
N LEU B 706 66.80 -26.03 31.81
CA LEU B 706 65.88 -25.58 32.84
C LEU B 706 64.97 -24.47 32.35
N VAL B 707 65.51 -23.53 31.57
CA VAL B 707 64.69 -22.45 31.02
C VAL B 707 63.64 -23.01 30.07
N GLN B 708 64.02 -23.94 29.22
CA GLN B 708 63.08 -24.54 28.28
C GLN B 708 62.14 -25.53 28.96
N ILE B 709 62.50 -26.03 30.15
CA ILE B 709 61.65 -26.99 30.84
C ILE B 709 60.33 -26.34 31.25
N VAL B 710 60.40 -25.12 31.80
CA VAL B 710 59.19 -24.43 32.24
C VAL B 710 58.40 -23.85 31.08
N MET B 711 59.00 -23.75 29.89
CA MET B 711 58.29 -23.21 28.74
C MET B 711 57.26 -24.17 28.17
N VAL B 712 57.30 -25.45 28.56
CA VAL B 712 56.35 -26.43 28.03
C VAL B 712 54.94 -26.12 28.51
N SER B 713 54.79 -25.76 29.78
CA SER B 713 53.48 -25.56 30.40
C SER B 713 53.20 -24.08 30.69
N VAL B 714 53.59 -23.20 29.78
CA VAL B 714 53.34 -21.78 29.98
C VAL B 714 51.84 -21.49 29.99
N TRP B 715 51.12 -21.98 29.00
CA TRP B 715 49.67 -21.80 28.93
C TRP B 715 48.92 -23.12 29.02
N LEU B 716 49.19 -24.06 28.11
CA LEU B 716 48.53 -25.37 28.08
C LEU B 716 47.01 -25.22 28.16
N ILE B 717 46.46 -24.37 27.30
CA ILE B 717 45.04 -24.06 27.33
C ILE B 717 44.38 -24.51 26.03
N LEU B 718 44.91 -25.59 25.44
CA LEU B 718 44.34 -26.25 24.27
C LEU B 718 44.47 -25.40 23.00
N GLU B 719 44.43 -26.06 21.84
CA GLU B 719 44.57 -25.38 20.56
C GLU B 719 43.58 -25.84 19.50
N ALA B 720 42.69 -26.79 19.82
CA ALA B 720 41.78 -27.30 18.80
C ALA B 720 40.85 -26.23 18.22
N PRO B 721 40.14 -25.41 19.03
CA PRO B 721 39.21 -24.45 18.41
C PRO B 721 39.88 -23.13 18.04
N GLY B 722 39.68 -22.70 16.79
CA GLY B 722 40.19 -21.42 16.34
C GLY B 722 39.09 -20.43 16.06
N THR B 723 39.01 -19.37 16.87
CA THR B 723 37.94 -18.40 16.72
C THR B 723 38.15 -17.57 15.45
N ARG B 724 37.12 -17.54 14.59
CA ARG B 724 37.21 -16.77 13.36
C ARG B 724 37.26 -15.28 13.66
N ARG B 725 38.09 -14.56 12.90
CA ARG B 725 38.22 -13.12 13.07
C ARG B 725 37.09 -12.34 12.42
N TYR B 726 36.21 -13.01 11.67
CA TYR B 726 35.09 -12.32 11.05
C TYR B 726 34.13 -11.80 12.11
N THR B 727 33.68 -10.56 11.93
CA THR B 727 32.77 -9.91 12.88
C THR B 727 31.79 -9.07 12.07
N LEU B 728 31.06 -8.19 12.75
CA LEU B 728 30.09 -7.31 12.09
C LEU B 728 30.80 -6.15 11.39
N ALA B 729 31.63 -6.52 10.42
CA ALA B 729 32.39 -5.57 9.63
C ALA B 729 31.79 -5.43 8.23
N GLU B 730 32.43 -4.58 7.42
CA GLU B 730 31.96 -4.35 6.06
C GLU B 730 32.27 -5.52 5.13
N LYS B 731 33.29 -6.31 5.44
CA LYS B 731 33.71 -7.40 4.56
C LYS B 731 32.61 -8.46 4.41
N ARG B 732 32.28 -9.14 5.51
CA ARG B 732 31.24 -10.16 5.57
C ARG B 732 31.47 -11.32 4.61
N GLU B 733 32.67 -11.45 4.04
CA GLU B 733 32.93 -12.47 3.04
C GLU B 733 34.18 -13.31 3.32
N THR B 734 34.94 -13.01 4.36
CA THR B 734 36.17 -13.73 4.68
C THR B 734 36.17 -14.16 6.13
N VAL B 735 36.68 -15.36 6.39
CA VAL B 735 36.81 -15.90 7.73
C VAL B 735 38.24 -16.40 7.92
N ILE B 736 38.88 -15.96 9.00
CA ILE B 736 40.23 -16.40 9.36
C ILE B 736 40.27 -16.64 10.85
N LEU B 737 40.82 -17.79 11.26
CA LEU B 737 40.89 -18.13 12.67
C LEU B 737 42.21 -17.70 13.30
N LYS B 738 43.34 -18.09 12.71
CA LYS B 738 44.68 -17.71 13.14
C LYS B 738 44.95 -18.05 14.61
N CYS B 739 44.20 -18.99 15.18
CA CYS B 739 44.32 -19.38 16.58
C CYS B 739 44.22 -18.15 17.50
N ASN B 740 43.03 -17.54 17.46
CA ASN B 740 42.80 -16.29 18.17
C ASN B 740 42.95 -16.42 19.68
N VAL B 741 42.88 -17.63 20.21
CA VAL B 741 42.97 -17.83 21.66
C VAL B 741 44.39 -17.53 22.12
N LYS B 742 44.51 -16.71 23.17
CA LYS B 742 45.78 -16.38 23.80
C LYS B 742 46.78 -15.79 22.80
N ASP B 743 46.41 -14.62 22.27
CA ASP B 743 47.28 -13.91 21.34
C ASP B 743 48.18 -12.90 22.04
N SER B 744 47.65 -12.18 23.03
CA SER B 744 48.45 -11.19 23.75
C SER B 744 49.40 -11.83 24.76
N SER B 745 49.05 -13.02 25.27
CA SER B 745 49.90 -13.67 26.27
C SER B 745 51.27 -14.02 25.70
N MET B 746 51.30 -14.52 24.46
CA MET B 746 52.58 -14.90 23.85
C MET B 746 53.48 -13.69 23.66
N LEU B 747 52.92 -12.56 23.23
CA LEU B 747 53.73 -11.36 23.01
C LEU B 747 54.30 -10.84 24.32
N ILE B 748 53.51 -10.86 25.40
CA ILE B 748 53.99 -10.36 26.69
C ILE B 748 55.13 -11.24 27.22
N SER B 749 54.97 -12.56 27.12
CA SER B 749 56.01 -13.46 27.62
C SER B 749 57.30 -13.32 26.81
N LEU B 750 57.18 -13.20 25.49
CA LEU B 750 58.36 -13.06 24.65
C LEU B 750 59.11 -11.75 24.94
N THR B 751 58.37 -10.66 25.14
CA THR B 751 59.01 -9.38 25.41
C THR B 751 59.78 -9.39 26.73
N TYR B 752 59.19 -9.99 27.77
CA TYR B 752 59.86 -10.04 29.06
C TYR B 752 61.13 -10.87 28.99
N ASP B 753 61.07 -12.03 28.32
CA ASP B 753 62.26 -12.86 28.20
C ASP B 753 63.34 -12.19 27.36
N VAL B 754 62.94 -11.51 26.28
CA VAL B 754 63.91 -10.86 25.41
C VAL B 754 64.57 -9.69 26.11
N ILE B 755 63.81 -8.94 26.91
CA ILE B 755 64.36 -7.78 27.60
C ILE B 755 65.38 -8.20 28.65
N LEU B 756 65.14 -9.31 29.33
CA LEU B 756 66.03 -9.74 30.39
C LEU B 756 67.36 -10.23 29.83
N VAL B 757 67.33 -11.02 28.75
CA VAL B 757 68.55 -11.63 28.24
C VAL B 757 69.50 -10.59 27.63
N ILE B 758 68.96 -9.57 26.96
CA ILE B 758 69.81 -8.60 26.28
C ILE B 758 70.58 -7.76 27.29
N LEU B 759 69.92 -7.40 28.41
CA LEU B 759 70.58 -6.57 29.40
C LEU B 759 71.72 -7.31 30.10
N CYS B 760 71.48 -8.56 30.50
CA CYS B 760 72.51 -9.30 31.23
C CYS B 760 73.66 -9.70 30.33
N THR B 761 73.36 -10.16 29.11
CA THR B 761 74.42 -10.63 28.21
C THR B 761 75.35 -9.50 27.80
N VAL B 762 74.79 -8.33 27.49
CA VAL B 762 75.63 -7.20 27.08
C VAL B 762 76.49 -6.73 28.24
N TYR B 763 75.91 -6.60 29.43
CA TYR B 763 76.67 -6.15 30.59
C TYR B 763 77.74 -7.17 30.98
N ALA B 764 77.42 -8.46 30.93
CA ALA B 764 78.37 -9.49 31.32
C ALA B 764 79.59 -9.52 30.40
N PHE B 765 79.37 -9.37 29.10
CA PHE B 765 80.48 -9.48 28.16
C PHE B 765 81.31 -8.19 28.12
N LYS B 766 80.70 -7.09 27.67
CA LYS B 766 81.38 -5.82 27.50
C LYS B 766 82.75 -5.99 26.86
N THR B 767 83.80 -5.49 27.51
CA THR B 767 85.19 -5.75 27.13
C THR B 767 85.93 -6.16 28.41
N ARG B 768 85.85 -7.45 28.75
CA ARG B 768 86.45 -7.92 29.99
C ARG B 768 87.93 -8.23 29.81
N LYS B 769 88.25 -9.22 28.98
CA LYS B 769 89.64 -9.62 28.78
C LYS B 769 90.01 -9.90 27.33
N CYS B 770 89.04 -10.01 26.42
CA CYS B 770 89.28 -10.38 25.02
C CYS B 770 90.04 -11.71 24.95
N PRO B 771 89.41 -12.82 25.35
CA PRO B 771 90.13 -14.10 25.38
C PRO B 771 90.09 -14.84 24.06
N GLU B 772 90.67 -16.04 24.04
CA GLU B 772 90.65 -16.93 22.88
C GLU B 772 91.42 -16.35 21.70
N ASN B 773 91.21 -16.93 20.51
CA ASN B 773 91.98 -16.54 19.33
C ASN B 773 91.72 -15.08 18.96
N PHE B 774 90.46 -14.66 19.00
CA PHE B 774 90.09 -13.29 18.63
C PHE B 774 89.19 -12.71 19.70
N ASN B 775 89.04 -11.39 19.65
CA ASN B 775 88.23 -10.68 20.63
C ASN B 775 86.75 -10.90 20.38
N GLU B 776 86.28 -12.13 20.63
CA GLU B 776 84.87 -12.47 20.42
C GLU B 776 83.98 -11.98 21.55
N ALA B 777 84.55 -11.45 22.63
CA ALA B 777 83.73 -10.87 23.69
C ALA B 777 82.92 -9.69 23.19
N LYS B 778 83.54 -8.85 22.34
CA LYS B 778 82.79 -7.78 21.69
C LYS B 778 81.93 -8.30 20.55
N PHE B 779 82.37 -9.37 19.89
CA PHE B 779 81.60 -9.92 18.77
C PHE B 779 80.25 -10.45 19.22
N ILE B 780 80.21 -11.17 20.35
CA ILE B 780 78.94 -11.65 20.86
C ILE B 780 78.07 -10.49 21.32
N GLY B 781 78.69 -9.41 21.81
CA GLY B 781 77.93 -8.21 22.14
C GLY B 781 77.31 -7.57 20.92
N PHE B 782 78.02 -7.59 19.80
CA PHE B 782 77.45 -7.08 18.55
C PHE B 782 76.25 -7.92 18.13
N THR B 783 76.36 -9.25 18.22
CA THR B 783 75.22 -10.11 17.91
C THR B 783 74.09 -9.87 18.90
N MET B 784 74.42 -9.72 20.18
CA MET B 784 73.39 -9.44 21.18
C MET B 784 72.72 -8.10 20.93
N TYR B 785 73.51 -7.07 20.59
CA TYR B 785 72.95 -5.75 20.34
C TYR B 785 72.02 -5.76 19.12
N THR B 786 72.40 -6.48 18.07
CA THR B 786 71.57 -6.54 16.87
C THR B 786 70.26 -7.25 17.16
N THR B 787 70.26 -8.23 18.07
CA THR B 787 69.03 -8.94 18.40
C THR B 787 68.02 -8.04 19.10
N CYS B 788 68.47 -7.01 19.81
CA CYS B 788 67.54 -6.04 20.37
C CYS B 788 66.78 -5.31 19.27
N ILE B 789 67.47 -4.95 18.18
CA ILE B 789 66.80 -4.39 17.03
C ILE B 789 65.86 -5.41 16.41
N ILE B 790 66.26 -6.68 16.38
CA ILE B 790 65.36 -7.74 15.95
C ILE B 790 64.21 -7.89 16.94
N TRP B 791 64.51 -7.75 18.24
CA TRP B 791 63.45 -7.74 19.24
C TRP B 791 62.52 -6.55 19.06
N LEU B 792 63.04 -5.44 18.53
CA LEU B 792 62.22 -4.28 18.21
C LEU B 792 61.29 -4.54 17.03
N ALA B 793 61.47 -5.66 16.32
CA ALA B 793 60.56 -6.04 15.25
C ALA B 793 59.56 -7.12 15.67
N PHE B 794 59.70 -7.68 16.88
CA PHE B 794 58.76 -8.69 17.36
C PHE B 794 57.52 -8.05 17.97
N LEU B 795 57.70 -7.32 19.07
CA LEU B 795 56.60 -6.67 19.77
C LEU B 795 56.20 -5.33 19.15
N PRO B 796 57.12 -4.37 18.98
CA PRO B 796 56.69 -3.01 18.61
C PRO B 796 55.94 -2.93 17.28
N ILE B 797 56.51 -3.48 16.20
CA ILE B 797 55.83 -3.41 14.91
C ILE B 797 54.56 -4.24 14.91
N PHE B 798 54.43 -5.20 15.83
CA PHE B 798 53.21 -5.96 15.96
C PHE B 798 52.21 -5.19 16.82
N TYR B 799 51.03 -5.79 17.03
CA TYR B 799 49.90 -5.25 17.78
C TYR B 799 49.26 -4.07 17.08
N VAL B 800 49.82 -3.61 15.96
CA VAL B 800 49.21 -2.58 15.12
C VAL B 800 49.30 -3.04 13.67
N THR B 801 48.17 -3.02 12.97
CA THR B 801 48.03 -3.53 11.61
C THR B 801 48.37 -5.03 11.51
N SER B 802 48.49 -5.71 12.65
CA SER B 802 48.80 -7.14 12.67
C SER B 802 47.56 -8.01 12.68
N SER B 803 46.36 -7.40 12.70
CA SER B 803 45.12 -8.18 12.66
C SER B 803 44.89 -8.83 11.31
N ASP B 804 45.61 -8.41 10.27
CA ASP B 804 45.49 -9.03 8.96
C ASP B 804 46.17 -10.39 8.94
N TYR B 805 45.52 -11.36 8.30
CA TYR B 805 46.08 -12.70 8.23
C TYR B 805 47.40 -12.72 7.47
N ARG B 806 47.47 -12.01 6.35
CA ARG B 806 48.69 -12.03 5.54
C ARG B 806 49.81 -11.23 6.19
N VAL B 807 49.49 -10.08 6.77
CA VAL B 807 50.52 -9.22 7.35
C VAL B 807 51.14 -9.87 8.59
N GLN B 808 50.30 -10.48 9.44
CA GLN B 808 50.80 -11.07 10.68
C GLN B 808 51.77 -12.21 10.40
N THR B 809 51.43 -13.08 9.44
CA THR B 809 52.31 -14.21 9.14
C THR B 809 53.63 -13.75 8.53
N THR B 810 53.58 -12.83 7.57
CA THR B 810 54.80 -12.39 6.92
C THR B 810 55.75 -11.70 7.89
N THR B 811 55.22 -10.87 8.79
CA THR B 811 56.06 -10.19 9.76
C THR B 811 56.71 -11.18 10.73
N MET B 812 56.00 -12.25 11.07
CA MET B 812 56.52 -13.20 12.05
C MET B 812 57.75 -13.93 11.52
N CYS B 813 57.66 -14.50 10.31
CA CYS B 813 58.79 -15.25 9.77
C CYS B 813 59.99 -14.36 9.47
N ILE B 814 59.73 -13.15 8.97
CA ILE B 814 60.83 -12.23 8.64
C ILE B 814 61.61 -11.87 9.90
N SER B 815 60.90 -11.56 10.99
CA SER B 815 61.57 -11.22 12.24
C SER B 815 62.34 -12.41 12.79
N VAL B 816 61.74 -13.61 12.73
CA VAL B 816 62.40 -14.80 13.26
C VAL B 816 63.59 -15.19 12.40
N SER B 817 63.43 -15.16 11.07
CA SER B 817 64.52 -15.54 10.18
C SER B 817 65.68 -14.55 10.28
N LEU B 818 65.37 -13.26 10.47
CA LEU B 818 66.42 -12.26 10.64
C LEU B 818 67.25 -12.54 11.89
N SER B 819 66.58 -12.93 12.98
CA SER B 819 67.30 -13.28 14.20
C SER B 819 68.20 -14.50 13.99
N GLY B 820 67.70 -15.51 13.26
CA GLY B 820 68.51 -16.67 12.98
C GLY B 820 69.72 -16.36 12.12
N PHE B 821 69.54 -15.49 11.12
CA PHE B 821 70.66 -15.09 10.28
C PHE B 821 71.71 -14.31 11.06
N VAL B 822 71.28 -13.52 12.06
CA VAL B 822 72.22 -12.78 12.89
C VAL B 822 73.12 -13.73 13.66
N VAL B 823 72.56 -14.79 14.22
CA VAL B 823 73.35 -15.76 14.97
C VAL B 823 74.35 -16.46 14.05
N LEU B 824 73.94 -16.70 12.80
CA LEU B 824 74.86 -17.30 11.84
C LEU B 824 76.07 -16.42 11.59
N GLY B 825 75.92 -15.10 11.73
CA GLY B 825 77.06 -14.21 11.63
C GLY B 825 78.09 -14.42 12.71
N CYS B 826 77.65 -14.78 13.93
CA CYS B 826 78.58 -15.05 15.01
C CYS B 826 79.46 -16.25 14.69
N LEU B 827 78.88 -17.30 14.12
CA LEU B 827 79.65 -18.48 13.73
C LEU B 827 80.37 -18.30 12.40
N PHE B 828 80.09 -17.22 11.68
CA PHE B 828 80.79 -16.97 10.42
C PHE B 828 82.28 -16.73 10.63
N ALA B 829 82.63 -15.99 11.68
CA ALA B 829 84.04 -15.69 11.94
C ALA B 829 84.87 -16.94 12.19
N PRO B 830 84.46 -17.90 13.02
CA PRO B 830 85.21 -19.16 13.09
C PRO B 830 85.25 -19.91 11.77
N LYS B 831 84.19 -19.83 10.97
CA LYS B 831 84.16 -20.56 9.71
C LYS B 831 85.14 -19.96 8.70
N VAL B 832 85.17 -18.63 8.60
CA VAL B 832 86.05 -17.98 7.63
C VAL B 832 87.51 -18.15 8.05
N HIS B 833 87.78 -18.26 9.35
CA HIS B 833 89.14 -18.47 9.82
C HIS B 833 89.70 -19.81 9.33
N ILE B 834 88.88 -20.85 9.36
CA ILE B 834 89.31 -22.16 8.86
C ILE B 834 89.57 -22.10 7.37
N ILE B 835 88.67 -21.44 6.61
CA ILE B 835 88.86 -21.32 5.17
C ILE B 835 90.10 -20.50 4.86
N LEU B 836 90.27 -19.38 5.55
CA LEU B 836 91.44 -18.52 5.34
C LEU B 836 92.58 -18.90 6.26
N GLU C . -34.23 10.75 6.81
CA GLU C . -33.95 9.36 7.08
C GLU C . -34.69 8.48 6.06
O GLU C . -35.04 8.97 4.96
CB GLU C . -34.43 9.01 8.49
CG GLU C . -35.82 9.59 8.79
CD GLU C . -36.30 9.25 10.19
OE1 GLU C . -36.83 8.14 10.41
OE2 GLU C . -36.17 10.09 11.12
OXT GLU C . -34.94 7.28 6.33
C1 NAG D . -6.08 18.55 13.06
C2 NAG D . -6.23 19.61 11.97
C3 NAG D . -6.44 21.00 12.58
C4 NAG D . -5.96 21.09 14.03
C5 NAG D . -6.48 19.96 14.91
C6 NAG D . -7.64 20.37 15.78
C7 NAG D . -3.82 19.77 11.37
C8 NAG D . -2.85 19.73 10.24
N2 NAG D . -5.11 19.60 11.04
O3 NAG D . -7.82 21.35 12.50
O4 NAG D . -4.54 21.13 14.08
O5 NAG D . -6.94 18.85 14.13
O6 NAG D . -7.88 19.43 16.83
O7 NAG D . -3.48 19.97 12.53
N GLU E . -30.05 -9.00 -17.95
CA GLU E . -30.61 -7.69 -18.22
C GLU E . -31.36 -7.19 -16.98
O GLU E . -31.87 -6.04 -16.98
CB GLU E . -31.58 -7.77 -19.39
CG GLU E . -30.87 -7.63 -20.74
CD GLU E . -31.84 -7.73 -21.91
OE1 GLU E . -32.39 -6.70 -22.37
OE2 GLU E . -32.10 -8.86 -22.43
OXT GLU E . -31.45 -7.92 -15.96
C1 NAG F . -1.73 -17.29 -15.66
C2 NAG F . -1.59 -18.44 -14.67
C3 NAG F . -1.60 -19.79 -15.39
C4 NAG F . -1.27 -19.67 -16.88
C5 NAG F . -2.05 -18.58 -17.59
C6 NAG F . -3.18 -19.11 -18.44
C7 NAG F . 0.85 -18.22 -14.27
C8 NAG F . 1.91 -18.08 -13.22
N2 NAG F . -0.41 -18.30 -13.82
O3 NAG F . -2.87 -20.40 -15.22
O4 NAG F . 0.13 -19.46 -17.05
O5 NAG F . -2.63 -17.65 -16.67
O6 NAG F . -3.38 -18.33 -19.61
O7 NAG F . 1.13 -18.26 -15.47
#